data_2V31
#
_entry.id   2V31
#
_cell.length_a   1.000
_cell.length_b   1.000
_cell.length_c   1.000
_cell.angle_alpha   90.00
_cell.angle_beta   90.00
_cell.angle_gamma   90.00
#
_symmetry.space_group_name_H-M   'P 1'
#
_entity_poly.entity_id   1
_entity_poly.type   'polypeptide(L)'
_entity_poly.pdbx_seq_one_letter_code
;EFGEEMVLTDSNGEQPLSAMVSMVTKDNPGVVTCLDEARHGFETGDFVSFSEVQGMIQLNGCQPMEIKVLGPYTFSICDT
SNFSDYIRGGIVSQVKVPKKISFKSLPASLVE
;
_entity_poly.pdbx_strand_id   A
#
# COMPACT_ATOMS: atom_id res chain seq x y z
N GLU A 1 1.96 -8.32 -22.47
CA GLU A 1 3.15 -9.05 -23.02
C GLU A 1 2.76 -9.87 -24.26
N PHE A 2 1.80 -10.77 -24.08
CA PHE A 2 1.35 -11.62 -25.17
C PHE A 2 0.11 -11.04 -25.83
N GLY A 3 -0.42 -11.75 -26.83
CA GLY A 3 -1.60 -11.27 -27.53
C GLY A 3 -2.88 -11.64 -26.81
N GLU A 4 -2.85 -12.74 -26.06
CA GLU A 4 -4.02 -13.20 -25.32
C GLU A 4 -4.49 -12.13 -24.33
N GLU A 5 -5.67 -12.33 -23.77
CA GLU A 5 -6.24 -11.39 -22.81
C GLU A 5 -7.20 -12.08 -21.86
N MET A 6 -6.95 -13.37 -21.61
CA MET A 6 -7.79 -14.16 -20.71
C MET A 6 -9.24 -14.16 -21.19
N VAL A 7 -10.12 -14.76 -20.39
CA VAL A 7 -11.54 -14.83 -20.73
C VAL A 7 -12.38 -15.08 -19.48
N LEU A 8 -11.95 -14.52 -18.36
CA LEU A 8 -12.66 -14.68 -17.10
C LEU A 8 -13.83 -13.70 -17.01
N THR A 9 -14.44 -13.63 -15.84
CA THR A 9 -15.57 -12.73 -15.62
C THR A 9 -15.12 -11.45 -14.93
N ASP A 10 -16.07 -10.54 -14.70
CA ASP A 10 -15.76 -9.28 -14.05
C ASP A 10 -15.34 -9.50 -12.59
N SER A 11 -14.27 -8.82 -12.18
CA SER A 11 -13.76 -8.96 -10.82
C SER A 11 -13.53 -7.58 -10.20
N ASN A 12 -12.55 -6.86 -10.73
CA ASN A 12 -12.23 -5.53 -10.23
C ASN A 12 -13.35 -4.55 -10.51
N GLY A 13 -13.31 -3.39 -9.85
CA GLY A 13 -14.33 -2.39 -10.04
C GLY A 13 -14.81 -1.79 -8.73
N GLU A 14 -14.88 -0.46 -8.68
CA GLU A 14 -15.33 0.23 -7.48
C GLU A 14 -14.41 -0.08 -6.30
N GLN A 15 -14.71 0.51 -5.15
CA GLN A 15 -13.91 0.29 -3.95
C GLN A 15 -12.47 0.74 -4.17
N PRO A 16 -11.72 0.99 -3.07
CA PRO A 16 -10.32 1.43 -3.15
C PRO A 16 -9.48 0.51 -4.02
N LEU A 17 -8.22 0.90 -4.25
CA LEU A 17 -7.31 0.11 -5.06
C LEU A 17 -6.40 -0.75 -4.19
N SER A 18 -5.92 -1.85 -4.74
CA SER A 18 -5.04 -2.75 -4.01
C SER A 18 -4.10 -3.50 -4.96
N ALA A 19 -3.08 -4.14 -4.40
CA ALA A 19 -2.11 -4.88 -5.19
C ALA A 19 -1.41 -5.95 -4.34
N MET A 20 -0.76 -6.88 -5.00
CA MET A 20 -0.05 -7.95 -4.31
C MET A 20 1.47 -7.79 -4.45
N VAL A 21 2.20 -8.34 -3.49
CA VAL A 21 3.66 -8.25 -3.50
C VAL A 21 4.27 -9.55 -4.02
N SER A 22 5.07 -9.44 -5.07
CA SER A 22 5.72 -10.60 -5.67
C SER A 22 7.16 -10.72 -5.20
N MET A 23 7.80 -9.59 -4.94
CA MET A 23 9.19 -9.57 -4.49
C MET A 23 9.59 -8.18 -4.01
N VAL A 24 10.27 -8.14 -2.87
CA VAL A 24 10.71 -6.86 -2.29
C VAL A 24 12.09 -7.01 -1.65
N THR A 25 12.86 -5.93 -1.67
CA THR A 25 14.20 -5.93 -1.09
C THR A 25 14.23 -5.14 0.21
N LYS A 26 15.11 -5.55 1.13
CA LYS A 26 15.24 -4.88 2.42
C LYS A 26 16.37 -3.86 2.38
N ASP A 27 16.09 -2.69 1.81
CA ASP A 27 17.09 -1.63 1.71
C ASP A 27 16.53 -0.31 2.23
N ASN A 28 17.16 0.80 1.86
CA ASN A 28 16.72 2.12 2.31
C ASN A 28 17.10 3.20 1.30
N PRO A 29 16.25 3.46 0.29
CA PRO A 29 14.98 2.76 0.10
C PRO A 29 15.16 1.43 -0.61
N GLY A 30 14.10 0.63 -0.62
CA GLY A 30 14.16 -0.67 -1.28
C GLY A 30 13.29 -0.72 -2.52
N VAL A 31 13.66 -1.57 -3.47
CA VAL A 31 12.90 -1.71 -4.71
C VAL A 31 11.99 -2.93 -4.65
N VAL A 32 10.69 -2.70 -4.83
CA VAL A 32 9.71 -3.78 -4.80
C VAL A 32 9.00 -3.91 -6.15
N THR A 33 8.47 -5.10 -6.40
CA THR A 33 7.76 -5.37 -7.65
C THR A 33 6.34 -5.83 -7.36
N CYS A 34 5.47 -5.72 -8.36
CA CYS A 34 4.07 -6.13 -8.20
C CYS A 34 3.84 -7.51 -8.79
N LEU A 35 2.67 -8.07 -8.52
CA LEU A 35 2.32 -9.39 -9.04
C LEU A 35 1.87 -9.31 -10.49
N ASP A 36 2.28 -10.29 -11.29
CA ASP A 36 1.92 -10.33 -12.71
C ASP A 36 0.41 -10.22 -12.88
N GLU A 37 -0.34 -10.82 -11.96
CA GLU A 37 -1.79 -10.78 -12.00
C GLU A 37 -2.35 -9.64 -11.15
N ALA A 38 -1.74 -8.47 -11.29
CA ALA A 38 -2.17 -7.30 -10.55
C ALA A 38 -1.68 -6.02 -11.20
N ARG A 39 -2.34 -4.91 -10.88
CA ARG A 39 -1.98 -3.61 -11.44
C ARG A 39 -1.76 -2.58 -10.34
N HIS A 40 -0.83 -1.65 -10.57
CA HIS A 40 -0.53 -0.61 -9.60
C HIS A 40 -1.18 0.71 -10.00
N GLY A 41 -1.54 1.51 -9.00
CA GLY A 41 -2.17 2.79 -9.28
C GLY A 41 -1.74 3.88 -8.31
N PHE A 42 -0.45 3.94 -8.03
CA PHE A 42 0.09 4.95 -7.12
C PHE A 42 1.23 5.72 -7.77
N GLU A 43 1.34 7.01 -7.45
CA GLU A 43 2.39 7.85 -8.02
C GLU A 43 3.43 8.19 -6.96
N THR A 44 4.51 8.84 -7.40
CA THR A 44 5.59 9.22 -6.50
C THR A 44 5.07 10.15 -5.40
N GLY A 45 4.73 9.57 -4.25
CA GLY A 45 4.23 10.35 -3.15
C GLY A 45 3.03 9.71 -2.47
N ASP A 46 2.42 8.73 -3.13
CA ASP A 46 1.26 8.03 -2.59
C ASP A 46 1.63 7.29 -1.31
N PHE A 47 0.65 6.59 -0.74
CA PHE A 47 0.88 5.83 0.49
C PHE A 47 0.33 4.42 0.36
N VAL A 48 1.01 3.46 1.01
CA VAL A 48 0.58 2.07 0.96
C VAL A 48 0.86 1.37 2.29
N SER A 49 0.03 0.38 2.61
CA SER A 49 0.18 -0.37 3.84
C SER A 49 0.38 -1.86 3.55
N PHE A 50 0.85 -2.60 4.55
CA PHE A 50 1.10 -4.03 4.41
C PHE A 50 -0.06 -4.83 4.99
N SER A 51 -0.39 -5.96 4.35
CA SER A 51 -1.48 -6.81 4.81
C SER A 51 -0.96 -8.01 5.59
N GLU A 52 -0.70 -9.13 4.90
CA GLU A 52 -0.20 -10.33 5.55
C GLU A 52 1.19 -10.69 5.05
N VAL A 53 2.22 -10.14 5.71
CA VAL A 53 3.59 -10.40 5.33
C VAL A 53 4.22 -11.45 6.24
N GLN A 54 5.25 -12.12 5.72
CA GLN A 54 5.96 -13.13 6.48
C GLN A 54 7.38 -12.66 6.79
N GLY A 55 7.59 -12.22 8.03
CA GLY A 55 8.89 -11.72 8.42
C GLY A 55 8.92 -10.20 8.45
N MET A 56 8.54 -9.60 7.33
CA MET A 56 8.50 -8.14 7.22
C MET A 56 7.11 -7.61 7.58
N ILE A 57 6.60 -8.06 8.72
CA ILE A 57 5.28 -7.65 9.19
C ILE A 57 5.32 -6.27 9.84
N GLN A 58 6.43 -5.96 10.51
CA GLN A 58 6.59 -4.68 11.20
C GLN A 58 6.00 -3.52 10.40
N LEU A 59 6.11 -3.60 9.08
CA LEU A 59 5.58 -2.55 8.20
C LEU A 59 4.09 -2.37 8.41
N ASN A 60 3.37 -3.49 8.47
CA ASN A 60 1.92 -3.45 8.67
C ASN A 60 1.57 -2.87 10.03
N GLY A 61 2.41 -3.16 11.03
CA GLY A 61 2.16 -2.64 12.37
C GLY A 61 2.93 -1.37 12.65
N CYS A 62 3.01 -0.49 11.65
CA CYS A 62 3.71 0.77 11.78
C CYS A 62 3.10 1.84 10.88
N GLN A 63 1.80 1.74 10.63
CA GLN A 63 1.11 2.70 9.79
C GLN A 63 1.69 2.68 8.38
N PRO A 64 0.90 3.10 7.37
CA PRO A 64 1.35 3.12 5.97
C PRO A 64 2.56 4.02 5.79
N MET A 65 3.19 3.92 4.61
CA MET A 65 4.36 4.71 4.31
C MET A 65 4.24 5.35 2.92
N GLU A 66 5.30 6.02 2.48
CA GLU A 66 5.30 6.67 1.17
C GLU A 66 6.04 5.82 0.15
N ILE A 67 5.44 5.67 -1.03
CA ILE A 67 6.04 4.86 -2.08
C ILE A 67 6.69 5.71 -3.17
N LYS A 68 7.38 5.02 -4.06
CA LYS A 68 8.04 5.65 -5.19
C LYS A 68 7.87 4.76 -6.40
N VAL A 69 7.38 5.32 -7.50
CA VAL A 69 7.15 4.54 -8.71
C VAL A 69 8.29 4.68 -9.69
N LEU A 70 8.97 3.55 -9.92
CA LEU A 70 10.10 3.50 -10.83
C LEU A 70 9.63 3.09 -12.23
N GLY A 71 8.54 2.32 -12.27
CA GLY A 71 8.01 1.87 -13.55
C GLY A 71 6.59 1.33 -13.43
N PRO A 72 6.09 0.66 -14.48
CA PRO A 72 4.74 0.08 -14.47
C PRO A 72 4.57 -0.95 -13.36
N TYR A 73 5.51 -1.88 -13.28
CA TYR A 73 5.48 -2.93 -12.26
C TYR A 73 6.66 -2.78 -11.30
N THR A 74 7.33 -1.64 -11.35
CA THR A 74 8.48 -1.38 -10.49
C THR A 74 8.22 -0.17 -9.60
N PHE A 75 8.77 -0.20 -8.39
CA PHE A 75 8.61 0.90 -7.45
C PHE A 75 9.39 0.64 -6.16
N SER A 76 9.62 1.70 -5.39
CA SER A 76 10.37 1.59 -4.14
C SER A 76 9.52 2.05 -2.95
N ILE A 77 10.03 1.80 -1.75
CA ILE A 77 9.33 2.20 -0.53
C ILE A 77 10.28 2.87 0.45
N CYS A 78 9.74 3.33 1.57
CA CYS A 78 10.54 4.00 2.59
C CYS A 78 11.67 3.08 3.09
N ASP A 79 12.43 3.57 4.05
CA ASP A 79 13.53 2.79 4.62
C ASP A 79 13.00 1.58 5.38
N THR A 80 13.23 0.40 4.83
CA THR A 80 12.78 -0.85 5.44
C THR A 80 13.96 -1.63 6.03
N SER A 81 14.98 -0.90 6.47
CA SER A 81 16.17 -1.52 7.05
C SER A 81 15.99 -1.77 8.55
N ASN A 82 14.98 -1.13 9.14
CA ASN A 82 14.72 -1.29 10.57
C ASN A 82 13.64 -2.34 10.81
N PHE A 83 13.62 -3.37 9.95
CA PHE A 83 12.63 -4.44 10.07
C PHE A 83 13.25 -5.78 9.67
N SER A 84 12.48 -6.84 9.83
CA SER A 84 12.95 -8.19 9.50
C SER A 84 13.05 -8.35 7.98
N ASP A 85 13.58 -9.49 7.56
CA ASP A 85 13.73 -9.78 6.13
C ASP A 85 12.44 -10.33 5.55
N TYR A 86 12.08 -9.86 4.36
CA TYR A 86 10.86 -10.30 3.69
C TYR A 86 10.95 -11.77 3.32
N ILE A 87 10.03 -12.57 3.83
CA ILE A 87 10.01 -14.01 3.55
C ILE A 87 8.89 -14.36 2.58
N ARG A 88 7.66 -13.98 2.93
CA ARG A 88 6.50 -14.26 2.09
C ARG A 88 5.36 -13.31 2.44
N GLY A 89 4.18 -13.56 1.88
CA GLY A 89 3.03 -12.71 2.16
C GLY A 89 3.33 -11.24 1.91
N GLY A 90 2.32 -10.40 2.10
CA GLY A 90 2.51 -8.98 1.90
C GLY A 90 1.66 -8.42 0.78
N ILE A 91 0.62 -7.70 1.13
CA ILE A 91 -0.28 -7.10 0.16
C ILE A 91 -0.19 -5.58 0.24
N VAL A 92 0.00 -4.94 -0.91
CA VAL A 92 0.12 -3.49 -0.95
C VAL A 92 -1.19 -2.84 -1.38
N SER A 93 -1.77 -2.04 -0.50
CA SER A 93 -3.02 -1.35 -0.78
C SER A 93 -2.84 0.16 -0.69
N GLN A 94 -3.89 0.90 -1.02
CA GLN A 94 -3.85 2.36 -0.97
C GLN A 94 -4.63 2.89 0.23
N VAL A 95 -3.93 3.22 1.30
CA VAL A 95 -4.57 3.74 2.51
C VAL A 95 -5.34 5.02 2.21
N LYS A 96 -6.25 5.37 3.11
CA LYS A 96 -7.06 6.58 2.94
C LYS A 96 -6.51 7.72 3.80
N VAL A 97 -5.34 8.22 3.43
CA VAL A 97 -4.71 9.31 4.17
C VAL A 97 -5.60 10.55 4.18
N PRO A 98 -5.46 11.39 5.22
CA PRO A 98 -6.25 12.62 5.36
C PRO A 98 -6.27 13.44 4.08
N LYS A 99 -7.46 13.90 3.70
CA LYS A 99 -7.62 14.69 2.49
C LYS A 99 -8.85 15.60 2.59
N LYS A 100 -9.10 16.11 3.79
CA LYS A 100 -10.24 16.98 4.01
C LYS A 100 -9.78 18.40 4.40
N ILE A 101 -10.74 19.30 4.57
CA ILE A 101 -10.42 20.68 4.93
C ILE A 101 -10.10 20.79 6.42
N SER A 102 -8.91 20.38 6.80
CA SER A 102 -8.48 20.43 8.19
C SER A 102 -7.69 21.71 8.46
N PHE A 103 -8.13 22.47 9.46
CA PHE A 103 -7.46 23.72 9.83
C PHE A 103 -7.31 23.84 11.33
N LYS A 104 -6.39 24.69 11.77
CA LYS A 104 -6.15 24.90 13.19
C LYS A 104 -6.09 26.39 13.51
N SER A 105 -6.64 26.76 14.67
CA SER A 105 -6.65 28.16 15.10
C SER A 105 -6.34 28.27 16.59
N LEU A 106 -5.08 28.56 16.91
CA LEU A 106 -4.67 28.70 18.30
C LEU A 106 -5.09 30.04 18.88
N PRO A 107 -4.82 31.15 18.16
CA PRO A 107 -5.20 32.49 18.62
C PRO A 107 -6.67 32.80 18.38
N ALA A 108 -7.10 33.98 18.82
CA ALA A 108 -8.49 34.38 18.65
C ALA A 108 -8.61 35.54 17.65
N SER A 109 -9.58 35.43 16.75
CA SER A 109 -9.80 36.46 15.74
C SER A 109 -11.25 36.47 15.28
N LEU A 110 -12.01 37.44 15.76
CA LEU A 110 -13.42 37.56 15.40
C LEU A 110 -13.62 38.60 14.31
N VAL A 111 -13.34 39.86 14.65
CA VAL A 111 -13.49 40.96 13.70
C VAL A 111 -12.21 41.79 13.64
N GLU A 112 -11.67 41.94 12.43
CA GLU A 112 -10.45 42.71 12.22
C GLU A 112 -10.77 44.19 12.04
N GLU A 1 14.99 1.88 -28.94
CA GLU A 1 14.54 2.54 -27.69
C GLU A 1 15.68 3.32 -27.04
N PHE A 2 15.64 4.64 -27.17
CA PHE A 2 16.67 5.49 -26.60
C PHE A 2 16.05 6.61 -25.76
N GLY A 3 14.91 6.31 -25.14
CA GLY A 3 14.23 7.30 -24.32
C GLY A 3 13.04 6.72 -23.58
N GLU A 4 12.83 7.19 -22.35
CA GLU A 4 11.72 6.71 -21.54
C GLU A 4 10.84 7.87 -21.08
N GLU A 5 10.18 8.52 -22.04
CA GLU A 5 9.31 9.65 -21.74
C GLU A 5 7.91 9.17 -21.35
N MET A 6 7.07 10.11 -20.93
CA MET A 6 5.71 9.78 -20.52
C MET A 6 4.70 10.68 -21.24
N VAL A 7 3.52 10.13 -21.52
CA VAL A 7 2.48 10.90 -22.19
C VAL A 7 1.21 10.95 -21.35
N LEU A 8 0.86 9.83 -20.74
CA LEU A 8 -0.33 9.75 -19.90
C LEU A 8 -0.15 10.56 -18.62
N THR A 9 -1.00 11.56 -18.43
CA THR A 9 -0.93 12.41 -17.25
C THR A 9 -2.32 12.70 -16.70
N ASP A 10 -2.77 11.87 -15.76
CA ASP A 10 -4.08 12.04 -15.16
C ASP A 10 -4.14 11.35 -13.79
N SER A 11 -4.94 11.92 -12.88
CA SER A 11 -5.08 11.36 -11.54
C SER A 11 -6.55 11.25 -11.16
N ASN A 12 -7.41 11.03 -12.15
CA ASN A 12 -8.84 10.90 -11.91
C ASN A 12 -9.30 9.47 -12.16
N GLY A 13 -10.48 9.14 -11.62
CA GLY A 13 -11.01 7.80 -11.78
C GLY A 13 -11.26 7.11 -10.45
N GLU A 14 -10.78 5.87 -10.34
CA GLU A 14 -10.95 5.11 -9.11
C GLU A 14 -9.90 5.50 -8.07
N GLN A 15 -10.35 6.14 -7.00
CA GLN A 15 -9.45 6.57 -5.94
C GLN A 15 -8.87 5.37 -5.19
N PRO A 16 -9.71 4.42 -4.77
CA PRO A 16 -9.26 3.23 -4.05
C PRO A 16 -8.63 2.19 -4.97
N LEU A 17 -7.52 1.60 -4.52
CA LEU A 17 -6.83 0.58 -5.30
C LEU A 17 -6.19 -0.47 -4.40
N SER A 18 -5.75 -1.57 -4.99
CA SER A 18 -5.12 -2.65 -4.25
C SER A 18 -4.23 -3.50 -5.15
N ALA A 19 -3.04 -3.80 -4.67
CA ALA A 19 -2.09 -4.61 -5.44
C ALA A 19 -1.41 -5.64 -4.55
N MET A 20 -0.87 -6.68 -5.18
CA MET A 20 -0.19 -7.75 -4.44
C MET A 20 1.32 -7.63 -4.60
N VAL A 21 2.06 -8.17 -3.63
CA VAL A 21 3.51 -8.13 -3.66
C VAL A 21 4.09 -9.47 -4.13
N SER A 22 5.09 -9.40 -4.99
CA SER A 22 5.73 -10.60 -5.53
C SER A 22 7.16 -10.73 -5.02
N MET A 23 7.84 -9.60 -4.91
CA MET A 23 9.22 -9.59 -4.44
C MET A 23 9.60 -8.22 -3.86
N VAL A 24 10.52 -8.22 -2.90
CA VAL A 24 10.96 -6.98 -2.27
C VAL A 24 12.31 -7.16 -1.59
N THR A 25 13.15 -6.13 -1.66
CA THR A 25 14.47 -6.18 -1.06
C THR A 25 14.52 -5.32 0.21
N LYS A 26 15.31 -5.76 1.18
CA LYS A 26 15.45 -5.03 2.44
C LYS A 26 16.61 -4.04 2.36
N ASP A 27 16.48 -3.05 1.48
CA ASP A 27 17.51 -2.03 1.31
C ASP A 27 17.06 -0.70 1.92
N ASN A 28 17.64 0.41 1.46
CA ASN A 28 17.30 1.73 1.98
C ASN A 28 17.61 2.82 0.96
N PRO A 29 16.64 3.16 0.08
CA PRO A 29 15.32 2.53 0.06
C PRO A 29 15.35 1.16 -0.61
N GLY A 30 14.26 0.42 -0.48
CA GLY A 30 14.19 -0.90 -1.08
C GLY A 30 13.30 -0.92 -2.32
N VAL A 31 13.65 -1.79 -3.27
CA VAL A 31 12.88 -1.91 -4.50
C VAL A 31 11.93 -3.10 -4.43
N VAL A 32 10.63 -2.82 -4.58
CA VAL A 32 9.62 -3.87 -4.53
C VAL A 32 8.95 -4.03 -5.90
N THR A 33 8.39 -5.22 -6.12
CA THR A 33 7.71 -5.51 -7.38
C THR A 33 6.25 -5.87 -7.13
N CYS A 34 5.44 -5.81 -8.18
CA CYS A 34 4.02 -6.13 -8.06
C CYS A 34 3.74 -7.55 -8.56
N LEU A 35 2.56 -8.04 -8.25
CA LEU A 35 2.16 -9.39 -8.66
C LEU A 35 2.19 -9.52 -10.18
N ASP A 36 2.39 -10.74 -10.66
CA ASP A 36 2.44 -11.00 -12.10
C ASP A 36 1.23 -10.41 -12.81
N GLU A 37 0.12 -10.29 -12.09
CA GLU A 37 -1.10 -9.75 -12.65
C GLU A 37 -1.74 -8.74 -11.70
N ALA A 38 -0.91 -7.89 -11.10
CA ALA A 38 -1.39 -6.87 -10.18
C ALA A 38 -1.70 -5.56 -10.89
N ARG A 39 -2.08 -4.56 -10.13
CA ARG A 39 -2.41 -3.25 -10.69
C ARG A 39 -1.69 -2.13 -9.95
N HIS A 40 -1.13 -1.20 -10.70
CA HIS A 40 -0.40 -0.07 -10.11
C HIS A 40 -1.17 1.23 -10.30
N GLY A 41 -1.68 1.77 -9.20
CA GLY A 41 -2.44 3.01 -9.26
C GLY A 41 -1.92 4.07 -8.31
N PHE A 42 -0.87 3.74 -7.56
CA PHE A 42 -0.28 4.69 -6.62
C PHE A 42 0.64 5.67 -7.34
N GLU A 43 0.58 6.93 -6.94
CA GLU A 43 1.41 7.97 -7.55
C GLU A 43 2.72 8.14 -6.78
N THR A 44 3.65 8.88 -7.37
CA THR A 44 4.94 9.12 -6.74
C THR A 44 4.78 9.81 -5.38
N GLY A 45 4.68 9.01 -4.34
CA GLY A 45 4.52 9.55 -2.99
C GLY A 45 3.18 9.19 -2.38
N ASP A 46 2.59 8.09 -2.84
CA ASP A 46 1.31 7.64 -2.32
C ASP A 46 1.48 6.92 -0.99
N PHE A 47 0.37 6.65 -0.32
CA PHE A 47 0.40 5.96 0.97
C PHE A 47 -0.03 4.50 0.81
N VAL A 48 0.84 3.58 1.22
CA VAL A 48 0.55 2.16 1.12
C VAL A 48 0.78 1.46 2.45
N SER A 49 -0.07 0.47 2.73
CA SER A 49 0.03 -0.29 3.98
C SER A 49 0.26 -1.76 3.69
N PHE A 50 0.65 -2.51 4.71
CA PHE A 50 0.91 -3.94 4.57
C PHE A 50 -0.28 -4.76 5.06
N SER A 51 -0.53 -5.90 4.40
CA SER A 51 -1.65 -6.76 4.78
C SER A 51 -1.14 -8.02 5.50
N GLU A 52 -0.81 -9.07 4.74
CA GLU A 52 -0.31 -10.30 5.33
C GLU A 52 1.10 -10.59 4.82
N VAL A 53 2.10 -10.09 5.55
CA VAL A 53 3.49 -10.28 5.15
C VAL A 53 4.25 -11.12 6.16
N GLN A 54 5.10 -12.01 5.67
CA GLN A 54 5.90 -12.87 6.53
C GLN A 54 7.32 -12.32 6.65
N GLY A 55 7.72 -12.00 7.87
CA GLY A 55 9.05 -11.45 8.08
C GLY A 55 9.01 -9.94 8.26
N MET A 56 8.63 -9.24 7.20
CA MET A 56 8.54 -7.78 7.26
C MET A 56 7.17 -7.35 7.80
N ILE A 57 6.88 -7.77 9.02
CA ILE A 57 5.61 -7.45 9.67
C ILE A 57 5.61 -6.05 10.26
N GLN A 58 6.77 -5.61 10.75
CA GLN A 58 6.92 -4.29 11.36
C GLN A 58 6.08 -3.23 10.64
N LEU A 59 5.97 -3.35 9.32
CA LEU A 59 5.20 -2.40 8.53
C LEU A 59 3.71 -2.64 8.71
N ASN A 60 3.31 -3.91 8.66
CA ASN A 60 1.91 -4.29 8.82
C ASN A 60 1.36 -3.79 10.15
N GLY A 61 2.20 -3.79 11.17
CA GLY A 61 1.80 -3.33 12.49
C GLY A 61 2.13 -1.87 12.72
N CYS A 62 1.97 -1.05 11.68
CA CYS A 62 2.26 0.37 11.77
C CYS A 62 1.52 1.15 10.69
N GLN A 63 1.45 2.46 10.84
CA GLN A 63 0.78 3.30 9.86
C GLN A 63 1.38 3.11 8.47
N PRO A 64 0.71 3.62 7.43
CA PRO A 64 1.19 3.49 6.05
C PRO A 64 2.46 4.29 5.81
N MET A 65 3.10 4.07 4.66
CA MET A 65 4.33 4.77 4.31
C MET A 65 4.22 5.37 2.92
N GLU A 66 5.31 5.99 2.46
CA GLU A 66 5.32 6.61 1.13
C GLU A 66 6.00 5.69 0.12
N ILE A 67 5.45 5.66 -1.09
CA ILE A 67 5.99 4.81 -2.14
C ILE A 67 6.72 5.61 -3.21
N LYS A 68 7.38 4.88 -4.09
CA LYS A 68 8.11 5.46 -5.20
C LYS A 68 7.95 4.56 -6.41
N VAL A 69 7.50 5.13 -7.52
CA VAL A 69 7.28 4.34 -8.73
C VAL A 69 8.45 4.45 -9.68
N LEU A 70 9.12 3.33 -9.89
CA LEU A 70 10.27 3.25 -10.78
C LEU A 70 9.84 2.82 -12.18
N GLY A 71 8.74 2.07 -12.25
CA GLY A 71 8.24 1.61 -13.53
C GLY A 71 6.81 1.11 -13.46
N PRO A 72 6.31 0.48 -14.52
CA PRO A 72 4.93 -0.03 -14.56
C PRO A 72 4.70 -1.12 -13.51
N TYR A 73 5.73 -1.93 -13.28
CA TYR A 73 5.65 -3.02 -12.31
C TYR A 73 6.75 -2.90 -11.26
N THR A 74 7.56 -1.84 -11.36
CA THR A 74 8.65 -1.61 -10.42
C THR A 74 8.37 -0.38 -9.55
N PHE A 75 8.88 -0.40 -8.33
CA PHE A 75 8.69 0.71 -7.40
C PHE A 75 9.44 0.45 -6.10
N SER A 76 9.64 1.52 -5.32
CA SER A 76 10.36 1.40 -4.05
C SER A 76 9.47 1.81 -2.87
N ILE A 77 9.96 1.56 -1.66
CA ILE A 77 9.21 1.89 -0.46
C ILE A 77 10.11 2.58 0.56
N CYS A 78 9.54 2.94 1.71
CA CYS A 78 10.29 3.60 2.77
C CYS A 78 11.46 2.74 3.22
N ASP A 79 12.14 3.17 4.27
CA ASP A 79 13.28 2.45 4.82
C ASP A 79 12.91 0.99 5.13
N THR A 80 13.67 0.06 4.58
CA THR A 80 13.42 -1.36 4.80
C THR A 80 14.50 -1.98 5.69
N SER A 81 15.70 -1.44 5.60
CA SER A 81 16.82 -1.94 6.39
C SER A 81 16.53 -1.84 7.88
N ASN A 82 15.73 -0.86 8.26
CA ASN A 82 15.37 -0.65 9.66
C ASN A 82 14.40 -1.74 10.14
N PHE A 83 13.57 -2.24 9.22
CA PHE A 83 12.61 -3.27 9.55
C PHE A 83 13.21 -4.66 9.36
N SER A 84 12.37 -5.69 9.49
CA SER A 84 12.83 -7.06 9.34
C SER A 84 12.97 -7.42 7.86
N ASP A 85 13.34 -8.68 7.60
CA ASP A 85 13.52 -9.15 6.23
C ASP A 85 12.24 -9.81 5.72
N TYR A 86 11.88 -9.47 4.48
CA TYR A 86 10.67 -10.02 3.87
C TYR A 86 10.91 -11.46 3.44
N ILE A 87 9.91 -12.31 3.69
CA ILE A 87 10.00 -13.72 3.32
C ILE A 87 8.95 -14.10 2.29
N ARG A 88 7.68 -14.05 2.70
CA ARG A 88 6.58 -14.39 1.81
C ARG A 88 5.31 -13.66 2.23
N GLY A 89 4.28 -13.73 1.38
CA GLY A 89 3.03 -13.06 1.70
C GLY A 89 3.20 -11.56 1.82
N GLY A 90 2.15 -10.82 1.47
CA GLY A 90 2.22 -9.38 1.56
C GLY A 90 1.46 -8.69 0.44
N ILE A 91 0.43 -7.95 0.80
CA ILE A 91 -0.37 -7.23 -0.18
C ILE A 91 -0.29 -5.72 0.06
N VAL A 92 -0.07 -4.97 -1.01
CA VAL A 92 0.04 -3.52 -0.91
C VAL A 92 -1.26 -2.84 -1.32
N SER A 93 -1.82 -2.05 -0.40
CA SER A 93 -3.07 -1.35 -0.66
C SER A 93 -2.95 0.13 -0.26
N GLN A 94 -3.82 0.96 -0.84
CA GLN A 94 -3.81 2.38 -0.56
C GLN A 94 -4.74 2.71 0.62
N VAL A 95 -4.16 3.25 1.68
CA VAL A 95 -4.94 3.60 2.86
C VAL A 95 -6.06 4.59 2.52
N LYS A 96 -7.30 4.19 2.82
CA LYS A 96 -8.46 5.03 2.53
C LYS A 96 -8.90 5.79 3.78
N VAL A 97 -8.92 5.10 4.92
CA VAL A 97 -9.32 5.71 6.18
C VAL A 97 -10.79 6.13 6.15
N PRO A 98 -11.54 5.86 7.23
CA PRO A 98 -12.95 6.23 7.31
C PRO A 98 -13.16 7.73 7.42
N LYS A 99 -13.44 8.37 6.30
CA LYS A 99 -13.66 9.81 6.27
C LYS A 99 -15.16 10.14 6.25
N LYS A 100 -15.96 9.19 5.78
CA LYS A 100 -17.40 9.39 5.72
C LYS A 100 -17.77 10.51 4.75
N ILE A 101 -16.96 10.65 3.70
CA ILE A 101 -17.19 11.68 2.70
C ILE A 101 -17.95 11.12 1.49
N SER A 102 -19.04 11.78 1.12
CA SER A 102 -19.84 11.35 -0.01
C SER A 102 -20.44 9.97 0.24
N PHE A 103 -21.77 9.90 0.28
CA PHE A 103 -22.46 8.64 0.51
C PHE A 103 -23.86 8.66 -0.10
N LYS A 104 -24.00 9.38 -1.22
CA LYS A 104 -25.29 9.48 -1.90
C LYS A 104 -25.10 9.48 -3.41
N SER A 105 -24.55 10.57 -3.93
CA SER A 105 -24.32 10.70 -5.36
C SER A 105 -23.02 11.46 -5.64
N LEU A 106 -22.04 11.28 -4.76
CA LEU A 106 -20.74 11.94 -4.91
C LEU A 106 -20.91 13.46 -4.87
N PRO A 107 -21.51 14.00 -3.79
CA PRO A 107 -21.72 15.43 -3.64
C PRO A 107 -20.46 16.15 -3.19
N ALA A 108 -19.76 15.57 -2.23
CA ALA A 108 -18.52 16.17 -1.70
C ALA A 108 -17.29 15.53 -2.34
N SER A 109 -16.61 16.29 -3.18
CA SER A 109 -15.41 15.80 -3.86
C SER A 109 -14.40 16.92 -4.07
N LEU A 110 -13.17 16.68 -3.63
CA LEU A 110 -12.11 17.68 -3.77
C LEU A 110 -12.46 18.95 -3.01
N VAL A 111 -11.52 19.89 -2.96
CA VAL A 111 -11.72 21.16 -2.26
C VAL A 111 -12.84 21.97 -2.92
N GLU A 112 -13.68 22.58 -2.10
CA GLU A 112 -14.80 23.38 -2.59
C GLU A 112 -14.67 24.83 -2.12
N GLU A 1 11.30 -15.40 -27.05
CA GLU A 1 10.66 -14.65 -28.15
C GLU A 1 9.35 -14.01 -27.70
N PHE A 2 9.30 -13.58 -26.45
CA PHE A 2 8.10 -12.97 -25.89
C PHE A 2 8.44 -12.16 -24.64
N GLY A 3 8.20 -10.86 -24.69
CA GLY A 3 8.47 -10.00 -23.55
C GLY A 3 8.07 -8.57 -23.80
N GLU A 4 6.97 -8.37 -24.52
CA GLU A 4 6.48 -7.03 -24.82
C GLU A 4 6.08 -6.30 -23.54
N GLU A 5 5.55 -5.09 -23.70
CA GLU A 5 5.12 -4.29 -22.57
C GLU A 5 3.69 -3.79 -22.75
N MET A 6 2.82 -4.18 -21.84
CA MET A 6 1.41 -3.78 -21.89
C MET A 6 1.20 -2.46 -21.15
N VAL A 7 0.85 -1.42 -21.89
CA VAL A 7 0.62 -0.10 -21.30
C VAL A 7 -0.48 0.65 -22.05
N LEU A 8 -1.70 0.56 -21.55
CA LEU A 8 -2.84 1.23 -22.17
C LEU A 8 -3.76 1.82 -21.12
N THR A 9 -3.46 3.05 -20.70
CA THR A 9 -4.26 3.74 -19.69
C THR A 9 -4.28 2.95 -18.38
N ASP A 10 -4.97 3.48 -17.39
CA ASP A 10 -5.08 2.84 -16.09
C ASP A 10 -6.51 2.37 -15.82
N SER A 11 -7.48 3.16 -16.27
CA SER A 11 -8.88 2.83 -16.08
C SER A 11 -9.22 2.74 -14.60
N ASN A 12 -9.64 3.86 -14.02
CA ASN A 12 -10.00 3.91 -12.60
C ASN A 12 -11.41 3.38 -12.39
N GLY A 13 -11.52 2.24 -11.71
CA GLY A 13 -12.81 1.66 -11.44
C GLY A 13 -13.39 2.10 -10.11
N GLU A 14 -12.74 1.69 -9.02
CA GLU A 14 -13.19 2.05 -7.69
C GLU A 14 -12.43 3.25 -7.15
N GLN A 15 -12.84 3.74 -5.99
CA GLN A 15 -12.18 4.89 -5.37
C GLN A 15 -10.77 4.54 -4.92
N PRO A 16 -10.65 3.57 -4.00
CA PRO A 16 -9.34 3.14 -3.48
C PRO A 16 -8.55 2.33 -4.50
N LEU A 17 -7.46 1.70 -4.05
CA LEU A 17 -6.63 0.89 -4.92
C LEU A 17 -5.77 -0.08 -4.11
N SER A 18 -5.61 -1.29 -4.63
CA SER A 18 -4.80 -2.31 -3.95
C SER A 18 -4.10 -3.20 -4.97
N ALA A 19 -2.99 -3.80 -4.54
CA ALA A 19 -2.22 -4.68 -5.40
C ALA A 19 -1.50 -5.75 -4.58
N MET A 20 -1.18 -6.87 -5.24
CA MET A 20 -0.49 -7.97 -4.58
C MET A 20 1.02 -7.87 -4.79
N VAL A 21 1.77 -8.23 -3.76
CA VAL A 21 3.23 -8.19 -3.82
C VAL A 21 3.81 -9.58 -4.11
N SER A 22 4.89 -9.61 -4.87
CA SER A 22 5.55 -10.87 -5.21
C SER A 22 6.92 -10.98 -4.57
N MET A 23 7.59 -9.84 -4.42
CA MET A 23 8.92 -9.81 -3.80
C MET A 23 9.35 -8.37 -3.52
N VAL A 24 10.31 -8.22 -2.61
CA VAL A 24 10.81 -6.90 -2.24
C VAL A 24 12.19 -7.01 -1.59
N THR A 25 13.00 -5.98 -1.79
CA THR A 25 14.35 -5.95 -1.24
C THR A 25 14.40 -5.13 0.04
N LYS A 26 15.27 -5.52 0.97
CA LYS A 26 15.42 -4.82 2.24
C LYS A 26 16.55 -3.80 2.16
N ASP A 27 16.26 -2.63 1.60
CA ASP A 27 17.26 -1.58 1.46
C ASP A 27 16.73 -0.26 2.03
N ASN A 28 17.30 0.86 1.59
CA ASN A 28 16.88 2.17 2.07
C ASN A 28 17.19 3.26 1.03
N PRO A 29 16.24 3.56 0.13
CA PRO A 29 14.94 2.89 0.07
C PRO A 29 15.03 1.50 -0.55
N GLY A 30 13.96 0.74 -0.45
CA GLY A 30 13.94 -0.59 -1.00
C GLY A 30 13.01 -0.71 -2.21
N VAL A 31 13.34 -1.63 -3.12
CA VAL A 31 12.52 -1.82 -4.31
C VAL A 31 11.61 -3.03 -4.14
N VAL A 32 10.38 -2.90 -4.63
CA VAL A 32 9.40 -3.99 -4.54
C VAL A 32 8.75 -4.24 -5.89
N THR A 33 8.31 -5.48 -6.10
CA THR A 33 7.66 -5.86 -7.35
C THR A 33 6.20 -6.24 -7.09
N CYS A 34 5.39 -6.17 -8.15
CA CYS A 34 3.97 -6.49 -8.04
C CYS A 34 3.70 -7.91 -8.55
N LEU A 35 2.51 -8.42 -8.24
CA LEU A 35 2.12 -9.76 -8.67
C LEU A 35 2.17 -9.88 -10.18
N ASP A 36 2.40 -11.09 -10.67
CA ASP A 36 2.47 -11.35 -12.11
C ASP A 36 1.25 -10.78 -12.82
N GLU A 37 0.13 -10.68 -12.10
CA GLU A 37 -1.10 -10.15 -12.67
C GLU A 37 -1.73 -9.13 -11.73
N ALA A 38 -0.89 -8.32 -11.09
CA ALA A 38 -1.37 -7.29 -10.17
C ALA A 38 -1.69 -6.00 -10.90
N ARG A 39 -1.91 -4.93 -10.14
CA ARG A 39 -2.22 -3.63 -10.72
C ARG A 39 -1.63 -2.51 -9.88
N HIS A 40 -0.58 -1.88 -10.40
CA HIS A 40 0.09 -0.79 -9.70
C HIS A 40 -0.20 0.54 -10.38
N GLY A 41 -0.35 1.59 -9.57
CA GLY A 41 -0.64 2.91 -10.12
C GLY A 41 -0.83 3.96 -9.04
N PHE A 42 0.24 4.29 -8.33
CA PHE A 42 0.18 5.29 -7.27
C PHE A 42 1.04 6.51 -7.62
N GLU A 43 0.63 7.68 -7.15
CA GLU A 43 1.36 8.91 -7.40
C GLU A 43 2.70 8.91 -6.66
N THR A 44 3.68 9.61 -7.22
CA THR A 44 4.99 9.70 -6.61
C THR A 44 4.91 10.27 -5.20
N GLY A 45 4.89 9.37 -4.20
CA GLY A 45 4.82 9.81 -2.83
C GLY A 45 3.51 9.42 -2.17
N ASP A 46 2.77 8.50 -2.78
CA ASP A 46 1.50 8.03 -2.24
C ASP A 46 1.71 7.32 -0.92
N PHE A 47 0.62 6.82 -0.33
CA PHE A 47 0.70 6.11 0.94
C PHE A 47 0.16 4.69 0.80
N VAL A 48 0.92 3.72 1.31
CA VAL A 48 0.52 2.32 1.24
C VAL A 48 0.78 1.61 2.55
N SER A 49 0.03 0.54 2.80
CA SER A 49 0.17 -0.25 4.01
C SER A 49 0.40 -1.72 3.67
N PHE A 50 0.86 -2.50 4.66
CA PHE A 50 1.11 -3.91 4.46
C PHE A 50 -0.04 -4.76 4.99
N SER A 51 -0.37 -5.83 4.26
CA SER A 51 -1.46 -6.71 4.66
C SER A 51 -0.92 -7.98 5.33
N GLU A 52 -0.72 -9.05 4.56
CA GLU A 52 -0.19 -10.30 5.11
C GLU A 52 1.22 -10.55 4.62
N VAL A 53 2.20 -10.02 5.34
CA VAL A 53 3.60 -10.19 4.96
C VAL A 53 4.32 -11.15 5.90
N GLN A 54 5.23 -11.93 5.34
CA GLN A 54 6.02 -12.89 6.11
C GLN A 54 7.45 -12.39 6.25
N GLY A 55 7.85 -12.10 7.48
CA GLY A 55 9.19 -11.60 7.72
C GLY A 55 9.19 -10.09 7.93
N MET A 56 8.80 -9.36 6.88
CA MET A 56 8.75 -7.90 6.94
C MET A 56 7.37 -7.46 7.44
N ILE A 57 6.98 -7.98 8.60
CA ILE A 57 5.68 -7.66 9.20
C ILE A 57 5.70 -6.32 9.91
N GLN A 58 6.84 -5.96 10.48
CA GLN A 58 6.98 -4.69 11.21
C GLN A 58 6.23 -3.55 10.53
N LEU A 59 6.19 -3.56 9.21
CA LEU A 59 5.49 -2.53 8.46
C LEU A 59 3.98 -2.67 8.62
N ASN A 60 3.50 -3.90 8.46
CA ASN A 60 2.07 -4.19 8.60
C ASN A 60 1.55 -3.73 9.96
N GLY A 61 2.39 -3.86 10.99
CA GLY A 61 2.01 -3.45 12.32
C GLY A 61 2.33 -2.01 12.61
N CYS A 62 2.00 -1.13 11.67
CA CYS A 62 2.27 0.30 11.82
C CYS A 62 1.55 1.09 10.73
N GLN A 63 1.47 2.41 10.91
CA GLN A 63 0.82 3.28 9.94
C GLN A 63 1.44 3.10 8.56
N PRO A 64 0.76 3.57 7.50
CA PRO A 64 1.25 3.45 6.13
C PRO A 64 2.53 4.25 5.91
N MET A 65 3.18 4.02 4.78
CA MET A 65 4.41 4.72 4.45
C MET A 65 4.33 5.35 3.06
N GLU A 66 5.43 5.88 2.57
CA GLU A 66 5.46 6.50 1.25
C GLU A 66 6.03 5.54 0.21
N ILE A 67 5.61 5.69 -1.03
CA ILE A 67 6.08 4.83 -2.11
C ILE A 67 6.72 5.61 -3.25
N LYS A 68 7.26 4.87 -4.19
CA LYS A 68 7.90 5.43 -5.36
C LYS A 68 7.71 4.47 -6.53
N VAL A 69 7.19 4.99 -7.64
CA VAL A 69 6.93 4.14 -8.80
C VAL A 69 8.06 4.23 -9.83
N LEU A 70 8.77 3.12 -9.97
CA LEU A 70 9.88 3.02 -10.91
C LEU A 70 9.39 2.59 -12.28
N GLY A 71 8.29 1.85 -12.30
CA GLY A 71 7.73 1.37 -13.55
C GLY A 71 6.36 0.77 -13.40
N PRO A 72 5.87 0.02 -14.40
CA PRO A 72 4.56 -0.62 -14.35
C PRO A 72 4.48 -1.69 -13.26
N TYR A 73 5.52 -2.51 -13.17
CA TYR A 73 5.56 -3.58 -12.18
C TYR A 73 6.73 -3.36 -11.22
N THR A 74 7.24 -2.14 -11.17
CA THR A 74 8.36 -1.81 -10.29
C THR A 74 8.05 -0.56 -9.47
N PHE A 75 8.56 -0.53 -8.24
CA PHE A 75 8.35 0.61 -7.35
C PHE A 75 9.07 0.39 -6.02
N SER A 76 9.42 1.49 -5.35
CA SER A 76 10.13 1.42 -4.08
C SER A 76 9.21 1.74 -2.90
N ILE A 77 9.71 1.51 -1.70
CA ILE A 77 8.94 1.76 -0.48
C ILE A 77 9.81 2.46 0.57
N CYS A 78 9.24 2.71 1.74
CA CYS A 78 9.97 3.38 2.81
C CYS A 78 11.23 2.59 3.18
N ASP A 79 12.01 3.16 4.10
CA ASP A 79 13.25 2.50 4.53
C ASP A 79 12.94 1.21 5.27
N THR A 80 13.67 0.15 4.92
CA THR A 80 13.48 -1.15 5.54
C THR A 80 14.74 -1.61 6.26
N SER A 81 15.53 -0.64 6.73
CA SER A 81 16.78 -0.95 7.43
C SER A 81 16.50 -1.26 8.90
N ASN A 82 15.45 -0.66 9.44
CA ASN A 82 15.07 -0.88 10.84
C ASN A 82 13.93 -1.87 10.95
N PHE A 83 13.88 -2.81 10.01
CA PHE A 83 12.82 -3.82 10.01
C PHE A 83 13.39 -5.20 9.68
N SER A 84 12.51 -6.19 9.54
CA SER A 84 12.92 -7.55 9.22
C SER A 84 13.04 -7.74 7.71
N ASP A 85 13.44 -8.93 7.30
CA ASP A 85 13.57 -9.25 5.88
C ASP A 85 12.29 -9.82 5.31
N TYR A 86 12.05 -9.61 4.03
CA TYR A 86 10.85 -10.10 3.36
C TYR A 86 11.02 -11.57 2.97
N ILE A 87 9.97 -12.36 3.22
CA ILE A 87 10.01 -13.77 2.89
C ILE A 87 8.91 -14.13 1.89
N ARG A 88 7.66 -13.84 2.27
CA ARG A 88 6.51 -14.12 1.41
C ARG A 88 5.31 -13.31 1.88
N GLY A 89 4.19 -13.45 1.16
CA GLY A 89 3.00 -12.70 1.53
C GLY A 89 3.24 -11.21 1.50
N GLY A 90 2.16 -10.44 1.47
CA GLY A 90 2.27 -9.00 1.47
C GLY A 90 1.45 -8.34 0.38
N ILE A 91 0.48 -7.55 0.80
CA ILE A 91 -0.38 -6.84 -0.13
C ILE A 91 -0.29 -5.34 0.08
N VAL A 92 -0.14 -4.60 -1.01
CA VAL A 92 -0.02 -3.15 -0.94
C VAL A 92 -1.35 -2.47 -1.25
N SER A 93 -1.89 -1.75 -0.27
CA SER A 93 -3.15 -1.04 -0.43
C SER A 93 -2.98 0.45 -0.16
N GLN A 94 -3.68 1.27 -0.93
CA GLN A 94 -3.60 2.72 -0.78
C GLN A 94 -4.48 3.19 0.36
N VAL A 95 -3.86 3.47 1.50
CA VAL A 95 -4.59 3.94 2.68
C VAL A 95 -5.39 5.20 2.37
N LYS A 96 -6.65 5.22 2.78
CA LYS A 96 -7.51 6.37 2.54
C LYS A 96 -8.81 6.24 3.33
N VAL A 97 -8.75 6.53 4.63
CA VAL A 97 -9.92 6.46 5.51
C VAL A 97 -10.86 5.31 5.12
N PRO A 98 -10.65 4.11 5.69
CA PRO A 98 -11.49 2.94 5.41
C PRO A 98 -12.97 3.22 5.61
N LYS A 99 -13.77 2.90 4.62
CA LYS A 99 -15.22 3.12 4.69
C LYS A 99 -15.90 1.98 5.44
N LYS A 100 -17.20 2.14 5.71
CA LYS A 100 -17.96 1.13 6.41
C LYS A 100 -18.40 0.01 5.48
N ILE A 101 -18.60 -1.18 6.03
CA ILE A 101 -19.02 -2.33 5.24
C ILE A 101 -20.47 -2.18 4.78
N SER A 102 -20.78 -2.74 3.61
CA SER A 102 -22.12 -2.66 3.06
C SER A 102 -22.94 -3.89 3.44
N PHE A 103 -24.25 -3.73 3.48
CA PHE A 103 -25.15 -4.83 3.83
C PHE A 103 -26.56 -4.56 3.33
N LYS A 104 -27.06 -5.42 2.45
CA LYS A 104 -28.40 -5.27 1.90
C LYS A 104 -29.38 -6.20 2.62
N SER A 105 -29.32 -7.48 2.28
CA SER A 105 -30.21 -8.47 2.89
C SER A 105 -29.95 -8.59 4.39
N LEU A 106 -30.97 -8.25 5.18
CA LEU A 106 -30.86 -8.32 6.63
C LEU A 106 -29.73 -7.42 7.14
N PRO A 107 -30.06 -6.15 7.46
CA PRO A 107 -29.08 -5.20 7.96
C PRO A 107 -28.82 -5.32 9.46
N ALA A 108 -28.65 -6.55 9.93
CA ALA A 108 -28.41 -6.81 11.35
C ALA A 108 -29.43 -6.10 12.22
N SER A 109 -30.46 -6.84 12.64
CA SER A 109 -31.51 -6.28 13.48
C SER A 109 -32.45 -7.38 13.99
N LEU A 110 -32.45 -7.58 15.30
CA LEU A 110 -33.30 -8.59 15.91
C LEU A 110 -34.72 -8.06 16.12
N VAL A 111 -35.69 -8.73 15.52
CA VAL A 111 -37.08 -8.33 15.64
C VAL A 111 -37.54 -8.33 17.09
N GLU A 112 -38.17 -7.23 17.51
CA GLU A 112 -38.65 -7.10 18.88
C GLU A 112 -40.13 -7.43 18.98
N GLU A 1 -1.05 1.06 -30.97
CA GLU A 1 -1.00 -0.42 -31.07
C GLU A 1 -2.39 -1.01 -31.28
N PHE A 2 -3.41 -0.28 -30.81
CA PHE A 2 -4.79 -0.73 -30.95
C PHE A 2 -5.02 -2.05 -30.23
N GLY A 3 -5.69 -1.98 -29.08
CA GLY A 3 -5.95 -3.19 -28.31
C GLY A 3 -7.39 -3.28 -27.87
N GLU A 4 -8.05 -4.39 -28.23
CA GLU A 4 -9.45 -4.60 -27.86
C GLU A 4 -9.66 -6.02 -27.36
N GLU A 5 -8.63 -6.60 -26.74
CA GLU A 5 -8.72 -7.96 -26.21
C GLU A 5 -7.66 -8.19 -25.14
N MET A 6 -7.81 -9.27 -24.39
CA MET A 6 -6.86 -9.61 -23.33
C MET A 6 -6.88 -8.55 -22.23
N VAL A 7 -6.21 -7.43 -22.48
CA VAL A 7 -6.14 -6.34 -21.51
C VAL A 7 -7.52 -5.73 -21.29
N LEU A 8 -8.33 -6.38 -20.47
CA LEU A 8 -9.68 -5.89 -20.18
C LEU A 8 -9.74 -5.29 -18.78
N THR A 9 -9.84 -3.97 -18.71
CA THR A 9 -9.92 -3.27 -17.43
C THR A 9 -11.12 -2.33 -17.39
N ASP A 10 -11.25 -1.59 -16.31
CA ASP A 10 -12.36 -0.65 -16.14
C ASP A 10 -13.70 -1.39 -16.17
N SER A 11 -14.36 -1.44 -15.03
CA SER A 11 -15.66 -2.11 -14.92
C SER A 11 -16.77 -1.09 -14.71
N ASN A 12 -16.45 0.00 -14.02
CA ASN A 12 -17.43 1.05 -13.75
C ASN A 12 -16.78 2.22 -13.02
N GLY A 13 -15.90 1.91 -12.08
CA GLY A 13 -15.23 2.96 -11.33
C GLY A 13 -14.30 2.40 -10.26
N GLU A 14 -14.82 2.23 -9.05
CA GLU A 14 -14.03 1.70 -7.95
C GLU A 14 -12.81 2.59 -7.68
N GLN A 15 -12.95 3.51 -6.73
CA GLN A 15 -11.87 4.41 -6.38
C GLN A 15 -10.74 3.66 -5.68
N PRO A 16 -11.05 2.90 -4.63
CA PRO A 16 -10.05 2.13 -3.89
C PRO A 16 -9.23 1.21 -4.79
N LEU A 17 -7.92 1.21 -4.61
CA LEU A 17 -7.03 0.38 -5.41
C LEU A 17 -6.09 -0.42 -4.53
N SER A 18 -5.86 -1.67 -4.89
CA SER A 18 -4.97 -2.55 -4.13
C SER A 18 -4.01 -3.30 -5.05
N ALA A 19 -2.92 -3.79 -4.48
CA ALA A 19 -1.92 -4.53 -5.25
C ALA A 19 -1.25 -5.60 -4.39
N MET A 20 -0.78 -6.66 -5.04
CA MET A 20 -0.12 -7.74 -4.33
C MET A 20 1.41 -7.66 -4.49
N VAL A 21 2.12 -8.24 -3.54
CA VAL A 21 3.58 -8.24 -3.56
C VAL A 21 4.13 -9.60 -3.98
N SER A 22 5.11 -9.60 -4.87
CA SER A 22 5.72 -10.84 -5.34
C SER A 22 7.16 -10.96 -4.85
N MET A 23 7.85 -9.83 -4.75
CA MET A 23 9.23 -9.81 -4.28
C MET A 23 9.65 -8.40 -3.90
N VAL A 24 10.60 -8.30 -2.96
CA VAL A 24 11.09 -7.00 -2.51
C VAL A 24 12.47 -7.14 -1.89
N THR A 25 13.27 -6.09 -2.02
CA THR A 25 14.62 -6.08 -1.47
C THR A 25 14.69 -5.29 -0.18
N LYS A 26 15.53 -5.74 0.75
CA LYS A 26 15.68 -5.06 2.03
C LYS A 26 16.83 -4.07 1.98
N ASP A 27 16.59 -2.91 1.37
CA ASP A 27 17.61 -1.87 1.25
C ASP A 27 17.14 -0.57 1.90
N ASN A 28 17.66 0.56 1.43
CA ASN A 28 17.28 1.86 1.97
C ASN A 28 17.55 2.99 0.97
N PRO A 29 16.56 3.32 0.13
CA PRO A 29 15.24 2.66 0.11
C PRO A 29 15.30 1.30 -0.56
N GLY A 30 14.22 0.54 -0.44
CA GLY A 30 14.16 -0.78 -1.05
C GLY A 30 13.23 -0.83 -2.24
N VAL A 31 13.54 -1.69 -3.20
CA VAL A 31 12.72 -1.83 -4.40
C VAL A 31 11.81 -3.05 -4.29
N VAL A 32 10.57 -2.88 -4.73
CA VAL A 32 9.59 -3.96 -4.67
C VAL A 32 8.87 -4.13 -6.01
N THR A 33 8.34 -5.33 -6.23
CA THR A 33 7.61 -5.63 -7.46
C THR A 33 6.19 -6.06 -7.14
N CYS A 34 5.32 -6.00 -8.15
CA CYS A 34 3.92 -6.39 -7.95
C CYS A 34 3.67 -7.81 -8.47
N LEU A 35 2.49 -8.34 -8.16
CA LEU A 35 2.12 -9.68 -8.59
C LEU A 35 1.94 -9.74 -10.09
N ASP A 36 2.14 -10.92 -10.67
CA ASP A 36 2.00 -11.12 -12.11
C ASP A 36 0.63 -10.62 -12.59
N GLU A 37 -0.35 -10.67 -11.71
CA GLU A 37 -1.70 -10.24 -12.04
C GLU A 37 -2.16 -9.12 -11.10
N ALA A 38 -1.21 -8.32 -10.63
CA ALA A 38 -1.51 -7.22 -9.73
C ALA A 38 -1.75 -5.92 -10.50
N ARG A 39 -1.96 -4.84 -9.76
CA ARG A 39 -2.20 -3.54 -10.37
C ARG A 39 -1.21 -2.50 -9.85
N HIS A 40 -1.39 -1.25 -10.28
CA HIS A 40 -0.51 -0.16 -9.86
C HIS A 40 -1.02 1.17 -10.37
N GLY A 41 -1.45 2.04 -9.45
CA GLY A 41 -1.96 3.35 -9.84
C GLY A 41 -1.60 4.43 -8.84
N PHE A 42 -0.53 4.23 -8.10
CA PHE A 42 -0.09 5.21 -7.11
C PHE A 42 1.04 6.08 -7.67
N GLU A 43 0.97 7.37 -7.38
CA GLU A 43 1.97 8.31 -7.86
C GLU A 43 3.08 8.50 -6.83
N THR A 44 4.16 9.14 -7.24
CA THR A 44 5.29 9.39 -6.35
C THR A 44 4.86 10.21 -5.14
N GLY A 45 4.70 9.53 -4.01
CA GLY A 45 4.30 10.20 -2.79
C GLY A 45 2.99 9.68 -2.22
N ASP A 46 2.53 8.54 -2.75
CA ASP A 46 1.28 7.94 -2.27
C ASP A 46 1.47 7.30 -0.91
N PHE A 47 0.42 6.65 -0.41
CA PHE A 47 0.49 5.99 0.89
C PHE A 47 -0.08 4.57 0.81
N VAL A 48 0.74 3.59 1.17
CA VAL A 48 0.32 2.20 1.12
C VAL A 48 0.60 1.49 2.45
N SER A 49 -0.17 0.45 2.72
CA SER A 49 0.00 -0.32 3.95
C SER A 49 0.24 -1.79 3.65
N PHE A 50 0.70 -2.54 4.65
CA PHE A 50 0.98 -3.97 4.48
C PHE A 50 -0.18 -4.81 5.03
N SER A 51 -0.46 -5.94 4.38
CA SER A 51 -1.53 -6.82 4.80
C SER A 51 -0.97 -8.05 5.53
N GLU A 52 -0.77 -9.15 4.80
CA GLU A 52 -0.22 -10.37 5.39
C GLU A 52 1.19 -10.62 4.90
N VAL A 53 2.18 -10.06 5.60
CA VAL A 53 3.56 -10.24 5.21
C VAL A 53 4.28 -11.22 6.12
N GLN A 54 5.18 -12.00 5.54
CA GLN A 54 5.96 -12.97 6.30
C GLN A 54 7.37 -12.47 6.51
N GLY A 55 7.71 -12.13 7.76
CA GLY A 55 9.03 -11.62 8.05
C GLY A 55 9.01 -10.12 8.23
N MET A 56 8.67 -9.40 7.15
CA MET A 56 8.60 -7.95 7.19
C MET A 56 7.23 -7.49 7.68
N ILE A 57 6.89 -7.92 8.89
CA ILE A 57 5.59 -7.58 9.49
C ILE A 57 5.60 -6.17 10.09
N GLN A 58 6.75 -5.74 10.60
CA GLN A 58 6.89 -4.43 11.22
C GLN A 58 6.10 -3.35 10.46
N LEU A 59 6.04 -3.49 9.14
CA LEU A 59 5.30 -2.53 8.32
C LEU A 59 3.80 -2.73 8.49
N ASN A 60 3.36 -3.98 8.42
CA ASN A 60 1.94 -4.31 8.58
C ASN A 60 1.42 -3.82 9.92
N GLY A 61 2.27 -3.88 10.94
CA GLY A 61 1.87 -3.45 12.27
C GLY A 61 2.20 -1.99 12.52
N CYS A 62 1.88 -1.15 11.54
CA CYS A 62 2.14 0.28 11.65
C CYS A 62 1.39 1.06 10.57
N GLN A 63 1.27 2.37 10.77
CA GLN A 63 0.57 3.22 9.81
C GLN A 63 1.18 3.06 8.41
N PRO A 64 0.50 3.58 7.38
CA PRO A 64 0.98 3.50 6.00
C PRO A 64 2.22 4.36 5.78
N MET A 65 3.02 3.98 4.80
CA MET A 65 4.24 4.71 4.48
C MET A 65 4.14 5.33 3.09
N GLU A 66 5.21 5.98 2.65
CA GLU A 66 5.24 6.60 1.34
C GLU A 66 5.97 5.73 0.33
N ILE A 67 5.42 5.65 -0.87
CA ILE A 67 6.01 4.82 -1.93
C ILE A 67 6.68 5.66 -3.00
N LYS A 68 7.33 4.97 -3.92
CA LYS A 68 8.01 5.60 -5.04
C LYS A 68 7.86 4.69 -6.26
N VAL A 69 7.41 5.26 -7.36
CA VAL A 69 7.20 4.48 -8.58
C VAL A 69 8.38 4.58 -9.53
N LEU A 70 8.99 3.43 -9.77
CA LEU A 70 10.14 3.33 -10.65
C LEU A 70 9.71 3.02 -12.07
N GLY A 71 8.61 2.29 -12.20
CA GLY A 71 8.12 1.93 -13.52
C GLY A 71 7.03 0.86 -13.48
N PRO A 72 6.82 0.16 -14.62
CA PRO A 72 5.80 -0.90 -14.70
C PRO A 72 6.10 -2.07 -13.78
N TYR A 73 5.27 -2.24 -12.77
CA TYR A 73 5.45 -3.33 -11.80
C TYR A 73 6.71 -3.14 -10.98
N THR A 74 7.27 -1.93 -11.03
CA THR A 74 8.49 -1.61 -10.29
C THR A 74 8.30 -0.35 -9.47
N PHE A 75 8.80 -0.36 -8.23
CA PHE A 75 8.68 0.78 -7.35
C PHE A 75 9.45 0.55 -6.05
N SER A 76 9.60 1.61 -5.26
CA SER A 76 10.34 1.53 -4.00
C SER A 76 9.47 1.97 -2.82
N ILE A 77 9.98 1.72 -1.62
CA ILE A 77 9.28 2.08 -0.40
C ILE A 77 10.13 3.00 0.48
N CYS A 78 9.61 3.35 1.65
CA CYS A 78 10.32 4.23 2.57
C CYS A 78 11.68 3.64 2.94
N ASP A 79 11.69 2.73 3.91
CA ASP A 79 12.92 2.09 4.35
C ASP A 79 12.66 0.68 4.87
N THR A 80 13.57 -0.24 4.55
CA THR A 80 13.42 -1.63 4.98
C THR A 80 14.52 -2.01 5.98
N SER A 81 15.66 -1.34 5.89
CA SER A 81 16.79 -1.60 6.78
C SER A 81 16.38 -1.51 8.24
N ASN A 82 15.31 -0.75 8.50
CA ASN A 82 14.82 -0.58 9.87
C ASN A 82 13.71 -1.58 10.18
N PHE A 83 13.65 -2.67 9.42
CA PHE A 83 12.65 -3.70 9.62
C PHE A 83 13.22 -5.09 9.36
N SER A 84 12.39 -6.12 9.51
CA SER A 84 12.82 -7.48 9.29
C SER A 84 13.04 -7.75 7.80
N ASP A 85 13.26 -9.02 7.46
CA ASP A 85 13.49 -9.41 6.07
C ASP A 85 12.21 -9.97 5.45
N TYR A 86 11.80 -9.40 4.32
CA TYR A 86 10.60 -9.84 3.63
C TYR A 86 10.81 -11.23 3.02
N ILE A 87 9.98 -12.19 3.43
CA ILE A 87 10.08 -13.55 2.93
C ILE A 87 8.92 -13.86 1.97
N ARG A 88 7.72 -13.94 2.52
CA ARG A 88 6.53 -14.23 1.71
C ARG A 88 5.36 -13.36 2.16
N GLY A 89 4.20 -13.54 1.52
CA GLY A 89 3.04 -12.76 1.87
C GLY A 89 3.30 -11.26 1.77
N GLY A 90 2.23 -10.47 1.80
CA GLY A 90 2.37 -9.04 1.72
C GLY A 90 1.60 -8.43 0.58
N ILE A 91 0.57 -7.68 0.91
CA ILE A 91 -0.25 -7.01 -0.09
C ILE A 91 -0.19 -5.49 0.11
N VAL A 92 0.10 -4.77 -0.96
CA VAL A 92 0.21 -3.32 -0.89
C VAL A 92 -1.06 -2.64 -1.40
N SER A 93 -1.77 -1.99 -0.50
CA SER A 93 -3.01 -1.30 -0.85
C SER A 93 -2.85 0.21 -0.65
N GLN A 94 -3.93 0.94 -0.88
CA GLN A 94 -3.92 2.40 -0.71
C GLN A 94 -4.80 2.82 0.46
N VAL A 95 -4.16 3.22 1.55
CA VAL A 95 -4.88 3.65 2.74
C VAL A 95 -5.80 4.83 2.44
N LYS A 96 -7.03 4.75 2.91
CA LYS A 96 -8.02 5.81 2.69
C LYS A 96 -8.61 6.30 4.00
N VAL A 97 -7.91 6.05 5.10
CA VAL A 97 -8.38 6.47 6.42
C VAL A 97 -9.81 6.00 6.69
N PRO A 98 -9.95 4.81 7.31
CA PRO A 98 -11.28 4.25 7.62
C PRO A 98 -11.99 5.03 8.72
N LYS A 99 -13.29 5.23 8.55
CA LYS A 99 -14.09 5.96 9.52
C LYS A 99 -14.89 5.01 10.39
N LYS A 100 -15.58 5.56 11.39
CA LYS A 100 -16.39 4.75 12.29
C LYS A 100 -17.65 4.23 11.59
N ILE A 101 -17.83 2.92 11.60
CA ILE A 101 -18.99 2.30 10.97
C ILE A 101 -20.02 1.86 12.00
N SER A 102 -21.27 2.22 11.76
CA SER A 102 -22.36 1.86 12.68
C SER A 102 -23.17 0.69 12.14
N PHE A 103 -22.52 -0.16 11.34
CA PHE A 103 -23.18 -1.32 10.76
C PHE A 103 -24.40 -0.90 9.95
N LYS A 104 -25.07 -1.88 9.35
CA LYS A 104 -26.26 -1.62 8.54
C LYS A 104 -27.51 -2.11 9.26
N SER A 105 -27.39 -3.22 9.98
CA SER A 105 -28.51 -3.79 10.71
C SER A 105 -28.02 -4.62 11.89
N LEU A 106 -28.90 -4.82 12.87
CA LEU A 106 -28.56 -5.60 14.05
C LEU A 106 -27.38 -4.97 14.80
N PRO A 107 -27.66 -3.97 15.64
CA PRO A 107 -26.62 -3.29 16.42
C PRO A 107 -26.05 -4.16 17.53
N ALA A 108 -26.94 -4.80 18.28
CA ALA A 108 -26.52 -5.67 19.38
C ALA A 108 -27.40 -6.91 19.46
N SER A 109 -27.16 -7.74 20.47
CA SER A 109 -27.95 -8.95 20.67
C SER A 109 -27.86 -9.41 22.12
N LEU A 110 -27.73 -8.46 23.04
CA LEU A 110 -27.63 -8.78 24.46
C LEU A 110 -28.23 -7.66 25.31
N VAL A 111 -29.19 -8.01 26.15
CA VAL A 111 -29.85 -7.04 27.01
C VAL A 111 -29.32 -7.12 28.44
N GLU A 112 -28.89 -8.31 28.84
CA GLU A 112 -28.35 -8.52 30.19
C GLU A 112 -29.40 -8.19 31.25
N GLU A 1 -2.50 38.77 -20.18
CA GLU A 1 -2.96 39.29 -18.86
C GLU A 1 -2.89 38.20 -17.80
N PHE A 2 -3.18 38.58 -16.56
CA PHE A 2 -3.15 37.64 -15.44
C PHE A 2 -4.56 37.39 -14.90
N GLY A 3 -4.83 36.15 -14.53
CA GLY A 3 -6.13 35.81 -14.00
C GLY A 3 -6.99 35.04 -14.99
N GLU A 4 -7.01 33.72 -14.87
CA GLU A 4 -7.79 32.88 -15.76
C GLU A 4 -8.44 31.74 -15.00
N GLU A 5 -7.62 30.84 -14.48
CA GLU A 5 -8.12 29.69 -13.72
C GLU A 5 -7.14 29.29 -12.62
N MET A 6 -5.86 29.20 -12.98
CA MET A 6 -4.83 28.83 -12.03
C MET A 6 -5.06 27.42 -11.50
N VAL A 7 -5.68 26.57 -12.32
CA VAL A 7 -5.95 25.19 -11.94
C VAL A 7 -6.91 25.14 -10.75
N LEU A 8 -8.02 24.43 -10.92
CA LEU A 8 -9.01 24.29 -9.87
C LEU A 8 -9.87 23.04 -10.09
N THR A 9 -9.60 22.00 -9.32
CA THR A 9 -10.36 20.76 -9.43
C THR A 9 -10.67 20.18 -8.06
N ASP A 10 -11.16 18.95 -8.03
CA ASP A 10 -11.50 18.28 -6.78
C ASP A 10 -10.64 17.05 -6.56
N SER A 11 -10.97 16.27 -5.54
CA SER A 11 -10.23 15.06 -5.23
C SER A 11 -10.83 13.84 -5.92
N ASN A 12 -10.00 12.86 -6.24
CA ASN A 12 -10.45 11.64 -6.90
C ASN A 12 -10.39 10.45 -5.96
N GLY A 13 -9.55 10.53 -4.94
CA GLY A 13 -9.42 9.44 -3.98
C GLY A 13 -10.74 9.05 -3.37
N GLU A 14 -11.24 7.87 -3.76
CA GLU A 14 -12.51 7.37 -3.25
C GLU A 14 -12.45 5.86 -3.06
N GLN A 15 -11.96 5.16 -4.07
CA GLN A 15 -11.85 3.71 -4.02
C GLN A 15 -10.40 3.27 -3.78
N PRO A 16 -10.11 2.69 -2.61
CA PRO A 16 -8.75 2.23 -2.27
C PRO A 16 -8.31 1.04 -3.12
N LEU A 17 -7.12 1.16 -3.70
CA LEU A 17 -6.58 0.09 -4.54
C LEU A 17 -6.07 -1.07 -3.68
N SER A 18 -5.55 -2.10 -4.34
CA SER A 18 -5.02 -3.27 -3.64
C SER A 18 -4.23 -4.16 -4.58
N ALA A 19 -2.91 -4.01 -4.56
CA ALA A 19 -2.03 -4.80 -5.41
C ALA A 19 -1.36 -5.90 -4.62
N MET A 20 -0.74 -6.85 -5.32
CA MET A 20 -0.06 -7.96 -4.67
C MET A 20 1.45 -7.78 -4.73
N VAL A 21 2.14 -8.25 -3.70
CA VAL A 21 3.59 -8.15 -3.63
C VAL A 21 4.25 -9.47 -4.03
N SER A 22 5.23 -9.40 -4.93
CA SER A 22 5.93 -10.60 -5.39
C SER A 22 7.36 -10.62 -4.86
N MET A 23 7.97 -9.45 -4.75
CA MET A 23 9.34 -9.35 -4.26
C MET A 23 9.62 -7.96 -3.69
N VAL A 24 10.49 -7.90 -2.69
CA VAL A 24 10.85 -6.63 -2.06
C VAL A 24 12.22 -6.72 -1.39
N THR A 25 13.18 -5.98 -1.93
CA THR A 25 14.54 -5.97 -1.39
C THR A 25 14.59 -5.26 -0.05
N LYS A 26 15.30 -5.86 0.90
CA LYS A 26 15.43 -5.28 2.24
C LYS A 26 16.62 -4.33 2.29
N ASP A 27 16.41 -3.09 1.86
CA ASP A 27 17.47 -2.09 1.86
C ASP A 27 16.98 -0.79 2.52
N ASN A 28 17.48 0.35 2.05
CA ASN A 28 17.08 1.63 2.61
C ASN A 28 17.06 2.71 1.53
N PRO A 29 15.86 3.09 1.03
CA PRO A 29 14.58 2.52 1.48
C PRO A 29 14.42 1.06 1.07
N GLY A 30 14.15 0.83 -0.21
CA GLY A 30 13.97 -0.53 -0.71
C GLY A 30 13.10 -0.57 -1.94
N VAL A 31 13.48 -1.42 -2.90
CA VAL A 31 12.72 -1.55 -4.15
C VAL A 31 11.81 -2.77 -4.10
N VAL A 32 10.54 -2.55 -4.40
CA VAL A 32 9.56 -3.63 -4.40
C VAL A 32 8.98 -3.86 -5.79
N THR A 33 8.53 -5.08 -6.04
CA THR A 33 7.94 -5.42 -7.34
C THR A 33 6.48 -5.85 -7.15
N CYS A 34 5.71 -5.76 -8.23
CA CYS A 34 4.30 -6.13 -8.17
C CYS A 34 4.08 -7.53 -8.75
N LEU A 35 2.89 -8.07 -8.55
CA LEU A 35 2.55 -9.40 -9.05
C LEU A 35 2.45 -9.39 -10.58
N ASP A 36 2.75 -10.54 -11.18
CA ASP A 36 2.70 -10.66 -12.64
C ASP A 36 1.39 -10.11 -13.19
N GLU A 37 0.33 -10.16 -12.38
CA GLU A 37 -0.97 -9.65 -12.79
C GLU A 37 -1.59 -8.78 -11.69
N ALA A 38 -0.80 -7.87 -11.16
CA ALA A 38 -1.27 -6.97 -10.11
C ALA A 38 -1.84 -5.69 -10.70
N ARG A 39 -2.41 -4.85 -9.83
CA ARG A 39 -3.00 -3.59 -10.26
C ARG A 39 -2.29 -2.41 -9.62
N HIS A 40 -1.51 -1.68 -10.41
CA HIS A 40 -0.77 -0.53 -9.92
C HIS A 40 -1.58 0.76 -10.12
N GLY A 41 -1.68 1.56 -9.06
CA GLY A 41 -2.41 2.80 -9.14
C GLY A 41 -1.89 3.87 -8.20
N PHE A 42 -0.60 3.77 -7.86
CA PHE A 42 0.02 4.73 -6.96
C PHE A 42 1.05 5.58 -7.71
N GLU A 43 1.09 6.87 -7.37
CA GLU A 43 2.03 7.79 -8.01
C GLU A 43 3.17 8.15 -7.06
N THR A 44 4.13 8.92 -7.56
CA THR A 44 5.27 9.34 -6.76
C THR A 44 4.81 10.18 -5.57
N GLY A 45 4.51 9.52 -4.46
CA GLY A 45 4.06 10.22 -3.28
C GLY A 45 2.88 9.56 -2.61
N ASP A 46 2.21 8.66 -3.33
CA ASP A 46 1.05 7.94 -2.79
C ASP A 46 1.45 7.14 -1.55
N PHE A 47 0.46 6.70 -0.79
CA PHE A 47 0.72 5.92 0.41
C PHE A 47 0.21 4.50 0.26
N VAL A 48 0.87 3.56 0.94
CA VAL A 48 0.49 2.15 0.89
C VAL A 48 0.78 1.45 2.21
N SER A 49 -0.09 0.52 2.57
CA SER A 49 0.06 -0.24 3.81
C SER A 49 0.27 -1.71 3.51
N PHE A 50 0.76 -2.45 4.51
CA PHE A 50 1.02 -3.87 4.35
C PHE A 50 -0.13 -4.70 4.94
N SER A 51 -0.46 -5.81 4.28
CA SER A 51 -1.54 -6.68 4.73
C SER A 51 -0.98 -7.89 5.48
N GLU A 52 -0.90 -9.05 4.81
CA GLU A 52 -0.38 -10.25 5.45
C GLU A 52 1.05 -10.53 5.00
N VAL A 53 2.02 -9.94 5.70
CA VAL A 53 3.41 -10.14 5.36
C VAL A 53 4.08 -11.16 6.27
N GLN A 54 4.88 -12.04 5.68
CA GLN A 54 5.59 -13.06 6.44
C GLN A 54 7.03 -12.63 6.66
N GLY A 55 7.35 -12.26 7.90
CA GLY A 55 8.69 -11.81 8.21
C GLY A 55 8.77 -10.31 8.30
N MET A 56 8.56 -9.63 7.18
CA MET A 56 8.60 -8.17 7.15
C MET A 56 7.26 -7.58 7.57
N ILE A 57 6.84 -7.89 8.79
CA ILE A 57 5.58 -7.42 9.34
C ILE A 57 5.69 -5.99 9.85
N GLN A 58 6.85 -5.64 10.38
CA GLN A 58 7.09 -4.30 10.95
C GLN A 58 6.42 -3.20 10.14
N LEU A 59 6.35 -3.37 8.82
CA LEU A 59 5.72 -2.38 7.96
C LEU A 59 4.25 -2.22 8.32
N ASN A 60 3.52 -3.33 8.33
CA ASN A 60 2.10 -3.33 8.65
C ASN A 60 1.86 -2.73 10.04
N GLY A 61 2.79 -2.97 10.95
CA GLY A 61 2.66 -2.45 12.30
C GLY A 61 3.34 -1.10 12.47
N CYS A 62 3.10 -0.21 11.52
CA CYS A 62 3.70 1.12 11.57
C CYS A 62 2.96 2.09 10.65
N GLN A 63 1.67 1.86 10.46
CA GLN A 63 0.86 2.70 9.60
C GLN A 63 1.41 2.74 8.18
N PRO A 64 0.64 3.27 7.21
CA PRO A 64 1.09 3.35 5.82
C PRO A 64 2.30 4.25 5.65
N MET A 65 2.94 4.16 4.50
CA MET A 65 4.12 4.96 4.21
C MET A 65 4.04 5.57 2.82
N GLU A 66 5.13 6.18 2.37
CA GLU A 66 5.17 6.80 1.04
C GLU A 66 5.86 5.88 0.04
N ILE A 67 5.31 5.80 -1.16
CA ILE A 67 5.87 4.94 -2.20
C ILE A 67 6.50 5.75 -3.33
N LYS A 68 7.16 5.03 -4.22
CA LYS A 68 7.81 5.62 -5.37
C LYS A 68 7.66 4.68 -6.55
N VAL A 69 7.14 5.18 -7.66
CA VAL A 69 6.92 4.35 -8.83
C VAL A 69 8.04 4.51 -9.84
N LEU A 70 8.86 3.46 -9.94
CA LEU A 70 9.98 3.44 -10.86
C LEU A 70 9.54 2.98 -12.25
N GLY A 71 8.52 2.13 -12.28
CA GLY A 71 8.01 1.63 -13.54
C GLY A 71 6.66 0.96 -13.41
N PRO A 72 6.19 0.27 -14.46
CA PRO A 72 4.89 -0.42 -14.43
C PRO A 72 4.83 -1.47 -13.33
N TYR A 73 5.83 -2.33 -13.28
CA TYR A 73 5.91 -3.38 -12.28
C TYR A 73 7.07 -3.13 -11.32
N THR A 74 7.51 -1.88 -11.25
CA THR A 74 8.62 -1.51 -10.36
C THR A 74 8.25 -0.29 -9.52
N PHE A 75 8.76 -0.26 -8.30
CA PHE A 75 8.50 0.85 -7.38
C PHE A 75 9.22 0.62 -6.05
N SER A 76 9.49 1.72 -5.34
CA SER A 76 10.19 1.64 -4.07
C SER A 76 9.24 1.83 -2.90
N ILE A 77 9.75 1.58 -1.70
CA ILE A 77 8.97 1.71 -0.48
C ILE A 77 9.66 2.64 0.50
N CYS A 78 9.14 2.71 1.73
CA CYS A 78 9.73 3.57 2.76
C CYS A 78 11.03 2.97 3.28
N ASP A 79 11.53 3.53 4.38
CA ASP A 79 12.77 3.05 4.98
C ASP A 79 12.56 1.67 5.61
N THR A 80 13.08 0.64 4.96
CA THR A 80 12.94 -0.72 5.46
C THR A 80 14.28 -1.46 5.40
N SER A 81 15.18 -1.10 6.32
CA SER A 81 16.50 -1.73 6.39
C SER A 81 16.79 -2.29 7.76
N ASN A 82 16.27 -1.64 8.80
CA ASN A 82 16.49 -2.09 10.18
C ASN A 82 15.35 -2.97 10.68
N PHE A 83 14.64 -3.61 9.74
CA PHE A 83 13.53 -4.48 10.10
C PHE A 83 13.81 -5.92 9.69
N SER A 84 12.78 -6.76 9.72
CA SER A 84 12.92 -8.16 9.34
C SER A 84 13.04 -8.31 7.84
N ASP A 85 13.26 -9.54 7.38
CA ASP A 85 13.40 -9.82 5.96
C ASP A 85 12.10 -10.36 5.38
N TYR A 86 11.68 -9.79 4.25
CA TYR A 86 10.44 -10.21 3.60
C TYR A 86 10.59 -11.61 3.01
N ILE A 87 9.79 -12.54 3.50
CA ILE A 87 9.82 -13.92 3.03
C ILE A 87 8.65 -14.21 2.10
N ARG A 88 7.43 -14.05 2.61
CA ARG A 88 6.23 -14.29 1.83
C ARG A 88 5.10 -13.39 2.32
N GLY A 89 3.93 -13.52 1.70
CA GLY A 89 2.79 -12.70 2.10
C GLY A 89 3.08 -11.21 1.99
N GLY A 90 2.03 -10.41 1.88
CA GLY A 90 2.21 -8.98 1.79
C GLY A 90 1.45 -8.37 0.64
N ILE A 91 0.36 -7.68 0.96
CA ILE A 91 -0.46 -7.03 -0.05
C ILE A 91 -0.34 -5.51 0.08
N VAL A 92 -0.19 -4.84 -1.05
CA VAL A 92 -0.06 -3.38 -1.05
C VAL A 92 -1.37 -2.70 -1.39
N SER A 93 -1.95 -2.01 -0.40
CA SER A 93 -3.21 -1.31 -0.59
C SER A 93 -2.98 0.20 -0.65
N GLN A 94 -4.03 0.94 -0.98
CA GLN A 94 -3.94 2.40 -1.07
C GLN A 94 -4.71 3.07 0.07
N VAL A 95 -4.01 3.40 1.15
CA VAL A 95 -4.64 4.05 2.29
C VAL A 95 -5.28 5.37 1.89
N LYS A 96 -5.73 6.14 2.88
CA LYS A 96 -6.36 7.43 2.63
C LYS A 96 -5.48 8.31 1.76
N VAL A 97 -5.67 8.22 0.44
CA VAL A 97 -4.89 9.01 -0.51
C VAL A 97 -5.59 9.08 -1.86
N PRO A 98 -5.29 10.12 -2.65
CA PRO A 98 -5.91 10.30 -3.98
C PRO A 98 -5.46 9.23 -4.97
N LYS A 99 -6.20 9.11 -6.07
CA LYS A 99 -5.88 8.12 -7.09
C LYS A 99 -5.20 8.77 -8.28
N LYS A 100 -5.93 9.65 -8.98
CA LYS A 100 -5.39 10.34 -10.14
C LYS A 100 -6.01 11.72 -10.29
N ILE A 101 -5.17 12.71 -10.59
CA ILE A 101 -5.64 14.09 -10.76
C ILE A 101 -6.22 14.30 -12.15
N SER A 102 -7.34 15.01 -12.22
CA SER A 102 -7.99 15.29 -13.49
C SER A 102 -7.95 16.78 -13.80
N PHE A 103 -8.17 17.12 -15.07
CA PHE A 103 -8.16 18.51 -15.50
C PHE A 103 -9.10 18.72 -16.69
N LYS A 104 -9.42 19.99 -16.97
CA LYS A 104 -10.30 20.31 -18.09
C LYS A 104 -11.68 19.71 -17.88
N SER A 105 -12.67 20.57 -17.69
CA SER A 105 -14.05 20.12 -17.49
C SER A 105 -14.16 19.28 -16.20
N LEU A 106 -15.31 19.36 -15.56
CA LEU A 106 -15.55 18.62 -14.33
C LEU A 106 -17.04 18.35 -14.13
N PRO A 107 -17.54 17.23 -14.69
CA PRO A 107 -18.95 16.86 -14.57
C PRO A 107 -19.33 16.45 -13.15
N ALA A 108 -18.39 15.79 -12.47
CA ALA A 108 -18.62 15.34 -11.09
C ALA A 108 -19.78 14.35 -11.03
N SER A 109 -19.48 13.11 -10.68
CA SER A 109 -20.49 12.07 -10.58
C SER A 109 -21.32 12.25 -9.31
N LEU A 110 -22.52 12.80 -9.49
CA LEU A 110 -23.43 13.02 -8.36
C LEU A 110 -24.86 12.73 -8.75
N VAL A 111 -25.22 11.44 -8.77
CA VAL A 111 -26.56 11.02 -9.12
C VAL A 111 -27.36 10.65 -7.88
N GLU A 112 -26.70 10.05 -6.90
CA GLU A 112 -27.34 9.64 -5.66
C GLU A 112 -26.81 10.46 -4.49
N GLU A 1 -6.35 -14.82 11.69
CA GLU A 1 -6.06 -16.20 12.17
C GLU A 1 -5.71 -16.20 13.65
N PHE A 2 -6.73 -16.19 14.51
CA PHE A 2 -6.53 -16.20 15.95
C PHE A 2 -7.76 -16.73 16.67
N GLY A 3 -8.93 -16.23 16.28
CA GLY A 3 -10.17 -16.68 16.90
C GLY A 3 -10.71 -17.94 16.28
N GLU A 4 -11.77 -17.81 15.49
CA GLU A 4 -12.39 -18.96 14.83
C GLU A 4 -13.18 -18.52 13.60
N GLU A 5 -12.46 -18.06 12.58
CA GLU A 5 -13.09 -17.61 11.35
C GLU A 5 -14.01 -16.42 11.61
N MET A 6 -13.69 -15.28 11.01
CA MET A 6 -14.49 -14.08 11.17
C MET A 6 -14.52 -13.63 12.64
N VAL A 7 -13.89 -12.51 12.93
CA VAL A 7 -13.85 -11.98 14.29
C VAL A 7 -13.69 -10.46 14.28
N LEU A 8 -12.79 -9.96 13.42
CA LEU A 8 -12.55 -8.53 13.32
C LEU A 8 -13.26 -7.94 12.11
N THR A 9 -13.39 -8.75 11.05
CA THR A 9 -14.04 -8.31 9.82
C THR A 9 -15.56 -8.47 9.93
N ASP A 10 -16.28 -7.37 9.76
CA ASP A 10 -17.73 -7.38 9.83
C ASP A 10 -18.35 -6.56 8.70
N SER A 11 -17.89 -5.32 8.55
CA SER A 11 -18.40 -4.44 7.52
C SER A 11 -17.46 -4.41 6.31
N ASN A 12 -18.00 -4.77 5.14
CA ASN A 12 -17.22 -4.80 3.91
C ASN A 12 -17.86 -3.94 2.83
N GLY A 13 -17.03 -3.40 1.94
CA GLY A 13 -17.54 -2.57 0.87
C GLY A 13 -16.71 -2.66 -0.39
N GLU A 14 -15.73 -1.78 -0.53
CA GLU A 14 -14.85 -1.78 -1.70
C GLU A 14 -13.59 -0.98 -1.43
N GLN A 15 -12.52 -1.31 -2.14
CA GLN A 15 -11.24 -0.61 -1.98
C GLN A 15 -10.91 0.20 -3.23
N PRO A 16 -10.50 1.48 -3.05
CA PRO A 16 -10.14 2.36 -4.18
C PRO A 16 -9.10 1.73 -5.10
N LEU A 17 -7.92 1.48 -4.55
CA LEU A 17 -6.83 0.88 -5.31
C LEU A 17 -5.96 0.00 -4.42
N SER A 18 -5.65 -1.21 -4.91
CA SER A 18 -4.83 -2.14 -4.16
C SER A 18 -3.94 -2.95 -5.10
N ALA A 19 -3.03 -3.73 -4.51
CA ALA A 19 -2.12 -4.57 -5.30
C ALA A 19 -1.48 -5.64 -4.43
N MET A 20 -0.80 -6.58 -5.08
CA MET A 20 -0.14 -7.67 -4.36
C MET A 20 1.37 -7.54 -4.45
N VAL A 21 2.07 -8.13 -3.47
CA VAL A 21 3.52 -8.09 -3.43
C VAL A 21 4.13 -9.44 -3.78
N SER A 22 5.04 -9.44 -4.74
CA SER A 22 5.70 -10.67 -5.17
C SER A 22 7.13 -10.73 -4.67
N MET A 23 7.78 -9.58 -4.61
CA MET A 23 9.16 -9.50 -4.13
C MET A 23 9.50 -8.09 -3.66
N VAL A 24 10.20 -8.00 -2.53
CA VAL A 24 10.59 -6.71 -1.98
C VAL A 24 11.98 -6.78 -1.36
N THR A 25 12.88 -5.93 -1.85
CA THR A 25 14.26 -5.89 -1.35
C THR A 25 14.34 -5.08 -0.07
N LYS A 26 15.12 -5.57 0.89
CA LYS A 26 15.30 -4.89 2.16
C LYS A 26 16.50 -3.93 2.11
N ASP A 27 16.28 -2.78 1.48
CA ASP A 27 17.34 -1.78 1.35
C ASP A 27 16.90 -0.44 1.96
N ASN A 28 17.43 0.67 1.43
CA ASN A 28 17.09 1.99 1.95
C ASN A 28 17.39 3.08 0.91
N PRO A 29 16.41 3.42 0.05
CA PRO A 29 15.08 2.78 0.05
C PRO A 29 15.11 1.39 -0.54
N GLY A 30 14.01 0.67 -0.38
CA GLY A 30 13.93 -0.68 -0.91
C GLY A 30 13.08 -0.76 -2.17
N VAL A 31 13.46 -1.65 -3.08
CA VAL A 31 12.75 -1.81 -4.33
C VAL A 31 11.81 -3.02 -4.27
N VAL A 32 10.53 -2.78 -4.55
CA VAL A 32 9.53 -3.84 -4.53
C VAL A 32 8.83 -3.96 -5.88
N THR A 33 8.30 -5.15 -6.15
CA THR A 33 7.60 -5.42 -7.39
C THR A 33 6.18 -5.91 -7.12
N CYS A 34 5.35 -5.93 -8.16
CA CYS A 34 3.97 -6.38 -8.02
C CYS A 34 3.82 -7.83 -8.50
N LEU A 35 2.67 -8.41 -8.24
CA LEU A 35 2.39 -9.79 -8.65
C LEU A 35 2.19 -9.87 -10.17
N ASP A 36 2.33 -11.07 -10.71
CA ASP A 36 2.16 -11.28 -12.15
C ASP A 36 0.79 -10.78 -12.62
N GLU A 37 -0.18 -10.83 -11.72
CA GLU A 37 -1.54 -10.37 -12.05
C GLU A 37 -1.95 -9.22 -11.14
N ALA A 38 -0.99 -8.38 -10.78
CA ALA A 38 -1.25 -7.23 -9.91
C ALA A 38 -1.34 -5.95 -10.73
N ARG A 39 -1.97 -4.94 -10.16
CA ARG A 39 -2.13 -3.65 -10.83
C ARG A 39 -1.57 -2.51 -9.96
N HIS A 40 -0.90 -1.56 -10.61
CA HIS A 40 -0.33 -0.42 -9.90
C HIS A 40 -0.93 0.89 -10.41
N GLY A 41 -1.11 1.83 -9.49
CA GLY A 41 -1.68 3.12 -9.86
C GLY A 41 -1.36 4.22 -8.86
N PHE A 42 -0.25 4.07 -8.15
CA PHE A 42 0.16 5.05 -7.16
C PHE A 42 1.25 5.96 -7.72
N GLU A 43 1.19 7.23 -7.36
CA GLU A 43 2.17 8.20 -7.83
C GLU A 43 3.29 8.40 -6.82
N THR A 44 4.34 9.10 -7.22
CA THR A 44 5.47 9.36 -6.34
C THR A 44 5.03 10.13 -5.10
N GLY A 45 4.87 9.42 -3.99
CA GLY A 45 4.46 10.05 -2.76
C GLY A 45 3.11 9.55 -2.26
N ASP A 46 2.70 8.38 -2.74
CA ASP A 46 1.43 7.80 -2.33
C ASP A 46 1.58 7.01 -1.04
N PHE A 47 0.46 6.61 -0.45
CA PHE A 47 0.48 5.85 0.80
C PHE A 47 0.07 4.40 0.55
N VAL A 48 0.74 3.48 1.25
CA VAL A 48 0.45 2.06 1.12
C VAL A 48 0.64 1.33 2.44
N SER A 49 -0.21 0.35 2.71
CA SER A 49 -0.14 -0.42 3.94
C SER A 49 0.06 -1.90 3.64
N PHE A 50 0.49 -2.65 4.65
CA PHE A 50 0.71 -4.08 4.49
C PHE A 50 -0.46 -4.89 5.05
N SER A 51 -0.70 -6.06 4.46
CA SER A 51 -1.79 -6.92 4.90
C SER A 51 -1.27 -8.16 5.62
N GLU A 52 -0.92 -9.19 4.85
CA GLU A 52 -0.39 -10.42 5.43
C GLU A 52 1.03 -10.67 4.91
N VAL A 53 2.02 -10.19 5.65
CA VAL A 53 3.41 -10.35 5.25
C VAL A 53 4.17 -11.29 6.19
N GLN A 54 5.02 -12.12 5.62
CA GLN A 54 5.82 -13.06 6.41
C GLN A 54 7.26 -12.55 6.53
N GLY A 55 7.62 -12.15 7.74
CA GLY A 55 8.96 -11.63 7.97
C GLY A 55 8.97 -10.11 8.04
N MET A 56 8.50 -9.47 6.97
CA MET A 56 8.43 -8.02 6.92
C MET A 56 7.09 -7.52 7.47
N ILE A 57 6.77 -7.96 8.68
CA ILE A 57 5.51 -7.58 9.33
C ILE A 57 5.58 -6.18 9.92
N GLN A 58 6.76 -5.80 10.40
CA GLN A 58 6.96 -4.49 11.03
C GLN A 58 6.20 -3.39 10.30
N LEU A 59 6.09 -3.50 8.98
CA LEU A 59 5.38 -2.50 8.18
C LEU A 59 3.90 -2.50 8.51
N ASN A 60 3.32 -3.70 8.59
CA ASN A 60 1.91 -3.85 8.89
C ASN A 60 1.56 -3.20 10.22
N GLY A 61 2.46 -3.34 11.19
CA GLY A 61 2.23 -2.76 12.51
C GLY A 61 2.96 -1.44 12.69
N CYS A 62 2.80 -0.54 11.73
CA CYS A 62 3.46 0.76 11.80
C CYS A 62 2.79 1.76 10.86
N GLN A 63 1.49 1.57 10.64
CA GLN A 63 0.74 2.47 9.76
C GLN A 63 1.33 2.46 8.36
N PRO A 64 0.60 2.99 7.36
CA PRO A 64 1.06 3.05 5.97
C PRO A 64 2.32 3.89 5.82
N MET A 65 2.98 3.76 4.67
CA MET A 65 4.20 4.51 4.40
C MET A 65 4.12 5.19 3.04
N GLU A 66 5.22 5.81 2.62
CA GLU A 66 5.27 6.49 1.33
C GLU A 66 5.96 5.63 0.29
N ILE A 67 5.38 5.58 -0.91
CA ILE A 67 5.94 4.77 -1.98
C ILE A 67 6.67 5.60 -3.01
N LYS A 68 7.27 4.89 -3.96
CA LYS A 68 8.01 5.52 -5.05
C LYS A 68 7.89 4.63 -6.27
N VAL A 69 7.51 5.21 -7.40
CA VAL A 69 7.33 4.43 -8.62
C VAL A 69 8.55 4.52 -9.52
N LEU A 70 9.11 3.36 -9.83
CA LEU A 70 10.28 3.26 -10.68
C LEU A 70 9.90 2.84 -12.10
N GLY A 71 8.80 2.09 -12.19
CA GLY A 71 8.33 1.64 -13.49
C GLY A 71 6.87 1.22 -13.47
N PRO A 72 6.36 0.63 -14.57
CA PRO A 72 4.97 0.18 -14.65
C PRO A 72 4.66 -0.92 -13.64
N TYR A 73 5.65 -1.76 -13.39
CA TYR A 73 5.48 -2.86 -12.44
C TYR A 73 6.56 -2.82 -11.34
N THR A 74 7.41 -1.79 -11.40
CA THR A 74 8.48 -1.64 -10.41
C THR A 74 8.26 -0.40 -9.57
N PHE A 75 8.77 -0.42 -8.34
CA PHE A 75 8.62 0.71 -7.43
C PHE A 75 9.39 0.46 -6.13
N SER A 76 9.52 1.50 -5.31
CA SER A 76 10.24 1.39 -4.04
C SER A 76 9.37 1.82 -2.87
N ILE A 77 9.85 1.56 -1.66
CA ILE A 77 9.12 1.92 -0.44
C ILE A 77 9.99 2.78 0.47
N CYS A 78 9.44 3.15 1.62
CA CYS A 78 10.16 3.97 2.59
C CYS A 78 11.44 3.25 3.03
N ASP A 79 12.12 3.84 4.01
CA ASP A 79 13.36 3.27 4.54
C ASP A 79 13.12 1.86 5.06
N THR A 80 13.60 0.87 4.32
CA THR A 80 13.44 -0.53 4.72
C THR A 80 14.71 -1.06 5.36
N SER A 81 15.42 -0.19 6.07
CA SER A 81 16.65 -0.58 6.75
C SER A 81 16.46 -0.61 8.26
N ASN A 82 15.25 -0.93 8.69
CA ASN A 82 14.94 -1.01 10.11
C ASN A 82 13.84 -2.03 10.37
N PHE A 83 13.79 -3.07 9.55
CA PHE A 83 12.79 -4.12 9.70
C PHE A 83 13.41 -5.50 9.48
N SER A 84 12.57 -6.51 9.35
CA SER A 84 13.04 -7.88 9.14
C SER A 84 13.14 -8.19 7.65
N ASP A 85 13.66 -9.37 7.33
CA ASP A 85 13.81 -9.80 5.95
C ASP A 85 12.53 -10.42 5.42
N TYR A 86 11.98 -9.84 4.37
CA TYR A 86 10.75 -10.34 3.76
C TYR A 86 10.90 -11.80 3.35
N ILE A 87 9.88 -12.60 3.65
CA ILE A 87 9.89 -14.02 3.31
C ILE A 87 8.85 -14.37 2.26
N ARG A 88 7.58 -14.10 2.59
CA ARG A 88 6.48 -14.38 1.68
C ARG A 88 5.21 -13.67 2.14
N GLY A 89 4.17 -13.73 1.31
CA GLY A 89 2.91 -13.09 1.66
C GLY A 89 3.07 -11.59 1.82
N GLY A 90 1.99 -10.85 1.53
CA GLY A 90 2.05 -9.41 1.66
C GLY A 90 1.29 -8.70 0.56
N ILE A 91 0.20 -8.04 0.93
CA ILE A 91 -0.61 -7.31 -0.02
C ILE A 91 -0.48 -5.80 0.19
N VAL A 92 -0.18 -5.08 -0.88
CA VAL A 92 -0.01 -3.63 -0.80
C VAL A 92 -1.27 -2.90 -1.26
N SER A 93 -1.90 -2.19 -0.34
CA SER A 93 -3.12 -1.44 -0.65
C SER A 93 -2.84 0.06 -0.63
N GLN A 94 -3.89 0.84 -0.85
CA GLN A 94 -3.75 2.30 -0.86
C GLN A 94 -4.63 2.94 0.22
N VAL A 95 -4.01 3.34 1.31
CA VAL A 95 -4.73 3.96 2.42
C VAL A 95 -5.15 5.39 2.05
N LYS A 96 -6.02 5.51 1.06
CA LYS A 96 -6.51 6.82 0.62
C LYS A 96 -8.03 6.84 0.60
N VAL A 97 -8.62 7.33 1.69
CA VAL A 97 -10.08 7.42 1.80
C VAL A 97 -10.51 8.77 2.37
N PRO A 98 -11.16 9.61 1.55
CA PRO A 98 -11.62 10.93 1.99
C PRO A 98 -12.54 10.86 3.22
N LYS A 99 -13.10 9.67 3.46
CA LYS A 99 -13.99 9.44 4.60
C LYS A 99 -15.04 10.55 4.72
N LYS A 100 -16.24 10.27 4.26
CA LYS A 100 -17.34 11.23 4.32
C LYS A 100 -17.07 12.42 3.40
N ILE A 101 -18.01 13.36 3.36
CA ILE A 101 -17.90 14.56 2.53
C ILE A 101 -17.59 14.21 1.08
N SER A 102 -17.85 15.16 0.18
CA SER A 102 -17.61 14.94 -1.24
C SER A 102 -17.36 16.27 -1.95
N PHE A 103 -18.19 17.26 -1.68
CA PHE A 103 -18.06 18.58 -2.29
C PHE A 103 -18.40 19.68 -1.29
N LYS A 104 -17.80 20.84 -1.47
CA LYS A 104 -18.02 21.99 -0.59
C LYS A 104 -17.60 21.66 0.84
N SER A 105 -16.62 22.41 1.34
CA SER A 105 -16.12 22.21 2.69
C SER A 105 -15.80 23.54 3.37
N LEU A 106 -16.54 24.58 3.00
CA LEU A 106 -16.33 25.90 3.56
C LEU A 106 -17.30 26.17 4.70
N PRO A 107 -16.91 27.00 5.68
CA PRO A 107 -17.75 27.34 6.83
C PRO A 107 -18.93 28.24 6.44
N ALA A 108 -19.63 28.75 7.44
CA ALA A 108 -20.78 29.62 7.19
C ALA A 108 -20.55 31.01 7.79
N SER A 109 -20.91 32.04 7.03
CA SER A 109 -20.74 33.42 7.48
C SER A 109 -22.09 34.12 7.58
N LEU A 110 -22.20 35.05 8.53
CA LEU A 110 -23.44 35.80 8.72
C LEU A 110 -23.29 37.23 8.20
N VAL A 111 -22.10 37.79 8.34
CA VAL A 111 -21.83 39.15 7.89
C VAL A 111 -20.65 39.18 6.92
N GLU A 112 -20.61 40.20 6.07
CA GLU A 112 -19.54 40.34 5.10
C GLU A 112 -19.50 39.15 4.15
N GLU A 1 -29.66 -5.96 -25.46
CA GLU A 1 -28.60 -5.67 -24.47
C GLU A 1 -28.87 -4.37 -23.73
N PHE A 2 -28.28 -4.23 -22.55
CA PHE A 2 -28.47 -3.03 -21.73
C PHE A 2 -27.27 -2.10 -21.86
N GLY A 3 -26.09 -2.68 -22.07
CA GLY A 3 -24.89 -1.88 -22.21
C GLY A 3 -23.67 -2.57 -21.65
N GLU A 4 -22.55 -2.48 -22.37
CA GLU A 4 -21.31 -3.10 -21.93
C GLU A 4 -20.61 -2.25 -20.87
N GLU A 5 -20.65 -0.93 -21.06
CA GLU A 5 -20.02 -0.01 -20.12
C GLU A 5 -18.52 -0.28 -20.01
N MET A 6 -17.74 0.45 -20.79
CA MET A 6 -16.29 0.30 -20.79
C MET A 6 -15.62 1.31 -21.72
N VAL A 7 -14.72 2.11 -21.17
CA VAL A 7 -14.02 3.12 -21.95
C VAL A 7 -12.51 2.94 -21.84
N LEU A 8 -12.00 1.87 -22.43
CA LEU A 8 -10.56 1.58 -22.41
C LEU A 8 -10.08 1.33 -20.98
N THR A 9 -9.86 2.41 -20.24
CA THR A 9 -9.39 2.29 -18.86
C THR A 9 -10.54 2.45 -17.87
N ASP A 10 -11.43 3.40 -18.15
CA ASP A 10 -12.58 3.65 -17.29
C ASP A 10 -12.13 4.13 -15.91
N SER A 11 -12.12 5.46 -15.73
CA SER A 11 -11.71 6.04 -14.47
C SER A 11 -12.28 7.45 -14.32
N ASN A 12 -12.66 7.81 -13.09
CA ASN A 12 -13.21 9.12 -12.82
C ASN A 12 -13.01 9.51 -11.37
N GLY A 13 -12.17 10.52 -11.13
CA GLY A 13 -11.91 10.97 -9.78
C GLY A 13 -11.03 10.00 -9.01
N GLU A 14 -11.40 9.73 -7.77
CA GLU A 14 -10.64 8.82 -6.92
C GLU A 14 -11.33 7.46 -6.80
N GLN A 15 -10.55 6.41 -6.62
CA GLN A 15 -11.10 5.07 -6.48
C GLN A 15 -10.12 4.16 -5.73
N PRO A 16 -10.56 3.56 -4.61
CA PRO A 16 -9.71 2.66 -3.81
C PRO A 16 -9.11 1.54 -4.64
N LEU A 17 -7.78 1.46 -4.66
CA LEU A 17 -7.09 0.43 -5.41
C LEU A 17 -6.24 -0.44 -4.48
N SER A 18 -5.58 -1.44 -5.05
CA SER A 18 -4.73 -2.33 -4.27
C SER A 18 -3.76 -3.10 -5.18
N ALA A 19 -2.80 -3.79 -4.56
CA ALA A 19 -1.82 -4.56 -5.31
C ALA A 19 -1.12 -5.57 -4.41
N MET A 20 -0.74 -6.71 -4.98
CA MET A 20 -0.06 -7.75 -4.23
C MET A 20 1.45 -7.61 -4.33
N VAL A 21 2.16 -8.24 -3.39
CA VAL A 21 3.62 -8.18 -3.37
C VAL A 21 4.22 -9.52 -3.77
N SER A 22 5.07 -9.51 -4.79
CA SER A 22 5.71 -10.72 -5.28
C SER A 22 7.15 -10.80 -4.78
N MET A 23 7.79 -9.64 -4.61
CA MET A 23 9.16 -9.57 -4.14
C MET A 23 9.52 -8.17 -3.69
N VAL A 24 10.33 -8.08 -2.64
CA VAL A 24 10.75 -6.79 -2.10
C VAL A 24 12.14 -6.88 -1.47
N THR A 25 12.96 -5.86 -1.74
CA THR A 25 14.32 -5.83 -1.21
C THR A 25 14.36 -5.12 0.15
N LYS A 26 15.23 -5.59 1.02
CA LYS A 26 15.37 -5.00 2.35
C LYS A 26 16.44 -3.92 2.37
N ASP A 27 16.10 -2.74 1.86
CA ASP A 27 17.04 -1.62 1.81
C ASP A 27 16.40 -0.35 2.34
N ASN A 28 16.99 0.80 2.00
CA ASN A 28 16.46 2.08 2.46
C ASN A 28 16.84 3.21 1.49
N PRO A 29 15.99 3.49 0.49
CA PRO A 29 14.73 2.76 0.26
C PRO A 29 14.96 1.44 -0.44
N GLY A 30 13.91 0.62 -0.51
CA GLY A 30 14.02 -0.67 -1.15
C GLY A 30 13.15 -0.75 -2.40
N VAL A 31 13.52 -1.65 -3.31
CA VAL A 31 12.77 -1.83 -4.54
C VAL A 31 11.82 -3.02 -4.45
N VAL A 32 10.55 -2.78 -4.72
CA VAL A 32 9.53 -3.82 -4.65
C VAL A 32 8.79 -3.95 -5.98
N THR A 33 8.23 -5.13 -6.22
CA THR A 33 7.49 -5.40 -7.45
C THR A 33 6.08 -5.89 -7.11
N CYS A 34 5.17 -5.76 -8.08
CA CYS A 34 3.79 -6.18 -7.88
C CYS A 34 3.54 -7.55 -8.52
N LEU A 35 2.43 -8.17 -8.16
CA LEU A 35 2.08 -9.47 -8.70
C LEU A 35 1.94 -9.41 -10.21
N ASP A 36 2.23 -10.53 -10.87
CA ASP A 36 2.15 -10.62 -12.33
C ASP A 36 0.79 -10.14 -12.84
N GLU A 37 -0.23 -10.28 -12.00
CA GLU A 37 -1.58 -9.86 -12.36
C GLU A 37 -1.91 -8.50 -11.76
N ALA A 38 -1.27 -8.18 -10.64
CA ALA A 38 -1.51 -6.92 -9.96
C ALA A 38 -0.85 -5.76 -10.71
N ARG A 39 -1.55 -4.63 -10.76
CA ARG A 39 -1.03 -3.45 -11.44
C ARG A 39 -0.91 -2.27 -10.47
N HIS A 40 0.12 -1.44 -10.68
CA HIS A 40 0.34 -0.28 -9.83
C HIS A 40 -0.46 0.92 -10.32
N GLY A 41 -1.16 1.58 -9.39
CA GLY A 41 -1.96 2.73 -9.75
C GLY A 41 -1.54 3.99 -9.03
N PHE A 42 -0.81 3.83 -7.92
CA PHE A 42 -0.34 4.97 -7.15
C PHE A 42 0.88 5.62 -7.79
N GLU A 43 0.99 6.94 -7.68
CA GLU A 43 2.11 7.66 -8.25
C GLU A 43 3.14 8.02 -7.19
N THR A 44 4.21 8.68 -7.61
CA THR A 44 5.27 9.08 -6.68
C THR A 44 4.74 10.08 -5.64
N GLY A 45 4.55 9.61 -4.42
CA GLY A 45 4.05 10.48 -3.37
C GLY A 45 2.84 9.90 -2.65
N ASP A 46 2.34 8.77 -3.13
CA ASP A 46 1.18 8.12 -2.52
C ASP A 46 1.59 7.33 -1.29
N PHE A 47 0.60 6.81 -0.55
CA PHE A 47 0.86 6.03 0.65
C PHE A 47 0.24 4.65 0.54
N VAL A 48 0.83 3.69 1.25
CA VAL A 48 0.33 2.32 1.24
C VAL A 48 0.77 1.57 2.49
N SER A 49 -0.01 0.55 2.86
CA SER A 49 0.29 -0.26 4.03
C SER A 49 0.37 -1.74 3.67
N PHE A 50 0.83 -2.56 4.60
CA PHE A 50 0.95 -4.00 4.38
C PHE A 50 -0.22 -4.76 4.99
N SER A 51 -0.45 -5.98 4.51
CA SER A 51 -1.54 -6.80 5.02
C SER A 51 -1.00 -8.04 5.75
N GLU A 52 -0.76 -9.12 5.00
CA GLU A 52 -0.23 -10.35 5.59
C GLU A 52 1.17 -10.65 5.08
N VAL A 53 2.17 -10.11 5.75
CA VAL A 53 3.55 -10.33 5.36
C VAL A 53 4.22 -11.41 6.20
N GLN A 54 5.28 -11.99 5.67
CA GLN A 54 6.03 -13.03 6.37
C GLN A 54 7.46 -12.58 6.60
N GLY A 55 7.78 -12.23 7.84
CA GLY A 55 9.11 -11.77 8.16
C GLY A 55 9.16 -10.25 8.30
N MET A 56 8.74 -9.57 7.24
CA MET A 56 8.71 -8.11 7.25
C MET A 56 7.31 -7.60 7.60
N ILE A 57 6.78 -8.11 8.71
CA ILE A 57 5.45 -7.74 9.18
C ILE A 57 5.46 -6.36 9.82
N GLN A 58 6.56 -6.01 10.48
CA GLN A 58 6.70 -4.73 11.16
C GLN A 58 6.07 -3.59 10.35
N LEU A 59 6.16 -3.69 9.02
CA LEU A 59 5.58 -2.67 8.14
C LEU A 59 4.08 -2.54 8.38
N ASN A 60 3.40 -3.68 8.43
CA ASN A 60 1.95 -3.72 8.65
C ASN A 60 1.59 -3.02 9.96
N GLY A 61 2.33 -3.35 11.02
CA GLY A 61 2.07 -2.76 12.32
C GLY A 61 2.88 -1.48 12.55
N CYS A 62 2.87 -0.60 11.55
CA CYS A 62 3.61 0.65 11.66
C CYS A 62 2.94 1.74 10.81
N GLN A 63 1.62 1.69 10.73
CA GLN A 63 0.87 2.68 9.95
C GLN A 63 1.29 2.65 8.49
N PRO A 64 0.53 3.31 7.59
CA PRO A 64 0.84 3.34 6.16
C PRO A 64 2.13 4.11 5.88
N MET A 65 2.81 3.74 4.80
CA MET A 65 4.05 4.40 4.41
C MET A 65 3.91 5.04 3.04
N GLU A 66 4.99 5.64 2.56
CA GLU A 66 5.00 6.30 1.25
C GLU A 66 5.62 5.39 0.20
N ILE A 67 5.28 5.63 -1.07
CA ILE A 67 5.81 4.82 -2.15
C ILE A 67 6.47 5.65 -3.23
N LYS A 68 7.14 4.96 -4.14
CA LYS A 68 7.81 5.59 -5.26
C LYS A 68 7.71 4.66 -6.46
N VAL A 69 7.23 5.17 -7.58
CA VAL A 69 7.05 4.36 -8.78
C VAL A 69 8.22 4.52 -9.73
N LEU A 70 8.87 3.40 -10.00
CA LEU A 70 10.02 3.35 -10.89
C LEU A 70 9.61 2.88 -12.27
N GLY A 71 8.58 2.03 -12.31
CA GLY A 71 8.11 1.52 -13.59
C GLY A 71 6.71 0.93 -13.49
N PRO A 72 6.20 0.31 -14.57
CA PRO A 72 4.87 -0.30 -14.58
C PRO A 72 4.62 -1.18 -13.36
N TYR A 73 5.45 -2.21 -13.20
CA TYR A 73 5.33 -3.12 -12.08
C TYR A 73 6.47 -2.94 -11.09
N THR A 74 7.32 -1.93 -11.32
CA THR A 74 8.45 -1.66 -10.44
C THR A 74 8.19 -0.41 -9.60
N PHE A 75 8.75 -0.37 -8.40
CA PHE A 75 8.58 0.76 -7.50
C PHE A 75 9.38 0.56 -6.22
N SER A 76 9.52 1.63 -5.44
CA SER A 76 10.27 1.57 -4.19
C SER A 76 9.38 1.86 -3.00
N ILE A 77 9.92 1.64 -1.79
CA ILE A 77 9.17 1.88 -0.56
C ILE A 77 10.00 2.70 0.42
N CYS A 78 9.42 2.99 1.58
CA CYS A 78 10.12 3.75 2.61
C CYS A 78 11.31 2.98 3.16
N ASP A 79 12.01 3.58 4.11
CA ASP A 79 13.18 2.94 4.72
C ASP A 79 12.79 1.61 5.37
N THR A 80 13.22 0.51 4.77
CA THR A 80 12.92 -0.81 5.29
C THR A 80 14.20 -1.60 5.57
N SER A 81 15.26 -0.88 5.91
CA SER A 81 16.54 -1.51 6.21
C SER A 81 16.75 -1.66 7.72
N ASN A 82 15.65 -1.84 8.44
CA ASN A 82 15.70 -1.99 9.88
C ASN A 82 14.89 -3.21 10.33
N PHE A 83 13.68 -3.34 9.79
CA PHE A 83 12.80 -4.44 10.13
C PHE A 83 13.45 -5.78 9.79
N SER A 84 12.66 -6.84 9.82
CA SER A 84 13.16 -8.18 9.51
C SER A 84 13.26 -8.38 8.01
N ASP A 85 13.76 -9.54 7.60
CA ASP A 85 13.91 -9.87 6.19
C ASP A 85 12.62 -10.40 5.61
N TYR A 86 12.15 -9.78 4.52
CA TYR A 86 10.92 -10.21 3.87
C TYR A 86 11.03 -11.64 3.37
N ILE A 87 9.99 -12.44 3.61
CA ILE A 87 9.99 -13.84 3.18
C ILE A 87 8.86 -14.09 2.19
N ARG A 88 7.62 -13.96 2.67
CA ARG A 88 6.45 -14.17 1.84
C ARG A 88 5.30 -13.27 2.29
N GLY A 89 4.13 -13.46 1.69
CA GLY A 89 2.98 -12.65 2.07
C GLY A 89 3.25 -11.16 1.92
N GLY A 90 2.21 -10.35 2.04
CA GLY A 90 2.37 -8.92 1.93
C GLY A 90 1.58 -8.33 0.79
N ILE A 91 0.51 -7.64 1.13
CA ILE A 91 -0.34 -6.99 0.14
C ILE A 91 -0.32 -5.48 0.34
N VAL A 92 0.01 -4.75 -0.72
CA VAL A 92 0.07 -3.30 -0.66
C VAL A 92 -1.18 -2.65 -1.24
N SER A 93 -1.87 -1.88 -0.40
CA SER A 93 -3.09 -1.20 -0.81
C SER A 93 -2.99 0.29 -0.54
N GLN A 94 -3.95 1.05 -1.05
CA GLN A 94 -3.97 2.50 -0.86
C GLN A 94 -4.67 2.86 0.44
N VAL A 95 -3.93 3.49 1.34
CA VAL A 95 -4.46 3.89 2.63
C VAL A 95 -5.30 5.17 2.50
N LYS A 96 -6.09 5.45 3.53
CA LYS A 96 -6.95 6.65 3.52
C LYS A 96 -7.39 7.00 4.94
N VAL A 97 -6.56 6.68 5.92
CA VAL A 97 -6.86 6.96 7.31
C VAL A 97 -6.53 8.41 7.68
N PRO A 98 -5.35 8.89 7.27
CA PRO A 98 -4.92 10.28 7.55
C PRO A 98 -5.84 11.31 6.90
N LYS A 99 -6.48 10.92 5.80
CA LYS A 99 -7.38 11.81 5.09
C LYS A 99 -8.51 12.30 6.00
N LYS A 100 -9.05 13.46 5.68
CA LYS A 100 -10.14 14.04 6.47
C LYS A 100 -9.71 14.26 7.91
N ILE A 101 -8.42 14.52 8.11
CA ILE A 101 -7.89 14.75 9.44
C ILE A 101 -8.02 13.50 10.31
N SER A 102 -6.95 13.16 11.02
CA SER A 102 -6.95 11.99 11.89
C SER A 102 -6.38 12.34 13.27
N PHE A 103 -6.44 11.38 14.18
CA PHE A 103 -5.94 11.58 15.53
C PHE A 103 -5.10 10.39 15.98
N LYS A 104 -4.39 10.55 17.11
CA LYS A 104 -3.56 9.49 17.64
C LYS A 104 -4.27 8.74 18.76
N SER A 105 -5.60 8.66 18.66
CA SER A 105 -6.40 7.97 19.67
C SER A 105 -6.92 6.65 19.13
N LEU A 106 -7.70 5.95 19.96
CA LEU A 106 -8.26 4.66 19.57
C LEU A 106 -9.74 4.59 19.91
N PRO A 107 -10.61 5.06 18.98
CA PRO A 107 -12.06 5.05 19.18
C PRO A 107 -12.58 3.68 19.61
N ALA A 108 -11.85 2.64 19.24
CA ALA A 108 -12.24 1.27 19.58
C ALA A 108 -13.58 0.91 18.97
N SER A 109 -13.56 0.01 17.99
CA SER A 109 -14.78 -0.42 17.31
C SER A 109 -15.27 -1.74 17.88
N LEU A 110 -16.48 -1.71 18.47
CA LEU A 110 -17.06 -2.91 19.05
C LEU A 110 -18.45 -3.18 18.46
N VAL A 111 -18.63 -2.79 17.20
CA VAL A 111 -19.91 -3.00 16.52
C VAL A 111 -19.90 -4.29 15.71
N GLU A 112 -19.37 -5.36 16.31
CA GLU A 112 -19.31 -6.66 15.65
C GLU A 112 -18.48 -6.58 14.38
N GLU A 1 -24.33 3.08 9.60
CA GLU A 1 -24.58 3.20 11.06
C GLU A 1 -25.52 2.09 11.54
N PHE A 2 -26.66 1.97 10.89
CA PHE A 2 -27.64 0.94 11.26
C PHE A 2 -27.65 -0.20 10.24
N GLY A 3 -27.65 -1.43 10.75
CA GLY A 3 -27.66 -2.59 9.87
C GLY A 3 -26.31 -2.81 9.20
N GLU A 4 -26.22 -2.48 7.92
CA GLU A 4 -24.97 -2.66 7.18
C GLU A 4 -24.57 -4.13 7.13
N GLU A 5 -24.61 -4.72 5.95
CA GLU A 5 -24.25 -6.12 5.78
C GLU A 5 -22.79 -6.25 5.34
N MET A 6 -22.31 -5.27 4.59
CA MET A 6 -20.94 -5.27 4.10
C MET A 6 -19.95 -5.12 5.26
N VAL A 7 -19.24 -6.20 5.56
CA VAL A 7 -18.26 -6.19 6.64
C VAL A 7 -16.84 -6.38 6.11
N LEU A 8 -16.61 -5.90 4.89
CA LEU A 8 -15.29 -6.02 4.27
C LEU A 8 -14.38 -4.87 4.67
N THR A 9 -13.08 -5.06 4.51
CA THR A 9 -12.10 -4.04 4.87
C THR A 9 -11.20 -3.72 3.68
N ASP A 10 -10.65 -2.51 3.67
CA ASP A 10 -9.76 -2.08 2.59
C ASP A 10 -10.50 -2.05 1.26
N SER A 11 -10.13 -1.11 0.40
CA SER A 11 -10.75 -0.98 -0.91
C SER A 11 -12.25 -0.71 -0.77
N ASN A 12 -12.64 -0.05 0.32
CA ASN A 12 -14.05 0.25 0.56
C ASN A 12 -14.55 1.29 -0.43
N GLY A 13 -13.66 2.18 -0.87
CA GLY A 13 -14.04 3.21 -1.81
C GLY A 13 -13.42 3.00 -3.18
N GLU A 14 -13.91 3.75 -4.17
CA GLU A 14 -13.39 3.63 -5.53
C GLU A 14 -12.05 4.36 -5.66
N GLN A 15 -11.87 5.40 -4.87
CA GLN A 15 -10.63 6.17 -4.89
C GLN A 15 -9.42 5.30 -4.60
N PRO A 16 -9.38 4.68 -3.39
CA PRO A 16 -8.27 3.80 -3.00
C PRO A 16 -8.23 2.51 -3.80
N LEU A 17 -7.03 1.96 -3.96
CA LEU A 17 -6.86 0.73 -4.71
C LEU A 17 -6.02 -0.28 -3.93
N SER A 18 -5.68 -1.40 -4.56
CA SER A 18 -4.89 -2.43 -3.93
C SER A 18 -4.09 -3.22 -4.96
N ALA A 19 -2.90 -3.66 -4.58
CA ALA A 19 -2.04 -4.44 -5.47
C ALA A 19 -1.31 -5.54 -4.71
N MET A 20 -1.11 -6.67 -5.38
CA MET A 20 -0.43 -7.81 -4.75
C MET A 20 1.09 -7.65 -4.85
N VAL A 21 1.79 -8.22 -3.88
CA VAL A 21 3.26 -8.14 -3.84
C VAL A 21 3.88 -9.46 -4.29
N SER A 22 5.00 -9.36 -4.99
CA SER A 22 5.71 -10.54 -5.48
C SER A 22 7.10 -10.62 -4.86
N MET A 23 7.75 -9.47 -4.71
CA MET A 23 9.10 -9.42 -4.13
C MET A 23 9.41 -8.02 -3.62
N VAL A 24 10.13 -7.95 -2.50
CA VAL A 24 10.50 -6.67 -1.91
C VAL A 24 11.90 -6.73 -1.31
N THR A 25 12.78 -5.87 -1.78
CA THR A 25 14.16 -5.84 -1.29
C THR A 25 14.24 -5.07 0.03
N LYS A 26 15.10 -5.54 0.92
CA LYS A 26 15.27 -4.90 2.23
C LYS A 26 16.42 -3.91 2.19
N ASP A 27 16.15 -2.73 1.64
CA ASP A 27 17.17 -1.68 1.54
C ASP A 27 16.65 -0.37 2.11
N ASN A 28 17.26 0.74 1.72
CA ASN A 28 16.85 2.06 2.21
C ASN A 28 17.19 3.16 1.20
N PRO A 29 16.25 3.48 0.28
CA PRO A 29 14.95 2.83 0.20
C PRO A 29 15.03 1.45 -0.45
N GLY A 30 13.95 0.70 -0.36
CA GLY A 30 13.92 -0.62 -0.96
C GLY A 30 13.01 -0.70 -2.16
N VAL A 31 13.31 -1.61 -3.07
CA VAL A 31 12.50 -1.78 -4.28
C VAL A 31 11.55 -2.97 -4.14
N VAL A 32 10.31 -2.77 -4.56
CA VAL A 32 9.31 -3.82 -4.49
C VAL A 32 8.63 -4.04 -5.84
N THR A 33 8.41 -5.29 -6.19
CA THR A 33 7.78 -5.64 -7.46
C THR A 33 6.32 -6.04 -7.24
N CYS A 34 5.53 -6.02 -8.31
CA CYS A 34 4.13 -6.39 -8.22
C CYS A 34 3.90 -7.83 -8.70
N LEU A 35 2.73 -8.36 -8.39
CA LEU A 35 2.39 -9.72 -8.79
C LEU A 35 2.45 -9.88 -10.30
N ASP A 36 2.61 -11.11 -10.77
CA ASP A 36 2.70 -11.39 -12.19
C ASP A 36 1.50 -10.81 -12.94
N GLU A 37 0.37 -10.69 -12.24
CA GLU A 37 -0.84 -10.14 -12.84
C GLU A 37 -1.49 -9.11 -11.90
N ALA A 38 -0.66 -8.31 -11.24
CA ALA A 38 -1.15 -7.29 -10.32
C ALA A 38 -1.16 -5.92 -10.99
N ARG A 39 -1.80 -4.95 -10.33
CA ARG A 39 -1.88 -3.59 -10.85
C ARG A 39 -1.95 -2.57 -9.73
N HIS A 40 -1.19 -1.50 -9.87
CA HIS A 40 -1.15 -0.44 -8.86
C HIS A 40 -1.15 0.94 -9.52
N GLY A 41 -1.97 1.84 -8.99
CA GLY A 41 -2.05 3.18 -9.54
C GLY A 41 -1.72 4.26 -8.52
N PHE A 42 -0.47 4.27 -8.07
CA PHE A 42 -0.03 5.26 -7.08
C PHE A 42 0.97 6.22 -7.71
N GLU A 43 0.89 7.49 -7.33
CA GLU A 43 1.78 8.51 -7.86
C GLU A 43 3.03 8.64 -7.00
N THR A 44 3.99 9.43 -7.47
CA THR A 44 5.24 9.62 -6.73
C THR A 44 4.99 10.32 -5.40
N GLY A 45 4.95 9.54 -4.33
CA GLY A 45 4.71 10.10 -3.01
C GLY A 45 3.40 9.65 -2.40
N ASP A 46 2.83 8.57 -2.93
CA ASP A 46 1.58 8.04 -2.42
C ASP A 46 1.79 7.32 -1.10
N PHE A 47 0.73 6.72 -0.58
CA PHE A 47 0.80 5.98 0.69
C PHE A 47 0.40 4.53 0.50
N VAL A 48 0.95 3.66 1.34
CA VAL A 48 0.65 2.23 1.27
C VAL A 48 0.88 1.55 2.60
N SER A 49 0.15 0.46 2.84
CA SER A 49 0.27 -0.30 4.08
C SER A 49 0.48 -1.78 3.79
N PHE A 50 0.83 -2.55 4.82
CA PHE A 50 1.06 -3.98 4.68
C PHE A 50 -0.15 -4.78 5.14
N SER A 51 -0.45 -5.86 4.40
CA SER A 51 -1.59 -6.71 4.73
C SER A 51 -1.11 -8.02 5.39
N GLU A 52 -0.69 -8.98 4.57
CA GLU A 52 -0.20 -10.26 5.08
C GLU A 52 1.23 -10.49 4.68
N VAL A 53 2.19 -10.02 5.48
CA VAL A 53 3.60 -10.19 5.16
C VAL A 53 4.29 -11.09 6.18
N GLN A 54 5.09 -12.03 5.67
CA GLN A 54 5.83 -12.94 6.53
C GLN A 54 7.27 -12.48 6.66
N GLY A 55 7.68 -12.19 7.89
CA GLY A 55 9.04 -11.71 8.13
C GLY A 55 9.06 -10.21 8.34
N MET A 56 8.66 -9.47 7.31
CA MET A 56 8.62 -8.01 7.39
C MET A 56 7.27 -7.56 7.95
N ILE A 57 6.96 -8.02 9.16
CA ILE A 57 5.70 -7.69 9.82
C ILE A 57 5.72 -6.28 10.42
N GLN A 58 6.90 -5.85 10.87
CA GLN A 58 7.06 -4.53 11.49
C GLN A 58 6.24 -3.46 10.77
N LEU A 59 6.11 -3.58 9.46
CA LEU A 59 5.35 -2.61 8.67
C LEU A 59 3.85 -2.85 8.83
N ASN A 60 3.47 -4.12 8.86
CA ASN A 60 2.07 -4.50 9.01
C ASN A 60 1.48 -3.92 10.28
N GLY A 61 2.29 -3.87 11.34
CA GLY A 61 1.83 -3.33 12.61
C GLY A 61 2.20 -1.87 12.79
N CYS A 62 2.30 -1.16 11.67
CA CYS A 62 2.65 0.26 11.69
C CYS A 62 1.91 1.02 10.61
N GLN A 63 1.79 2.33 10.79
CA GLN A 63 1.09 3.18 9.83
C GLN A 63 1.68 3.00 8.43
N PRO A 64 0.99 3.47 7.39
CA PRO A 64 1.46 3.36 6.00
C PRO A 64 2.75 4.15 5.78
N MET A 65 3.31 4.02 4.59
CA MET A 65 4.55 4.73 4.25
C MET A 65 4.44 5.38 2.88
N GLU A 66 5.52 6.03 2.44
CA GLU A 66 5.54 6.69 1.14
C GLU A 66 6.22 5.81 0.11
N ILE A 67 5.59 5.68 -1.06
CA ILE A 67 6.13 4.85 -2.13
C ILE A 67 6.78 5.66 -3.22
N LYS A 68 7.43 4.94 -4.13
CA LYS A 68 8.10 5.53 -5.27
C LYS A 68 7.89 4.61 -6.48
N VAL A 69 7.44 5.17 -7.58
CA VAL A 69 7.18 4.37 -8.78
C VAL A 69 8.34 4.41 -9.75
N LEU A 70 8.97 3.25 -9.91
CA LEU A 70 10.12 3.12 -10.80
C LEU A 70 9.67 2.64 -12.18
N GLY A 71 8.56 1.92 -12.22
CA GLY A 71 8.05 1.42 -13.48
C GLY A 71 6.64 0.84 -13.38
N PRO A 72 6.15 0.18 -14.44
CA PRO A 72 4.81 -0.42 -14.44
C PRO A 72 4.70 -1.60 -13.48
N TYR A 73 5.84 -2.26 -13.22
CA TYR A 73 5.87 -3.39 -12.31
C TYR A 73 6.97 -3.23 -11.28
N THR A 74 7.44 -2.00 -11.10
CA THR A 74 8.51 -1.71 -10.14
C THR A 74 8.21 -0.44 -9.36
N PHE A 75 8.65 -0.40 -8.11
CA PHE A 75 8.43 0.76 -7.25
C PHE A 75 9.09 0.56 -5.89
N SER A 76 9.51 1.66 -5.27
CA SER A 76 10.17 1.60 -3.97
C SER A 76 9.27 2.11 -2.86
N ILE A 77 9.69 1.91 -1.61
CA ILE A 77 8.92 2.36 -0.46
C ILE A 77 9.77 3.26 0.42
N CYS A 78 9.20 3.67 1.57
CA CYS A 78 9.91 4.55 2.49
C CYS A 78 11.24 3.95 2.92
N ASP A 79 11.17 2.98 3.83
CA ASP A 79 12.38 2.32 4.33
C ASP A 79 12.09 0.88 4.74
N THR A 80 12.95 -0.04 4.30
CA THR A 80 12.79 -1.46 4.62
C THR A 80 13.98 -1.98 5.43
N SER A 81 15.14 -1.37 5.24
CA SER A 81 16.35 -1.78 5.95
C SER A 81 16.17 -1.64 7.46
N ASN A 82 15.19 -0.85 7.88
CA ASN A 82 14.93 -0.64 9.30
C ASN A 82 13.86 -1.60 9.82
N PHE A 83 13.78 -2.78 9.21
CA PHE A 83 12.80 -3.78 9.61
C PHE A 83 13.33 -5.18 9.36
N SER A 84 12.48 -6.18 9.59
CA SER A 84 12.86 -7.58 9.38
C SER A 84 13.00 -7.88 7.89
N ASP A 85 13.44 -9.10 7.58
CA ASP A 85 13.62 -9.53 6.20
C ASP A 85 12.35 -10.19 5.66
N TYR A 86 11.99 -9.84 4.44
CA TYR A 86 10.80 -10.40 3.80
C TYR A 86 10.95 -11.90 3.59
N ILE A 87 9.86 -12.63 3.76
CA ILE A 87 9.88 -14.08 3.59
C ILE A 87 8.87 -14.52 2.52
N ARG A 88 7.59 -14.23 2.78
CA ARG A 88 6.53 -14.59 1.85
C ARG A 88 5.24 -13.85 2.20
N GLY A 89 4.24 -13.94 1.33
CA GLY A 89 2.98 -13.26 1.60
C GLY A 89 3.15 -11.76 1.66
N GLY A 90 2.08 -11.03 1.36
CA GLY A 90 2.14 -9.58 1.43
C GLY A 90 1.40 -8.90 0.31
N ILE A 91 0.60 -7.91 0.67
CA ILE A 91 -0.18 -7.16 -0.30
C ILE A 91 -0.09 -5.65 0.00
N VAL A 92 0.09 -4.85 -1.03
CA VAL A 92 0.20 -3.41 -0.87
C VAL A 92 -1.13 -2.72 -1.20
N SER A 93 -1.60 -1.90 -0.27
CA SER A 93 -2.85 -1.17 -0.46
C SER A 93 -2.68 0.31 -0.14
N GLN A 94 -3.22 1.16 -1.00
CA GLN A 94 -3.13 2.60 -0.81
C GLN A 94 -4.12 3.07 0.25
N VAL A 95 -3.61 3.39 1.44
CA VAL A 95 -4.44 3.85 2.54
C VAL A 95 -5.21 5.12 2.15
N LYS A 96 -6.40 5.28 2.73
CA LYS A 96 -7.23 6.44 2.44
C LYS A 96 -6.65 7.70 3.09
N VAL A 97 -6.68 7.73 4.42
CA VAL A 97 -6.16 8.88 5.17
C VAL A 97 -5.22 8.42 6.28
N PRO A 98 -3.88 8.51 6.04
CA PRO A 98 -2.89 8.10 7.03
C PRO A 98 -2.82 9.04 8.22
N LYS A 99 -2.97 10.35 7.95
CA LYS A 99 -2.94 11.35 9.00
C LYS A 99 -3.62 12.64 8.54
N LYS A 100 -4.50 13.17 9.39
CA LYS A 100 -5.21 14.40 9.07
C LYS A 100 -5.52 15.19 10.33
N ILE A 101 -4.67 15.04 11.34
CA ILE A 101 -4.86 15.74 12.62
C ILE A 101 -5.04 17.24 12.39
N SER A 102 -5.27 17.97 13.49
CA SER A 102 -5.46 19.41 13.42
C SER A 102 -6.71 19.77 12.62
N PHE A 103 -7.57 20.59 13.20
CA PHE A 103 -8.80 21.00 12.55
C PHE A 103 -9.69 19.80 12.25
N LYS A 104 -9.95 19.00 13.28
CA LYS A 104 -10.78 17.82 13.14
C LYS A 104 -10.17 16.84 12.14
N SER A 105 -10.94 15.84 11.75
CA SER A 105 -10.48 14.84 10.80
C SER A 105 -11.11 15.05 9.42
N LEU A 106 -12.42 14.88 9.33
CA LEU A 106 -13.14 15.06 8.07
C LEU A 106 -14.57 15.55 8.33
N PRO A 107 -14.87 16.80 7.93
CA PRO A 107 -16.21 17.39 8.12
C PRO A 107 -17.27 16.69 7.26
N ALA A 108 -16.89 16.39 6.02
CA ALA A 108 -17.81 15.73 5.10
C ALA A 108 -17.09 15.24 3.86
N SER A 109 -16.59 16.17 3.05
CA SER A 109 -15.88 15.83 1.83
C SER A 109 -15.13 17.04 1.27
N LEU A 110 -13.83 16.89 1.07
CA LEU A 110 -13.01 17.97 0.53
C LEU A 110 -13.35 18.26 -0.92
N VAL A 111 -13.47 19.54 -1.26
CA VAL A 111 -13.79 19.95 -2.62
C VAL A 111 -12.63 20.70 -3.27
N GLU A 112 -12.55 20.64 -4.59
CA GLU A 112 -11.49 21.31 -5.33
C GLU A 112 -10.12 20.77 -4.92
N GLU A 1 -37.54 12.68 -23.71
CA GLU A 1 -36.38 13.27 -24.44
C GLU A 1 -35.07 12.67 -23.94
N PHE A 2 -35.05 12.24 -22.69
CA PHE A 2 -33.86 11.65 -22.09
C PHE A 2 -32.72 12.67 -22.02
N GLY A 3 -32.41 13.11 -20.82
CA GLY A 3 -31.34 14.09 -20.64
C GLY A 3 -31.77 15.26 -19.79
N GLU A 4 -33.03 15.68 -19.96
CA GLU A 4 -33.56 16.81 -19.20
C GLU A 4 -33.67 16.46 -17.71
N GLU A 5 -34.28 15.32 -17.43
CA GLU A 5 -34.46 14.88 -16.05
C GLU A 5 -33.90 13.47 -15.86
N MET A 6 -32.92 13.34 -14.97
CA MET A 6 -32.30 12.04 -14.70
C MET A 6 -32.75 11.50 -13.34
N VAL A 7 -33.44 10.37 -13.36
CA VAL A 7 -33.93 9.75 -12.12
C VAL A 7 -32.83 8.91 -11.47
N LEU A 8 -32.14 9.51 -10.50
CA LEU A 8 -31.07 8.82 -9.79
C LEU A 8 -30.68 9.59 -8.53
N THR A 9 -30.51 8.86 -7.43
CA THR A 9 -30.12 9.46 -6.16
C THR A 9 -28.68 9.10 -5.80
N ASP A 10 -27.82 9.06 -6.80
CA ASP A 10 -26.42 8.74 -6.59
C ASP A 10 -25.51 9.84 -7.11
N SER A 11 -24.29 9.92 -6.57
CA SER A 11 -23.33 10.94 -6.98
C SER A 11 -21.93 10.57 -6.50
N ASN A 12 -21.83 10.16 -5.24
CA ASN A 12 -20.55 9.80 -4.65
C ASN A 12 -20.25 8.32 -4.87
N GLY A 13 -18.99 7.93 -4.71
CA GLY A 13 -18.60 6.55 -4.89
C GLY A 13 -17.14 6.32 -4.56
N GLU A 14 -16.88 5.51 -3.54
CA GLU A 14 -15.52 5.21 -3.12
C GLU A 14 -15.06 3.88 -3.71
N GLN A 15 -13.84 3.85 -4.22
CA GLN A 15 -13.27 2.65 -4.82
C GLN A 15 -11.78 2.56 -4.56
N PRO A 16 -11.37 1.93 -3.44
CA PRO A 16 -9.96 1.78 -3.08
C PRO A 16 -9.22 0.82 -4.00
N LEU A 17 -7.94 1.10 -4.24
CA LEU A 17 -7.13 0.25 -5.11
C LEU A 17 -6.05 -0.46 -4.31
N SER A 18 -5.70 -1.67 -4.75
CA SER A 18 -4.68 -2.46 -4.06
C SER A 18 -3.89 -3.30 -5.05
N ALA A 19 -2.89 -4.01 -4.55
CA ALA A 19 -2.05 -4.85 -5.39
C ALA A 19 -1.24 -5.85 -4.56
N MET A 20 -1.09 -7.07 -5.06
CA MET A 20 -0.35 -8.10 -4.36
C MET A 20 1.15 -7.91 -4.53
N VAL A 21 1.92 -8.45 -3.60
CA VAL A 21 3.38 -8.34 -3.64
C VAL A 21 4.00 -9.63 -4.18
N SER A 22 5.00 -9.47 -5.05
CA SER A 22 5.68 -10.62 -5.65
C SER A 22 7.10 -10.74 -5.10
N MET A 23 7.70 -9.60 -4.77
CA MET A 23 9.05 -9.58 -4.24
C MET A 23 9.43 -8.17 -3.76
N VAL A 24 9.98 -8.10 -2.55
CA VAL A 24 10.39 -6.82 -1.97
C VAL A 24 11.78 -6.91 -1.36
N THR A 25 12.72 -6.16 -1.92
CA THR A 25 14.09 -6.16 -1.43
C THR A 25 14.20 -5.36 -0.13
N LYS A 26 15.03 -5.86 0.79
CA LYS A 26 15.23 -5.19 2.07
C LYS A 26 16.39 -4.21 1.99
N ASP A 27 16.09 -2.97 1.59
CA ASP A 27 17.11 -1.94 1.48
C ASP A 27 16.60 -0.62 2.04
N ASN A 28 17.23 0.49 1.65
CA ASN A 28 16.83 1.81 2.12
C ASN A 28 17.26 2.91 1.14
N PRO A 29 16.39 3.29 0.19
CA PRO A 29 15.04 2.70 0.06
C PRO A 29 15.09 1.32 -0.58
N GLY A 30 13.95 0.63 -0.55
CA GLY A 30 13.88 -0.70 -1.13
C GLY A 30 12.95 -0.76 -2.33
N VAL A 31 13.29 -1.58 -3.32
CA VAL A 31 12.48 -1.71 -4.52
C VAL A 31 11.61 -2.96 -4.44
N VAL A 32 10.30 -2.76 -4.63
CA VAL A 32 9.35 -3.86 -4.60
C VAL A 32 8.69 -4.07 -5.96
N THR A 33 8.18 -5.27 -6.18
CA THR A 33 7.52 -5.60 -7.44
C THR A 33 6.07 -6.01 -7.18
N CYS A 34 5.25 -5.98 -8.22
CA CYS A 34 3.85 -6.35 -8.11
C CYS A 34 3.61 -7.77 -8.60
N LEU A 35 2.46 -8.32 -8.25
CA LEU A 35 2.11 -9.69 -8.66
C LEU A 35 2.15 -9.83 -10.17
N ASP A 36 2.31 -11.06 -10.65
CA ASP A 36 2.35 -11.33 -12.08
C ASP A 36 1.13 -10.75 -12.79
N GLU A 37 0.03 -10.63 -12.06
CA GLU A 37 -1.20 -10.09 -12.61
C GLU A 37 -1.71 -8.91 -11.80
N ALA A 38 -0.78 -8.18 -11.17
CA ALA A 38 -1.14 -7.04 -10.34
C ALA A 38 -1.14 -5.76 -11.16
N ARG A 39 -1.41 -4.63 -10.51
CA ARG A 39 -1.45 -3.34 -11.18
C ARG A 39 -1.04 -2.22 -10.23
N HIS A 40 -0.27 -1.26 -10.74
CA HIS A 40 0.19 -0.13 -9.93
C HIS A 40 -0.55 1.15 -10.35
N GLY A 41 -1.13 1.82 -9.36
CA GLY A 41 -1.87 3.04 -9.64
C GLY A 41 -1.56 4.15 -8.66
N PHE A 42 -0.39 4.09 -8.02
CA PHE A 42 0.01 5.10 -7.06
C PHE A 42 1.09 6.01 -7.64
N GLU A 43 0.97 7.31 -7.38
CA GLU A 43 1.94 8.27 -7.89
C GLU A 43 3.07 8.49 -6.89
N THR A 44 4.09 9.24 -7.31
CA THR A 44 5.24 9.52 -6.45
C THR A 44 4.82 10.31 -5.23
N GLY A 45 4.69 9.63 -4.09
CA GLY A 45 4.29 10.31 -2.87
C GLY A 45 2.99 9.76 -2.30
N ASP A 46 2.48 8.68 -2.88
CA ASP A 46 1.25 8.08 -2.41
C ASP A 46 1.46 7.39 -1.06
N PHE A 47 0.42 6.69 -0.58
CA PHE A 47 0.50 5.99 0.70
C PHE A 47 0.05 4.55 0.56
N VAL A 48 0.73 3.66 1.28
CA VAL A 48 0.38 2.24 1.25
C VAL A 48 0.74 1.55 2.57
N SER A 49 0.04 0.46 2.87
CA SER A 49 0.27 -0.29 4.09
C SER A 49 0.43 -1.78 3.80
N PHE A 50 0.84 -2.54 4.81
CA PHE A 50 1.04 -3.98 4.66
C PHE A 50 -0.16 -4.75 5.20
N SER A 51 -0.52 -5.84 4.53
CA SER A 51 -1.66 -6.66 4.94
C SER A 51 -1.19 -7.90 5.70
N GLU A 52 -0.80 -8.94 4.95
CA GLU A 52 -0.33 -10.17 5.57
C GLU A 52 1.07 -10.50 5.05
N VAL A 53 2.09 -10.02 5.77
CA VAL A 53 3.48 -10.23 5.37
C VAL A 53 4.21 -11.10 6.38
N GLN A 54 5.01 -12.04 5.87
CA GLN A 54 5.79 -12.92 6.72
C GLN A 54 7.24 -12.45 6.79
N GLY A 55 7.69 -12.10 7.99
CA GLY A 55 9.04 -11.61 8.16
C GLY A 55 9.10 -10.11 8.28
N MET A 56 8.67 -9.42 7.22
CA MET A 56 8.66 -7.96 7.22
C MET A 56 7.34 -7.44 7.77
N ILE A 57 7.05 -7.84 9.00
CA ILE A 57 5.81 -7.43 9.67
C ILE A 57 5.89 -6.01 10.20
N GLN A 58 7.08 -5.59 10.61
CA GLN A 58 7.30 -4.24 11.16
C GLN A 58 6.48 -3.18 10.42
N LEU A 59 6.31 -3.36 9.11
CA LEU A 59 5.55 -2.41 8.30
C LEU A 59 4.06 -2.58 8.56
N ASN A 60 3.62 -3.84 8.62
CA ASN A 60 2.21 -4.16 8.86
C ASN A 60 1.68 -3.41 10.08
N GLY A 61 2.51 -3.32 11.12
CA GLY A 61 2.09 -2.64 12.33
C GLY A 61 2.78 -1.29 12.49
N CYS A 62 2.80 -0.51 11.42
CA CYS A 62 3.44 0.81 11.46
C CYS A 62 2.67 1.80 10.59
N GLN A 63 1.37 1.56 10.41
CA GLN A 63 0.53 2.44 9.60
C GLN A 63 1.07 2.55 8.17
N PRO A 64 0.26 3.08 7.24
CA PRO A 64 0.68 3.24 5.85
C PRO A 64 1.89 4.15 5.70
N MET A 65 2.75 3.83 4.75
CA MET A 65 3.95 4.63 4.50
C MET A 65 3.89 5.28 3.13
N GLU A 66 5.00 5.88 2.72
CA GLU A 66 5.05 6.55 1.41
C GLU A 66 5.75 5.65 0.39
N ILE A 67 5.36 5.78 -0.87
CA ILE A 67 5.95 4.97 -1.93
C ILE A 67 6.63 5.81 -3.00
N LYS A 68 7.25 5.12 -3.94
CA LYS A 68 7.94 5.74 -5.05
C LYS A 68 7.80 4.83 -6.27
N VAL A 69 7.40 5.41 -7.40
CA VAL A 69 7.20 4.62 -8.60
C VAL A 69 8.42 4.68 -9.52
N LEU A 70 8.99 3.51 -9.77
CA LEU A 70 10.17 3.39 -10.62
C LEU A 70 9.77 3.04 -12.04
N GLY A 71 8.65 2.33 -12.19
CA GLY A 71 8.19 1.96 -13.52
C GLY A 71 7.11 0.89 -13.49
N PRO A 72 6.91 0.18 -14.61
CA PRO A 72 5.90 -0.88 -14.71
C PRO A 72 6.19 -2.05 -13.77
N TYR A 73 5.33 -2.22 -12.77
CA TYR A 73 5.49 -3.30 -11.79
C TYR A 73 6.76 -3.10 -10.96
N THR A 74 7.30 -1.89 -11.00
CA THR A 74 8.51 -1.57 -10.24
C THR A 74 8.32 -0.28 -9.45
N PHE A 75 8.73 -0.30 -8.19
CA PHE A 75 8.60 0.87 -7.33
C PHE A 75 9.32 0.65 -6.01
N SER A 76 9.45 1.72 -5.22
CA SER A 76 10.13 1.65 -3.92
C SER A 76 9.23 2.16 -2.81
N ILE A 77 9.66 1.94 -1.57
CA ILE A 77 8.89 2.38 -0.40
C ILE A 77 9.81 3.05 0.62
N CYS A 78 9.22 3.48 1.73
CA CYS A 78 9.99 4.15 2.79
C CYS A 78 11.14 3.26 3.27
N ASP A 79 11.80 3.69 4.34
CA ASP A 79 12.92 2.93 4.89
C ASP A 79 12.46 1.56 5.38
N THR A 80 13.03 0.51 4.81
CA THR A 80 12.68 -0.86 5.18
C THR A 80 13.93 -1.72 5.34
N SER A 81 15.03 -1.08 5.75
CA SER A 81 16.28 -1.79 5.94
C SER A 81 16.48 -2.16 7.41
N ASN A 82 16.00 -1.31 8.30
CA ASN A 82 16.12 -1.54 9.73
C ASN A 82 15.23 -2.68 10.18
N PHE A 83 14.16 -2.92 9.43
CA PHE A 83 13.23 -4.00 9.76
C PHE A 83 13.79 -5.35 9.35
N SER A 84 12.96 -6.38 9.42
CA SER A 84 13.37 -7.73 9.07
C SER A 84 13.44 -7.89 7.55
N ASP A 85 13.41 -9.14 7.08
CA ASP A 85 13.48 -9.42 5.65
C ASP A 85 12.21 -10.12 5.18
N TYR A 86 11.63 -9.62 4.10
CA TYR A 86 10.41 -10.20 3.54
C TYR A 86 10.62 -11.67 3.18
N ILE A 87 9.69 -12.52 3.63
CA ILE A 87 9.78 -13.94 3.36
C ILE A 87 8.67 -14.39 2.41
N ARG A 88 7.42 -14.28 2.88
CA ARG A 88 6.27 -14.66 2.08
C ARG A 88 5.04 -13.85 2.47
N GLY A 89 4.01 -13.87 1.63
CA GLY A 89 2.81 -13.14 1.91
C GLY A 89 3.05 -11.64 2.00
N GLY A 90 2.04 -10.85 1.68
CA GLY A 90 2.17 -9.41 1.75
C GLY A 90 1.46 -8.71 0.62
N ILE A 91 0.54 -7.82 0.96
CA ILE A 91 -0.22 -7.07 -0.04
C ILE A 91 -0.12 -5.57 0.22
N VAL A 92 0.20 -4.82 -0.83
CA VAL A 92 0.31 -3.37 -0.73
C VAL A 92 -0.95 -2.67 -1.21
N SER A 93 -1.70 -2.11 -0.28
CA SER A 93 -2.94 -1.41 -0.62
C SER A 93 -2.74 0.11 -0.57
N GLN A 94 -3.73 0.84 -1.08
CA GLN A 94 -3.66 2.30 -1.08
C GLN A 94 -4.60 2.89 -0.03
N VAL A 95 -4.02 3.30 1.10
CA VAL A 95 -4.79 3.88 2.18
C VAL A 95 -5.35 5.24 1.79
N LYS A 96 -6.56 5.54 2.26
CA LYS A 96 -7.21 6.81 1.97
C LYS A 96 -6.97 7.82 3.08
N VAL A 97 -7.33 7.43 4.31
CA VAL A 97 -7.17 8.29 5.49
C VAL A 97 -7.54 9.73 5.18
N PRO A 98 -8.85 10.05 5.20
CA PRO A 98 -9.33 11.42 4.93
C PRO A 98 -9.02 12.38 6.06
N LYS A 99 -8.80 11.84 7.25
CA LYS A 99 -8.49 12.67 8.43
C LYS A 99 -8.11 11.79 9.62
N LYS A 100 -8.80 10.67 9.78
CA LYS A 100 -8.54 9.75 10.88
C LYS A 100 -8.89 10.40 12.22
N ILE A 101 -8.82 9.61 13.29
CA ILE A 101 -9.13 10.10 14.62
C ILE A 101 -7.87 10.50 15.37
N SER A 102 -7.42 11.73 15.17
CA SER A 102 -6.22 12.23 15.83
C SER A 102 -6.35 13.72 16.15
N PHE A 103 -6.18 14.05 17.43
CA PHE A 103 -6.29 15.43 17.88
C PHE A 103 -5.24 15.74 18.94
N LYS A 104 -5.15 14.87 19.94
CA LYS A 104 -4.19 15.05 21.02
C LYS A 104 -4.43 16.36 21.76
N SER A 105 -5.22 16.30 22.83
CA SER A 105 -5.53 17.48 23.62
C SER A 105 -4.63 17.58 24.85
N LEU A 106 -3.87 18.65 24.94
CA LEU A 106 -2.96 18.86 26.05
C LEU A 106 -3.52 19.91 27.02
N PRO A 107 -4.04 19.48 28.18
CA PRO A 107 -4.60 20.39 29.18
C PRO A 107 -3.53 21.29 29.82
N ALA A 108 -3.70 22.60 29.66
CA ALA A 108 -2.76 23.55 30.22
C ALA A 108 -2.65 23.41 31.74
N SER A 109 -1.78 24.21 32.34
CA SER A 109 -1.58 24.17 33.79
C SER A 109 -2.07 25.46 34.44
N LEU A 110 -2.62 25.35 35.64
CA LEU A 110 -3.12 26.51 36.37
C LEU A 110 -2.20 26.86 37.53
N VAL A 111 -1.74 28.10 37.55
CA VAL A 111 -0.85 28.57 38.61
C VAL A 111 -1.62 29.37 39.66
N GLU A 112 -2.18 28.66 40.63
CA GLU A 112 -2.94 29.31 41.70
C GLU A 112 -2.61 28.69 43.06
N GLU A 1 -26.34 -10.55 -10.93
CA GLU A 1 -27.16 -10.69 -12.18
C GLU A 1 -26.58 -9.86 -13.31
N PHE A 2 -25.72 -10.48 -14.11
CA PHE A 2 -25.09 -9.80 -15.24
C PHE A 2 -24.21 -8.65 -14.76
N GLY A 3 -22.94 -8.68 -15.16
CA GLY A 3 -22.02 -7.63 -14.76
C GLY A 3 -21.77 -6.62 -15.87
N GLU A 4 -20.75 -6.90 -16.70
CA GLU A 4 -20.41 -6.01 -17.80
C GLU A 4 -20.04 -4.62 -17.29
N GLU A 5 -18.77 -4.45 -16.95
CA GLU A 5 -18.29 -3.17 -16.44
C GLU A 5 -16.77 -3.21 -16.23
N MET A 6 -16.14 -2.04 -16.35
CA MET A 6 -14.69 -1.95 -16.18
C MET A 6 -14.35 -1.41 -14.79
N VAL A 7 -14.91 -0.24 -14.47
CA VAL A 7 -14.66 0.39 -13.18
C VAL A 7 -15.48 1.67 -13.03
N LEU A 8 -16.78 1.56 -13.28
CA LEU A 8 -17.68 2.71 -13.17
C LEU A 8 -17.29 3.80 -14.17
N THR A 9 -18.28 4.59 -14.56
CA THR A 9 -18.03 5.68 -15.51
C THR A 9 -18.80 6.93 -15.11
N ASP A 10 -18.99 7.12 -13.81
CA ASP A 10 -19.71 8.28 -13.30
C ASP A 10 -18.74 9.28 -12.67
N SER A 11 -19.21 10.50 -12.45
CA SER A 11 -18.40 11.55 -11.85
C SER A 11 -18.65 11.65 -10.35
N ASN A 12 -18.79 10.50 -9.70
CA ASN A 12 -19.03 10.46 -8.25
C ASN A 12 -18.93 9.03 -7.73
N GLY A 13 -17.81 8.73 -7.07
CA GLY A 13 -17.61 7.40 -6.52
C GLY A 13 -16.28 6.79 -6.94
N GLU A 14 -15.30 6.85 -6.04
CA GLU A 14 -13.98 6.30 -6.32
C GLU A 14 -13.65 5.16 -5.37
N GLN A 15 -13.26 4.02 -5.93
CA GLN A 15 -12.92 2.85 -5.14
C GLN A 15 -11.41 2.71 -4.99
N PRO A 16 -10.92 2.50 -3.75
CA PRO A 16 -9.48 2.36 -3.49
C PRO A 16 -8.83 1.28 -4.36
N LEU A 17 -7.55 1.44 -4.63
CA LEU A 17 -6.81 0.48 -5.44
C LEU A 17 -5.78 -0.27 -4.61
N SER A 18 -5.61 -1.55 -4.91
CA SER A 18 -4.66 -2.38 -4.17
C SER A 18 -3.88 -3.29 -5.13
N ALA A 19 -2.66 -3.64 -4.73
CA ALA A 19 -1.81 -4.50 -5.55
C ALA A 19 -1.11 -5.55 -4.69
N MET A 20 -0.87 -6.71 -5.28
CA MET A 20 -0.21 -7.80 -4.57
C MET A 20 1.31 -7.67 -4.68
N VAL A 21 2.01 -8.18 -3.67
CA VAL A 21 3.47 -8.13 -3.66
C VAL A 21 4.08 -9.47 -4.08
N SER A 22 5.10 -9.40 -4.92
CA SER A 22 5.76 -10.61 -5.42
C SER A 22 7.18 -10.72 -4.86
N MET A 23 7.83 -9.57 -4.68
CA MET A 23 9.19 -9.53 -4.16
C MET A 23 9.55 -8.12 -3.70
N VAL A 24 10.49 -8.05 -2.76
CA VAL A 24 10.93 -6.76 -2.23
C VAL A 24 12.33 -6.88 -1.61
N THR A 25 13.18 -5.91 -1.91
CA THR A 25 14.54 -5.90 -1.39
C THR A 25 14.61 -5.15 -0.06
N LYS A 26 15.41 -5.68 0.87
CA LYS A 26 15.56 -5.06 2.18
C LYS A 26 16.66 -4.00 2.15
N ASP A 27 16.35 -2.86 1.55
CA ASP A 27 17.30 -1.76 1.44
C ASP A 27 16.73 -0.49 2.08
N ASN A 28 17.24 0.67 1.67
CA ASN A 28 16.77 1.94 2.22
C ASN A 28 17.08 3.10 1.27
N PRO A 29 16.14 3.45 0.36
CA PRO A 29 14.86 2.76 0.22
C PRO A 29 15.00 1.41 -0.46
N GLY A 30 13.93 0.62 -0.44
CA GLY A 30 13.95 -0.69 -1.07
C GLY A 30 13.10 -0.74 -2.33
N VAL A 31 13.48 -1.61 -3.25
CA VAL A 31 12.74 -1.76 -4.51
C VAL A 31 11.80 -2.96 -4.46
N VAL A 32 10.51 -2.70 -4.52
CA VAL A 32 9.50 -3.76 -4.49
C VAL A 32 8.88 -3.97 -5.86
N THR A 33 8.34 -5.16 -6.07
CA THR A 33 7.71 -5.51 -7.34
C THR A 33 6.25 -5.90 -7.11
N CYS A 34 5.47 -5.94 -8.19
CA CYS A 34 4.07 -6.31 -8.10
C CYS A 34 3.86 -7.76 -8.52
N LEU A 35 2.65 -8.27 -8.28
CA LEU A 35 2.31 -9.65 -8.62
C LEU A 35 2.25 -9.82 -10.14
N ASP A 36 2.40 -11.06 -10.61
CA ASP A 36 2.36 -11.37 -12.02
C ASP A 36 1.09 -10.82 -12.67
N GLU A 37 0.00 -10.82 -11.90
CA GLU A 37 -1.28 -10.34 -12.40
C GLU A 37 -1.81 -9.20 -11.52
N ALA A 38 -0.89 -8.46 -10.91
CA ALA A 38 -1.26 -7.36 -10.03
C ALA A 38 -1.57 -6.09 -10.85
N ARG A 39 -1.84 -5.00 -10.15
CA ARG A 39 -2.15 -3.73 -10.80
C ARG A 39 -1.67 -2.56 -9.96
N HIS A 40 -0.61 -1.90 -10.42
CA HIS A 40 -0.05 -0.75 -9.72
C HIS A 40 -0.57 0.56 -10.31
N GLY A 41 -0.93 1.49 -9.44
CA GLY A 41 -1.44 2.77 -9.90
C GLY A 41 -1.45 3.82 -8.81
N PHE A 42 -0.26 4.16 -8.31
CA PHE A 42 -0.13 5.17 -7.26
C PHE A 42 0.78 6.30 -7.71
N GLU A 43 0.44 7.52 -7.29
CA GLU A 43 1.23 8.70 -7.64
C GLU A 43 2.54 8.74 -6.86
N THR A 44 3.53 9.44 -7.40
CA THR A 44 4.82 9.56 -6.74
C THR A 44 4.68 10.17 -5.35
N GLY A 45 4.64 9.32 -4.33
CA GLY A 45 4.50 9.79 -2.97
C GLY A 45 3.20 9.35 -2.32
N ASP A 46 2.48 8.46 -2.98
CA ASP A 46 1.21 7.97 -2.45
C ASP A 46 1.41 7.29 -1.10
N PHE A 47 0.32 6.91 -0.45
CA PHE A 47 0.38 6.26 0.85
C PHE A 47 -0.15 4.84 0.78
N VAL A 48 0.61 3.89 1.32
CA VAL A 48 0.20 2.49 1.32
C VAL A 48 0.65 1.78 2.59
N SER A 49 0.00 0.67 2.90
CA SER A 49 0.32 -0.12 4.08
C SER A 49 0.45 -1.60 3.74
N PHE A 50 0.93 -2.38 4.70
CA PHE A 50 1.11 -3.82 4.50
C PHE A 50 -0.05 -4.61 5.09
N SER A 51 -0.41 -5.72 4.44
CA SER A 51 -1.50 -6.55 4.91
C SER A 51 -0.97 -7.78 5.66
N GLU A 52 -0.66 -8.85 4.92
CA GLU A 52 -0.15 -10.07 5.54
C GLU A 52 1.23 -10.40 5.00
N VAL A 53 2.26 -9.85 5.63
CA VAL A 53 3.64 -10.09 5.21
C VAL A 53 4.34 -11.11 6.11
N GLN A 54 5.28 -11.84 5.53
CA GLN A 54 6.03 -12.84 6.25
C GLN A 54 7.47 -12.37 6.44
N GLY A 55 7.86 -12.16 7.70
CA GLY A 55 9.19 -11.68 7.98
C GLY A 55 9.20 -10.19 8.24
N MET A 56 9.05 -9.41 7.18
CA MET A 56 9.02 -7.95 7.31
C MET A 56 7.62 -7.47 7.70
N ILE A 57 7.16 -7.94 8.85
CA ILE A 57 5.84 -7.61 9.36
C ILE A 57 5.81 -6.22 10.00
N GLN A 58 6.94 -5.83 10.61
CA GLN A 58 7.04 -4.53 11.29
C GLN A 58 6.30 -3.43 10.52
N LEU A 59 6.32 -3.51 9.20
CA LEU A 59 5.64 -2.52 8.38
C LEU A 59 4.13 -2.55 8.63
N ASN A 60 3.56 -3.75 8.58
CA ASN A 60 2.13 -3.93 8.80
C ASN A 60 1.71 -3.32 10.14
N GLY A 61 2.61 -3.40 11.12
CA GLY A 61 2.30 -2.84 12.43
C GLY A 61 2.62 -1.37 12.53
N CYS A 62 2.23 -0.60 11.53
CA CYS A 62 2.47 0.83 11.51
C CYS A 62 1.64 1.52 10.44
N GLN A 63 1.28 2.78 10.67
CA GLN A 63 0.48 3.53 9.71
C GLN A 63 1.05 3.42 8.31
N PRO A 64 0.24 3.70 7.27
CA PRO A 64 0.68 3.62 5.89
C PRO A 64 1.95 4.45 5.65
N MET A 65 2.77 4.00 4.71
CA MET A 65 4.00 4.70 4.38
C MET A 65 3.93 5.30 2.99
N GLU A 66 5.04 5.84 2.51
CA GLU A 66 5.08 6.45 1.19
C GLU A 66 5.68 5.50 0.17
N ILE A 67 5.32 5.69 -1.10
CA ILE A 67 5.83 4.83 -2.17
C ILE A 67 6.54 5.63 -3.25
N LYS A 68 7.20 4.90 -4.13
CA LYS A 68 7.92 5.48 -5.25
C LYS A 68 7.75 4.57 -6.47
N VAL A 69 7.28 5.13 -7.57
CA VAL A 69 7.06 4.34 -8.77
C VAL A 69 8.22 4.46 -9.74
N LEU A 70 8.93 3.35 -9.92
CA LEU A 70 10.07 3.30 -10.81
C LEU A 70 9.64 2.86 -12.21
N GLY A 71 8.54 2.11 -12.28
CA GLY A 71 8.05 1.65 -13.56
C GLY A 71 6.65 1.07 -13.46
N PRO A 72 6.19 0.36 -14.51
CA PRO A 72 4.85 -0.26 -14.52
C PRO A 72 4.68 -1.27 -13.40
N TYR A 73 5.62 -2.21 -13.32
CA TYR A 73 5.58 -3.24 -12.28
C TYR A 73 6.74 -3.08 -11.31
N THR A 74 7.34 -1.89 -11.30
CA THR A 74 8.46 -1.60 -10.42
C THR A 74 8.17 -0.38 -9.55
N PHE A 75 8.68 -0.39 -8.33
CA PHE A 75 8.47 0.73 -7.40
C PHE A 75 9.20 0.47 -6.08
N SER A 76 9.45 1.54 -5.33
CA SER A 76 10.14 1.43 -4.04
C SER A 76 9.18 1.69 -2.89
N ILE A 77 9.65 1.43 -1.68
CA ILE A 77 8.85 1.63 -0.48
C ILE A 77 9.65 2.40 0.58
N CYS A 78 9.02 2.65 1.72
CA CYS A 78 9.67 3.39 2.80
C CYS A 78 10.87 2.61 3.33
N ASP A 79 11.63 3.25 4.22
CA ASP A 79 12.81 2.62 4.81
C ASP A 79 12.44 1.36 5.56
N THR A 80 12.98 0.22 5.13
CA THR A 80 12.69 -1.06 5.76
C THR A 80 13.94 -1.92 5.83
N SER A 81 15.03 -1.35 6.33
CA SER A 81 16.29 -2.08 6.44
C SER A 81 16.54 -2.54 7.88
N ASN A 82 15.90 -1.87 8.83
CA ASN A 82 16.06 -2.22 10.25
C ASN A 82 14.93 -3.13 10.72
N PHE A 83 14.43 -3.96 9.81
CA PHE A 83 13.35 -4.89 10.13
C PHE A 83 13.71 -6.31 9.71
N SER A 84 12.77 -7.22 9.86
CA SER A 84 12.99 -8.62 9.49
C SER A 84 12.84 -8.80 7.98
N ASP A 85 13.86 -9.37 7.36
CA ASP A 85 13.87 -9.60 5.91
C ASP A 85 12.52 -10.13 5.42
N TYR A 86 12.17 -9.80 4.18
CA TYR A 86 10.91 -10.23 3.60
C TYR A 86 11.00 -11.68 3.14
N ILE A 87 9.96 -12.45 3.40
CA ILE A 87 9.91 -13.85 3.02
C ILE A 87 8.76 -14.12 2.05
N ARG A 88 7.53 -13.96 2.55
CA ARG A 88 6.34 -14.18 1.74
C ARG A 88 5.21 -13.26 2.19
N GLY A 89 4.03 -13.43 1.61
CA GLY A 89 2.90 -12.59 1.97
C GLY A 89 3.20 -11.12 1.80
N GLY A 90 2.17 -10.28 1.89
CA GLY A 90 2.36 -8.86 1.76
C GLY A 90 1.55 -8.26 0.64
N ILE A 91 0.63 -7.37 1.02
CA ILE A 91 -0.23 -6.69 0.04
C ILE A 91 -0.18 -5.18 0.28
N VAL A 92 0.11 -4.44 -0.78
CA VAL A 92 0.19 -2.99 -0.69
C VAL A 92 -1.09 -2.33 -1.19
N SER A 93 -1.83 -1.73 -0.26
CA SER A 93 -3.09 -1.06 -0.61
C SER A 93 -2.91 0.46 -0.55
N GLN A 94 -3.78 1.18 -1.24
CA GLN A 94 -3.72 2.63 -1.27
C GLN A 94 -4.66 3.24 -0.22
N VAL A 95 -4.11 3.50 0.97
CA VAL A 95 -4.90 4.08 2.06
C VAL A 95 -5.48 5.42 1.64
N LYS A 96 -6.30 6.00 2.52
CA LYS A 96 -6.93 7.28 2.25
C LYS A 96 -7.24 8.03 3.55
N VAL A 97 -6.39 7.84 4.55
CA VAL A 97 -6.57 8.48 5.84
C VAL A 97 -7.92 8.11 6.46
N PRO A 98 -7.98 6.95 7.15
CA PRO A 98 -9.21 6.49 7.79
C PRO A 98 -9.60 7.34 9.00
N LYS A 99 -10.87 7.27 9.38
CA LYS A 99 -11.37 8.04 10.51
C LYS A 99 -11.39 7.19 11.77
N LYS A 100 -11.47 7.85 12.92
CA LYS A 100 -11.49 7.16 14.21
C LYS A 100 -12.55 7.77 15.13
N ILE A 101 -13.00 6.97 16.10
CA ILE A 101 -14.00 7.43 17.05
C ILE A 101 -13.43 7.51 18.46
N SER A 102 -13.87 8.51 19.22
CA SER A 102 -13.40 8.70 20.59
C SER A 102 -11.91 8.99 20.61
N PHE A 103 -11.46 9.72 21.64
CA PHE A 103 -10.06 10.07 21.78
C PHE A 103 -9.59 10.90 20.59
N LYS A 104 -9.33 12.18 20.82
CA LYS A 104 -8.88 13.08 19.77
C LYS A 104 -8.07 14.24 20.34
N SER A 105 -6.79 13.99 20.59
CA SER A 105 -5.91 15.01 21.14
C SER A 105 -4.87 15.45 20.10
N LEU A 106 -4.76 16.76 19.89
CA LEU A 106 -3.81 17.30 18.93
C LEU A 106 -2.44 17.54 19.56
N PRO A 107 -2.39 18.20 20.74
CA PRO A 107 -1.14 18.48 21.43
C PRO A 107 -0.76 17.39 22.43
N ALA A 108 -1.40 17.40 23.60
CA ALA A 108 -1.12 16.41 24.63
C ALA A 108 -2.04 16.60 25.83
N SER A 109 -1.70 15.95 26.94
CA SER A 109 -2.51 16.05 28.15
C SER A 109 -1.69 16.66 29.29
N LEU A 110 -0.46 16.19 29.45
CA LEU A 110 0.42 16.69 30.50
C LEU A 110 1.79 17.07 29.92
N VAL A 111 2.50 17.94 30.63
CA VAL A 111 3.82 18.39 30.20
C VAL A 111 4.91 17.46 30.71
N GLU A 112 5.02 17.37 32.04
CA GLU A 112 6.03 16.51 32.66
C GLU A 112 5.42 15.72 33.81
N GLU A 1 -7.67 -30.35 -1.09
CA GLU A 1 -8.21 -29.07 -0.58
C GLU A 1 -8.72 -28.20 -1.72
N PHE A 2 -9.80 -27.46 -1.45
CA PHE A 2 -10.39 -26.58 -2.45
C PHE A 2 -10.76 -25.23 -1.84
N GLY A 3 -10.87 -24.22 -2.69
CA GLY A 3 -11.23 -22.89 -2.22
C GLY A 3 -10.02 -22.07 -1.81
N GLU A 4 -9.14 -21.78 -2.76
CA GLU A 4 -7.94 -21.00 -2.50
C GLU A 4 -8.30 -19.60 -2.01
N GLU A 5 -8.91 -18.81 -2.89
CA GLU A 5 -9.30 -17.45 -2.55
C GLU A 5 -10.82 -17.29 -2.60
N MET A 6 -11.49 -17.73 -1.54
CA MET A 6 -12.95 -17.63 -1.47
C MET A 6 -13.38 -16.91 -0.21
N VAL A 7 -12.76 -17.25 0.90
CA VAL A 7 -13.08 -16.62 2.19
C VAL A 7 -12.69 -15.15 2.19
N LEU A 8 -11.66 -14.80 1.43
CA LEU A 8 -11.19 -13.43 1.34
C LEU A 8 -11.96 -12.66 0.27
N THR A 9 -13.27 -12.55 0.44
CA THR A 9 -14.12 -11.84 -0.50
C THR A 9 -14.81 -10.65 0.16
N ASP A 10 -14.71 -9.49 -0.48
CA ASP A 10 -15.32 -8.26 0.05
C ASP A 10 -14.52 -7.72 1.23
N SER A 11 -14.38 -8.54 2.28
CA SER A 11 -13.64 -8.15 3.48
C SER A 11 -14.46 -7.19 4.33
N ASN A 12 -14.76 -6.02 3.77
CA ASN A 12 -15.55 -5.02 4.48
C ASN A 12 -16.13 -3.99 3.51
N GLY A 13 -15.26 -3.17 2.94
CA GLY A 13 -15.70 -2.15 2.01
C GLY A 13 -14.78 -2.01 0.82
N GLU A 14 -15.17 -1.17 -0.13
CA GLU A 14 -14.36 -0.94 -1.32
C GLU A 14 -13.27 0.09 -1.07
N GLN A 15 -12.04 -0.25 -1.43
CA GLN A 15 -10.91 0.64 -1.23
C GLN A 15 -10.52 1.32 -2.55
N PRO A 16 -9.83 2.48 -2.46
CA PRO A 16 -9.40 3.22 -3.65
C PRO A 16 -8.63 2.35 -4.63
N LEU A 17 -7.50 1.81 -4.19
CA LEU A 17 -6.67 0.95 -5.03
C LEU A 17 -5.93 -0.09 -4.19
N SER A 18 -5.54 -1.18 -4.82
CA SER A 18 -4.82 -2.25 -4.14
C SER A 18 -4.02 -3.09 -5.11
N ALA A 19 -3.03 -3.82 -4.60
CA ALA A 19 -2.19 -4.67 -5.42
C ALA A 19 -1.51 -5.75 -4.59
N MET A 20 -0.88 -6.71 -5.26
CA MET A 20 -0.19 -7.80 -4.58
C MET A 20 1.32 -7.62 -4.64
N VAL A 21 2.02 -8.24 -3.70
CA VAL A 21 3.48 -8.15 -3.65
C VAL A 21 4.11 -9.48 -4.03
N SER A 22 5.08 -9.43 -4.94
CA SER A 22 5.76 -10.64 -5.39
C SER A 22 7.21 -10.67 -4.90
N MET A 23 7.83 -9.51 -4.83
CA MET A 23 9.22 -9.42 -4.37
C MET A 23 9.49 -8.06 -3.73
N VAL A 24 10.40 -8.05 -2.76
CA VAL A 24 10.77 -6.81 -2.06
C VAL A 24 12.13 -6.95 -1.40
N THR A 25 12.95 -5.90 -1.52
CA THR A 25 14.28 -5.91 -0.94
C THR A 25 14.30 -5.13 0.38
N LYS A 26 15.10 -5.59 1.33
CA LYS A 26 15.22 -4.94 2.63
C LYS A 26 16.32 -3.89 2.60
N ASP A 27 16.05 -2.78 1.92
CA ASP A 27 17.03 -1.69 1.83
C ASP A 27 16.44 -0.39 2.35
N ASN A 28 17.04 0.74 1.97
CA ASN A 28 16.57 2.04 2.41
C ASN A 28 16.99 3.14 1.44
N PRO A 29 16.14 3.46 0.45
CA PRO A 29 14.84 2.80 0.24
C PRO A 29 14.99 1.44 -0.44
N GLY A 30 13.90 0.68 -0.46
CA GLY A 30 13.93 -0.63 -1.09
C GLY A 30 13.06 -0.70 -2.33
N VAL A 31 13.41 -1.59 -3.25
CA VAL A 31 12.65 -1.75 -4.48
C VAL A 31 11.71 -2.95 -4.39
N VAL A 32 10.43 -2.70 -4.58
CA VAL A 32 9.42 -3.75 -4.52
C VAL A 32 8.77 -3.97 -5.88
N THR A 33 8.27 -5.19 -6.09
CA THR A 33 7.61 -5.53 -7.35
C THR A 33 6.21 -6.04 -7.09
N CYS A 34 5.34 -5.92 -8.09
CA CYS A 34 3.96 -6.37 -7.96
C CYS A 34 3.76 -7.74 -8.61
N LEU A 35 2.61 -8.34 -8.38
CA LEU A 35 2.29 -9.65 -8.94
C LEU A 35 2.05 -9.55 -10.44
N ASP A 36 2.49 -10.56 -11.17
CA ASP A 36 2.32 -10.59 -12.62
C ASP A 36 0.85 -10.42 -13.02
N GLU A 37 -0.05 -10.78 -12.11
CA GLU A 37 -1.48 -10.67 -12.37
C GLU A 37 -2.07 -9.43 -11.71
N ALA A 38 -1.35 -8.87 -10.74
CA ALA A 38 -1.81 -7.68 -10.03
C ALA A 38 -1.55 -6.42 -10.84
N ARG A 39 -2.15 -5.32 -10.42
CA ARG A 39 -1.99 -4.03 -11.10
C ARG A 39 -1.35 -3.00 -10.18
N HIS A 40 -1.37 -1.74 -10.60
CA HIS A 40 -0.80 -0.65 -9.82
C HIS A 40 -1.14 0.70 -10.42
N GLY A 41 -1.14 1.74 -9.59
CA GLY A 41 -1.45 3.07 -10.08
C GLY A 41 -1.41 4.12 -8.99
N PHE A 42 -0.29 4.19 -8.27
CA PHE A 42 -0.14 5.17 -7.20
C PHE A 42 0.74 6.33 -7.65
N GLU A 43 0.39 7.54 -7.23
CA GLU A 43 1.14 8.73 -7.60
C GLU A 43 2.47 8.77 -6.87
N THR A 44 3.46 9.44 -7.46
CA THR A 44 4.78 9.56 -6.86
C THR A 44 4.69 10.18 -5.48
N GLY A 45 4.69 9.33 -4.45
CA GLY A 45 4.61 9.82 -3.09
C GLY A 45 3.32 9.42 -2.40
N ASP A 46 2.55 8.53 -3.04
CA ASP A 46 1.29 8.07 -2.46
C ASP A 46 1.53 7.35 -1.14
N PHE A 47 0.51 6.64 -0.66
CA PHE A 47 0.63 5.91 0.60
C PHE A 47 0.22 4.46 0.43
N VAL A 48 0.90 3.56 1.13
CA VAL A 48 0.61 2.14 1.04
C VAL A 48 0.93 1.42 2.35
N SER A 49 0.00 0.57 2.79
CA SER A 49 0.19 -0.21 4.00
C SER A 49 0.34 -1.69 3.68
N PHE A 50 0.79 -2.47 4.66
CA PHE A 50 0.98 -3.89 4.48
C PHE A 50 -0.19 -4.69 5.05
N SER A 51 -0.55 -5.78 4.38
CA SER A 51 -1.66 -6.63 4.83
C SER A 51 -1.15 -7.85 5.57
N GLU A 52 -0.83 -8.91 4.83
CA GLU A 52 -0.33 -10.14 5.42
C GLU A 52 1.07 -10.46 4.88
N VAL A 53 2.09 -10.00 5.59
CA VAL A 53 3.46 -10.22 5.17
C VAL A 53 4.19 -11.17 6.12
N GLN A 54 4.98 -12.07 5.56
CA GLN A 54 5.74 -13.03 6.35
C GLN A 54 7.18 -12.56 6.50
N GLY A 55 7.59 -12.28 7.73
CA GLY A 55 8.94 -11.81 7.97
C GLY A 55 8.99 -10.32 8.18
N MET A 56 8.67 -9.57 7.13
CA MET A 56 8.67 -8.12 7.19
C MET A 56 7.29 -7.60 7.62
N ILE A 57 6.87 -8.02 8.81
CA ILE A 57 5.58 -7.61 9.35
C ILE A 57 5.62 -6.21 9.93
N GLN A 58 6.78 -5.84 10.50
CA GLN A 58 6.95 -4.52 11.11
C GLN A 58 6.29 -3.42 10.29
N LEU A 59 6.28 -3.56 8.97
CA LEU A 59 5.65 -2.58 8.10
C LEU A 59 4.16 -2.46 8.41
N ASN A 60 3.48 -3.60 8.47
CA ASN A 60 2.06 -3.64 8.77
C ASN A 60 1.78 -3.13 10.18
N GLY A 61 2.69 -3.41 11.10
CA GLY A 61 2.53 -2.97 12.46
C GLY A 61 3.20 -1.63 12.73
N CYS A 62 3.11 -0.72 11.77
CA CYS A 62 3.71 0.60 11.90
C CYS A 62 3.06 1.59 10.94
N GLN A 63 1.76 1.41 10.72
CA GLN A 63 1.02 2.28 9.82
C GLN A 63 1.57 2.20 8.40
N PRO A 64 0.86 2.76 7.41
CA PRO A 64 1.29 2.74 6.02
C PRO A 64 2.61 3.48 5.83
N MET A 65 2.85 4.00 4.62
CA MET A 65 4.08 4.72 4.33
C MET A 65 4.02 5.37 2.96
N GLU A 66 5.12 5.99 2.54
CA GLU A 66 5.17 6.64 1.24
C GLU A 66 5.87 5.76 0.21
N ILE A 67 5.44 5.85 -1.04
CA ILE A 67 6.01 5.04 -2.11
C ILE A 67 6.64 5.89 -3.20
N LYS A 68 7.27 5.19 -4.14
CA LYS A 68 7.91 5.81 -5.28
C LYS A 68 7.80 4.86 -6.46
N VAL A 69 7.37 5.36 -7.60
CA VAL A 69 7.19 4.52 -8.78
C VAL A 69 8.38 4.61 -9.71
N LEU A 70 8.98 3.45 -9.97
CA LEU A 70 10.14 3.35 -10.84
C LEU A 70 9.73 2.95 -12.24
N GLY A 71 8.65 2.19 -12.35
CA GLY A 71 8.17 1.76 -13.65
C GLY A 71 7.13 0.66 -13.58
N PRO A 72 6.75 0.07 -14.73
CA PRO A 72 5.76 -1.00 -14.80
C PRO A 72 6.07 -2.14 -13.84
N TYR A 73 5.23 -2.30 -12.83
CA TYR A 73 5.40 -3.36 -11.84
C TYR A 73 6.68 -3.14 -11.03
N THR A 74 7.19 -1.91 -11.05
CA THR A 74 8.40 -1.57 -10.31
C THR A 74 8.20 -0.28 -9.52
N PHE A 75 8.72 -0.27 -8.30
CA PHE A 75 8.59 0.89 -7.44
C PHE A 75 9.33 0.69 -6.12
N SER A 76 9.53 1.77 -5.37
CA SER A 76 10.23 1.71 -4.10
C SER A 76 9.34 2.14 -2.95
N ILE A 77 9.81 1.92 -1.72
CA ILE A 77 9.05 2.29 -0.53
C ILE A 77 9.96 2.99 0.48
N CYS A 78 9.39 3.35 1.64
CA CYS A 78 10.16 4.03 2.67
C CYS A 78 11.36 3.20 3.10
N ASP A 79 12.10 3.69 4.09
CA ASP A 79 13.27 3.00 4.59
C ASP A 79 12.88 1.77 5.40
N THR A 80 13.39 0.61 4.99
CA THR A 80 13.09 -0.64 5.68
C THR A 80 14.35 -1.49 5.83
N SER A 81 15.41 -0.89 6.37
CA SER A 81 16.67 -1.60 6.57
C SER A 81 16.70 -2.30 7.93
N ASN A 82 16.45 -1.53 8.99
CA ASN A 82 16.44 -2.07 10.34
C ASN A 82 15.26 -3.03 10.54
N PHE A 83 14.26 -2.92 9.69
CA PHE A 83 13.07 -3.77 9.78
C PHE A 83 13.46 -5.24 9.64
N SER A 84 12.46 -6.11 9.65
CA SER A 84 12.70 -7.55 9.53
C SER A 84 12.99 -7.94 8.08
N ASP A 85 13.14 -9.23 7.85
CA ASP A 85 13.43 -9.74 6.51
C ASP A 85 12.16 -10.31 5.87
N TYR A 86 11.85 -9.85 4.66
CA TYR A 86 10.67 -10.31 3.94
C TYR A 86 10.87 -11.73 3.43
N ILE A 87 9.82 -12.54 3.50
CA ILE A 87 9.88 -13.91 3.04
C ILE A 87 8.79 -14.21 2.02
N ARG A 88 7.54 -14.10 2.46
CA ARG A 88 6.39 -14.36 1.58
C ARG A 88 5.17 -13.59 2.07
N GLY A 89 4.09 -13.66 1.31
CA GLY A 89 2.87 -12.97 1.70
C GLY A 89 3.06 -11.48 1.79
N GLY A 90 2.01 -10.72 1.52
CA GLY A 90 2.09 -9.27 1.60
C GLY A 90 1.32 -8.58 0.48
N ILE A 91 0.29 -7.84 0.86
CA ILE A 91 -0.53 -7.12 -0.09
C ILE A 91 -0.38 -5.61 0.11
N VAL A 92 -0.19 -4.89 -0.99
CA VAL A 92 -0.04 -3.45 -0.94
C VAL A 92 -1.34 -2.75 -1.31
N SER A 93 -1.92 -2.04 -0.34
CA SER A 93 -3.17 -1.33 -0.56
C SER A 93 -3.00 0.17 -0.33
N GLN A 94 -3.84 0.97 -0.97
CA GLN A 94 -3.79 2.42 -0.84
C GLN A 94 -4.15 2.85 0.58
N VAL A 95 -3.16 2.86 1.45
CA VAL A 95 -3.36 3.25 2.84
C VAL A 95 -4.53 2.50 3.48
N LYS A 96 -4.80 2.80 4.74
CA LYS A 96 -5.90 2.15 5.46
C LYS A 96 -6.46 3.06 6.53
N VAL A 97 -5.64 3.36 7.54
CA VAL A 97 -6.05 4.23 8.63
C VAL A 97 -4.92 5.16 9.07
N PRO A 98 -5.20 6.47 9.18
CA PRO A 98 -4.19 7.45 9.59
C PRO A 98 -3.86 7.38 11.08
N LYS A 99 -3.15 8.37 11.57
CA LYS A 99 -2.77 8.43 12.98
C LYS A 99 -3.92 8.98 13.83
N LYS A 100 -3.93 8.60 15.11
CA LYS A 100 -4.96 9.05 16.02
C LYS A 100 -4.38 9.94 17.12
N ILE A 101 -3.34 10.68 16.78
CA ILE A 101 -2.68 11.57 17.72
C ILE A 101 -1.67 12.48 17.03
N SER A 102 -1.94 13.78 17.04
CA SER A 102 -1.06 14.75 16.40
C SER A 102 -1.14 16.10 17.10
N PHE A 103 -2.30 16.75 17.00
CA PHE A 103 -2.51 18.04 17.62
C PHE A 103 -3.90 18.13 18.25
N LYS A 104 -4.93 17.89 17.44
CA LYS A 104 -6.31 17.93 17.90
C LYS A 104 -6.66 19.32 18.42
N SER A 105 -7.46 20.04 17.66
CA SER A 105 -7.87 21.40 18.03
C SER A 105 -8.88 21.95 17.03
N LEU A 106 -9.95 22.56 17.55
CA LEU A 106 -10.99 23.13 16.72
C LEU A 106 -11.33 24.55 17.17
N PRO A 107 -10.41 25.50 16.99
CA PRO A 107 -10.61 26.90 17.38
C PRO A 107 -11.89 27.48 16.79
N ALA A 108 -12.08 28.78 16.97
CA ALA A 108 -13.27 29.46 16.44
C ALA A 108 -12.88 30.72 15.69
N SER A 109 -13.80 31.21 14.86
CA SER A 109 -13.56 32.42 14.07
C SER A 109 -13.53 33.65 14.96
N LEU A 110 -12.35 33.97 15.48
CA LEU A 110 -12.17 35.13 16.34
C LEU A 110 -11.26 36.16 15.69
N VAL A 111 -11.84 37.29 15.30
CA VAL A 111 -11.08 38.36 14.67
C VAL A 111 -10.41 37.88 13.38
N GLU A 112 -11.15 37.95 12.28
CA GLU A 112 -10.62 37.52 10.98
C GLU A 112 -11.40 38.17 9.85
N GLU A 1 -18.27 -16.01 15.36
CA GLU A 1 -19.65 -16.09 15.94
C GLU A 1 -20.39 -14.77 15.79
N PHE A 2 -21.65 -14.85 15.36
CA PHE A 2 -22.47 -13.66 15.19
C PHE A 2 -23.02 -13.17 16.52
N GLY A 3 -22.32 -12.22 17.13
CA GLY A 3 -22.76 -11.68 18.40
C GLY A 3 -21.81 -10.62 18.94
N GLU A 4 -20.52 -10.81 18.72
CA GLU A 4 -19.50 -9.88 19.18
C GLU A 4 -18.66 -9.38 18.02
N GLU A 5 -19.21 -8.48 17.22
CA GLU A 5 -18.50 -7.93 16.07
C GLU A 5 -19.00 -6.52 15.74
N MET A 6 -18.07 -5.63 15.45
CA MET A 6 -18.41 -4.25 15.12
C MET A 6 -18.20 -3.98 13.63
N VAL A 7 -19.23 -3.45 12.98
CA VAL A 7 -19.15 -3.14 11.55
C VAL A 7 -19.70 -1.75 11.27
N LEU A 8 -18.98 -0.73 11.71
CA LEU A 8 -19.38 0.65 11.50
C LEU A 8 -18.48 1.34 10.48
N THR A 9 -19.05 1.71 9.34
CA THR A 9 -18.30 2.37 8.28
C THR A 9 -19.01 3.65 7.82
N ASP A 10 -18.30 4.46 7.05
CA ASP A 10 -18.85 5.71 6.54
C ASP A 10 -20.05 5.45 5.62
N SER A 11 -20.54 6.50 4.99
CA SER A 11 -21.68 6.39 4.09
C SER A 11 -21.24 5.83 2.73
N ASN A 12 -20.06 6.21 2.30
CA ASN A 12 -19.52 5.75 1.02
C ASN A 12 -18.41 4.73 1.24
N GLY A 13 -18.35 3.74 0.36
CA GLY A 13 -17.33 2.71 0.46
C GLY A 13 -16.20 2.89 -0.53
N GLU A 14 -16.31 2.22 -1.67
CA GLU A 14 -15.29 2.31 -2.71
C GLU A 14 -13.94 1.86 -2.18
N GLN A 15 -13.60 0.59 -2.45
CA GLN A 15 -12.32 0.04 -2.01
C GLN A 15 -11.17 0.59 -2.84
N PRO A 16 -10.16 1.19 -2.18
CA PRO A 16 -9.00 1.76 -2.88
C PRO A 16 -8.31 0.75 -3.78
N LEU A 17 -7.15 1.12 -4.32
CA LEU A 17 -6.39 0.24 -5.19
C LEU A 17 -5.39 -0.60 -4.38
N SER A 18 -5.47 -1.91 -4.55
CA SER A 18 -4.58 -2.82 -3.85
C SER A 18 -4.04 -3.90 -4.78
N ALA A 19 -2.72 -4.06 -4.80
CA ALA A 19 -2.07 -5.05 -5.65
C ALA A 19 -1.24 -6.02 -4.83
N MET A 20 -1.15 -7.26 -5.29
CA MET A 20 -0.37 -8.28 -4.60
C MET A 20 1.12 -8.11 -4.86
N VAL A 21 1.93 -8.44 -3.85
CA VAL A 21 3.37 -8.31 -3.97
C VAL A 21 4.01 -9.67 -4.26
N SER A 22 5.02 -9.68 -5.12
CA SER A 22 5.71 -10.91 -5.49
C SER A 22 7.09 -10.97 -4.84
N MET A 23 7.69 -9.81 -4.61
CA MET A 23 9.01 -9.74 -3.99
C MET A 23 9.32 -8.32 -3.52
N VAL A 24 10.25 -8.21 -2.59
CA VAL A 24 10.65 -6.92 -2.05
C VAL A 24 12.02 -7.00 -1.37
N THR A 25 12.96 -6.19 -1.84
CA THR A 25 14.30 -6.18 -1.27
C THR A 25 14.37 -5.28 -0.05
N LYS A 26 15.16 -5.69 0.94
CA LYS A 26 15.32 -4.91 2.17
C LYS A 26 16.50 -3.96 2.07
N ASP A 27 16.46 -3.11 1.05
CA ASP A 27 17.53 -2.14 0.83
C ASP A 27 17.21 -0.81 1.53
N ASN A 28 17.71 0.30 0.99
CA ASN A 28 17.47 1.61 1.58
C ASN A 28 17.70 2.74 0.56
N PRO A 29 16.64 3.14 -0.16
CA PRO A 29 15.30 2.56 -0.03
C PRO A 29 15.23 1.16 -0.65
N GLY A 30 14.13 0.48 -0.38
CA GLY A 30 13.96 -0.86 -0.91
C GLY A 30 13.04 -0.89 -2.11
N VAL A 31 13.32 -1.81 -3.04
CA VAL A 31 12.51 -1.93 -4.25
C VAL A 31 11.51 -3.07 -4.12
N VAL A 32 10.34 -2.90 -4.72
CA VAL A 32 9.29 -3.91 -4.66
C VAL A 32 8.59 -4.05 -6.02
N THR A 33 8.09 -5.25 -6.29
CA THR A 33 7.38 -5.52 -7.54
C THR A 33 5.97 -6.03 -7.25
N CYS A 34 5.11 -5.95 -8.25
CA CYS A 34 3.73 -6.39 -8.09
C CYS A 34 3.54 -7.78 -8.69
N LEU A 35 2.38 -8.38 -8.41
CA LEU A 35 2.07 -9.72 -8.92
C LEU A 35 1.83 -9.67 -10.43
N ASP A 36 2.18 -10.77 -11.11
CA ASP A 36 2.00 -10.85 -12.55
C ASP A 36 0.53 -10.61 -12.93
N GLU A 37 -0.37 -10.98 -12.04
CA GLU A 37 -1.80 -10.81 -12.27
C GLU A 37 -2.36 -9.66 -11.44
N ALA A 38 -1.71 -8.52 -11.50
CA ALA A 38 -2.15 -7.34 -10.75
C ALA A 38 -1.25 -6.14 -11.02
N ARG A 39 -1.82 -4.94 -10.87
CA ARG A 39 -1.08 -3.71 -11.11
C ARG A 39 -1.36 -2.69 -10.02
N HIS A 40 -0.42 -1.77 -9.81
CA HIS A 40 -0.56 -0.73 -8.80
C HIS A 40 -0.74 0.64 -9.45
N GLY A 41 -1.50 1.50 -8.78
CA GLY A 41 -1.74 2.83 -9.30
C GLY A 41 -1.47 3.92 -8.28
N PHE A 42 -0.21 4.13 -7.95
CA PHE A 42 0.17 5.16 -6.98
C PHE A 42 1.23 6.09 -7.56
N GLU A 43 1.12 7.38 -7.25
CA GLU A 43 2.06 8.37 -7.74
C GLU A 43 3.21 8.56 -6.76
N THR A 44 4.27 9.23 -7.22
CA THR A 44 5.43 9.48 -6.38
C THR A 44 5.05 10.28 -5.14
N GLY A 45 4.90 9.59 -4.02
CA GLY A 45 4.54 10.24 -2.77
C GLY A 45 3.19 9.77 -2.24
N ASP A 46 2.73 8.63 -2.70
CA ASP A 46 1.45 8.08 -2.25
C ASP A 46 1.62 7.33 -0.94
N PHE A 47 0.50 6.88 -0.38
CA PHE A 47 0.53 6.15 0.89
C PHE A 47 0.08 4.71 0.69
N VAL A 48 0.82 3.77 1.27
CA VAL A 48 0.49 2.36 1.15
C VAL A 48 0.68 1.63 2.48
N SER A 49 -0.07 0.55 2.66
CA SER A 49 0.00 -0.25 3.88
C SER A 49 0.32 -1.70 3.54
N PHE A 50 0.72 -2.47 4.56
CA PHE A 50 1.06 -3.87 4.37
C PHE A 50 -0.10 -4.78 4.80
N SER A 51 -0.32 -5.85 4.03
CA SER A 51 -1.39 -6.79 4.34
C SER A 51 -0.83 -8.03 5.06
N GLU A 52 -0.67 -9.13 4.34
CA GLU A 52 -0.14 -10.36 4.94
C GLU A 52 1.32 -10.53 4.56
N VAL A 53 2.21 -9.94 5.35
CA VAL A 53 3.64 -10.04 5.07
C VAL A 53 4.34 -10.99 6.03
N GLN A 54 5.18 -11.86 5.49
CA GLN A 54 5.93 -12.81 6.31
C GLN A 54 7.35 -12.30 6.53
N GLY A 55 7.69 -12.01 7.77
CA GLY A 55 9.01 -11.50 8.08
C GLY A 55 8.99 -10.00 8.30
N MET A 56 8.74 -9.26 7.23
CA MET A 56 8.67 -7.80 7.31
C MET A 56 7.28 -7.37 7.77
N ILE A 57 6.92 -7.77 8.98
CA ILE A 57 5.62 -7.45 9.56
C ILE A 57 5.59 -6.04 10.14
N GLN A 58 6.72 -5.58 10.67
CA GLN A 58 6.81 -4.25 11.29
C GLN A 58 6.00 -3.20 10.52
N LEU A 59 5.94 -3.33 9.20
CA LEU A 59 5.19 -2.38 8.38
C LEU A 59 3.69 -2.60 8.56
N ASN A 60 3.27 -3.86 8.49
CA ASN A 60 1.87 -4.22 8.63
C ASN A 60 1.31 -3.72 9.97
N GLY A 61 2.16 -3.75 10.99
CA GLY A 61 1.74 -3.30 12.31
C GLY A 61 2.06 -1.84 12.55
N CYS A 62 1.73 -1.00 11.57
CA CYS A 62 1.99 0.43 11.69
C CYS A 62 1.27 1.19 10.58
N GLN A 63 1.10 2.50 10.78
CA GLN A 63 0.43 3.35 9.80
C GLN A 63 1.09 3.22 8.43
N PRO A 64 0.36 3.53 7.35
CA PRO A 64 0.90 3.44 5.99
C PRO A 64 2.13 4.30 5.81
N MET A 65 2.95 3.95 4.82
CA MET A 65 4.17 4.70 4.54
C MET A 65 4.11 5.33 3.15
N GLU A 66 5.23 5.89 2.70
CA GLU A 66 5.29 6.52 1.39
C GLU A 66 5.91 5.57 0.36
N ILE A 67 5.53 5.76 -0.90
CA ILE A 67 6.05 4.91 -1.97
C ILE A 67 6.77 5.70 -3.04
N LYS A 68 7.37 4.97 -3.97
CA LYS A 68 8.09 5.54 -5.09
C LYS A 68 7.88 4.66 -6.31
N VAL A 69 7.44 5.24 -7.40
CA VAL A 69 7.19 4.47 -8.61
C VAL A 69 8.35 4.55 -9.59
N LEU A 70 8.97 3.39 -9.81
CA LEU A 70 10.11 3.28 -10.71
C LEU A 70 9.65 2.85 -12.10
N GLY A 71 8.53 2.12 -12.15
CA GLY A 71 8.01 1.65 -13.42
C GLY A 71 6.59 1.14 -13.31
N PRO A 72 6.01 0.66 -14.42
CA PRO A 72 4.64 0.13 -14.43
C PRO A 72 4.42 -0.91 -13.34
N TYR A 73 5.34 -1.87 -13.23
CA TYR A 73 5.25 -2.92 -12.23
C TYR A 73 6.41 -2.83 -11.24
N THR A 74 7.12 -1.70 -11.24
CA THR A 74 8.25 -1.49 -10.35
C THR A 74 8.03 -0.27 -9.47
N PHE A 75 8.56 -0.32 -8.24
CA PHE A 75 8.41 0.78 -7.30
C PHE A 75 9.14 0.48 -6.00
N SER A 76 9.45 1.53 -5.23
CA SER A 76 10.15 1.36 -3.97
C SER A 76 9.29 1.77 -2.79
N ILE A 77 9.76 1.46 -1.59
CA ILE A 77 9.02 1.80 -0.37
C ILE A 77 9.93 2.49 0.64
N CYS A 78 9.37 2.82 1.81
CA CYS A 78 10.13 3.49 2.86
C CYS A 78 11.34 2.65 3.27
N ASP A 79 12.11 3.17 4.22
CA ASP A 79 13.29 2.46 4.71
C ASP A 79 12.92 1.12 5.32
N THR A 80 13.67 0.08 4.96
CA THR A 80 13.42 -1.26 5.47
C THR A 80 14.58 -1.77 6.33
N SER A 81 15.76 -1.15 6.15
CA SER A 81 16.95 -1.55 6.90
C SER A 81 16.68 -1.56 8.41
N ASN A 82 15.73 -0.73 8.84
CA ASN A 82 15.38 -0.65 10.26
C ASN A 82 14.51 -1.82 10.68
N PHE A 83 13.77 -2.39 9.72
CA PHE A 83 12.89 -3.51 10.00
C PHE A 83 13.63 -4.84 9.80
N SER A 84 12.86 -5.93 9.79
CA SER A 84 13.43 -7.27 9.61
C SER A 84 13.63 -7.56 8.12
N ASP A 85 13.49 -8.83 7.73
CA ASP A 85 13.65 -9.22 6.34
C ASP A 85 12.36 -9.82 5.79
N TYR A 86 12.12 -9.60 4.50
CA TYR A 86 10.92 -10.11 3.85
C TYR A 86 11.09 -11.58 3.48
N ILE A 87 10.02 -12.36 3.64
CA ILE A 87 10.05 -13.78 3.33
C ILE A 87 9.02 -14.12 2.26
N ARG A 88 7.75 -13.84 2.56
CA ARG A 88 6.66 -14.12 1.62
C ARG A 88 5.41 -13.34 2.03
N GLY A 89 4.36 -13.45 1.22
CA GLY A 89 3.13 -12.74 1.54
C GLY A 89 3.34 -11.24 1.58
N GLY A 90 2.27 -10.49 1.36
CA GLY A 90 2.37 -9.05 1.40
C GLY A 90 1.60 -8.37 0.28
N ILE A 91 0.63 -7.56 0.66
CA ILE A 91 -0.18 -6.83 -0.31
C ILE A 91 -0.09 -5.34 -0.07
N VAL A 92 0.10 -4.58 -1.15
CA VAL A 92 0.21 -3.13 -1.05
C VAL A 92 -1.11 -2.45 -1.40
N SER A 93 -1.78 -1.92 -0.38
CA SER A 93 -3.06 -1.25 -0.58
C SER A 93 -2.95 0.23 -0.22
N GLN A 94 -3.27 1.10 -1.17
CA GLN A 94 -3.20 2.54 -0.95
C GLN A 94 -4.32 3.01 -0.03
N VAL A 95 -3.95 3.43 1.18
CA VAL A 95 -4.93 3.91 2.15
C VAL A 95 -5.79 5.02 1.57
N LYS A 96 -6.96 5.22 2.15
CA LYS A 96 -7.89 6.25 1.69
C LYS A 96 -7.48 7.62 2.23
N VAL A 97 -6.49 8.24 1.59
CA VAL A 97 -6.02 9.55 2.00
C VAL A 97 -5.10 10.17 0.95
N PRO A 98 -5.63 10.43 -0.26
CA PRO A 98 -4.86 11.02 -1.36
C PRO A 98 -4.65 12.52 -1.19
N LYS A 99 -5.75 13.24 -0.97
CA LYS A 99 -5.69 14.69 -0.79
C LYS A 99 -4.74 15.07 0.34
N LYS A 100 -4.13 16.24 0.22
CA LYS A 100 -3.19 16.73 1.23
C LYS A 100 -3.30 18.25 1.38
N ILE A 101 -4.19 18.69 2.25
CA ILE A 101 -4.40 20.12 2.48
C ILE A 101 -4.97 20.79 1.24
N SER A 102 -6.30 20.88 1.18
CA SER A 102 -6.98 21.51 0.05
C SER A 102 -7.63 22.82 0.47
N PHE A 103 -7.08 23.93 -0.02
CA PHE A 103 -7.62 25.25 0.30
C PHE A 103 -7.44 25.57 1.78
N LYS A 104 -8.26 24.95 2.62
CA LYS A 104 -8.20 25.17 4.06
C LYS A 104 -9.23 24.32 4.79
N SER A 105 -9.30 24.50 6.11
CA SER A 105 -10.25 23.74 6.92
C SER A 105 -10.78 24.60 8.07
N LEU A 106 -12.07 24.90 8.03
CA LEU A 106 -12.70 25.70 9.07
C LEU A 106 -12.06 27.10 9.14
N PRO A 107 -12.73 28.11 8.57
CA PRO A 107 -12.20 29.49 8.57
C PRO A 107 -11.77 29.94 9.97
N ALA A 108 -11.04 31.05 10.03
CA ALA A 108 -10.56 31.58 11.29
C ALA A 108 -9.64 30.59 12.00
N SER A 109 -8.73 30.01 11.24
CA SER A 109 -7.79 29.03 11.79
C SER A 109 -6.38 29.28 11.26
N LEU A 110 -5.52 29.85 12.11
CA LEU A 110 -4.14 30.14 11.71
C LEU A 110 -3.27 28.89 11.87
N VAL A 111 -3.28 28.31 13.06
CA VAL A 111 -2.49 27.12 13.33
C VAL A 111 -3.38 25.89 13.52
N GLU A 112 -4.58 25.94 12.95
CA GLU A 112 -5.52 24.83 13.05
C GLU A 112 -5.81 24.49 14.51
N GLU A 1 -46.14 4.75 3.78
CA GLU A 1 -44.77 4.88 4.35
C GLU A 1 -43.74 5.12 3.26
N PHE A 2 -44.01 4.59 2.07
CA PHE A 2 -43.09 4.74 0.94
C PHE A 2 -41.73 4.16 1.26
N GLY A 3 -41.54 2.89 0.89
CA GLY A 3 -40.27 2.23 1.16
C GLY A 3 -39.99 1.12 0.16
N GLU A 4 -38.76 1.08 -0.35
CA GLU A 4 -38.36 0.07 -1.31
C GLU A 4 -36.95 -0.43 -1.04
N GLU A 5 -36.67 -1.66 -1.44
CA GLU A 5 -35.36 -2.26 -1.23
C GLU A 5 -34.59 -2.39 -2.55
N MET A 6 -35.34 -2.59 -3.63
CA MET A 6 -34.74 -2.75 -4.95
C MET A 6 -34.72 -1.41 -5.69
N VAL A 7 -34.06 -1.38 -6.85
CA VAL A 7 -33.96 -0.17 -7.65
C VAL A 7 -33.18 0.92 -6.91
N LEU A 8 -31.86 0.84 -7.00
CA LEU A 8 -31.00 1.83 -6.36
C LEU A 8 -29.79 2.16 -7.23
N THR A 9 -28.95 3.07 -6.75
CA THR A 9 -27.76 3.47 -7.48
C THR A 9 -26.92 4.45 -6.67
N ASP A 10 -26.04 5.20 -7.35
CA ASP A 10 -25.18 6.17 -6.69
C ASP A 10 -24.05 5.48 -5.95
N SER A 11 -22.84 5.57 -6.50
CA SER A 11 -21.66 4.95 -5.90
C SER A 11 -21.25 5.70 -4.63
N ASN A 12 -20.68 4.96 -3.68
CA ASN A 12 -20.23 5.55 -2.42
C ASN A 12 -18.73 5.37 -2.24
N GLY A 13 -18.25 4.17 -2.54
CA GLY A 13 -16.83 3.89 -2.41
C GLY A 13 -16.55 2.90 -1.29
N GLU A 14 -15.77 3.35 -0.30
CA GLU A 14 -15.42 2.51 0.84
C GLU A 14 -14.66 1.26 0.39
N GLN A 15 -14.02 1.36 -0.78
CA GLN A 15 -13.26 0.24 -1.31
C GLN A 15 -12.00 0.73 -2.03
N PRO A 16 -10.90 0.92 -1.28
CA PRO A 16 -9.63 1.40 -1.85
C PRO A 16 -8.96 0.34 -2.71
N LEU A 17 -7.78 0.66 -3.23
CA LEU A 17 -7.04 -0.26 -4.08
C LEU A 17 -6.16 -1.19 -3.24
N SER A 18 -5.73 -2.28 -3.84
CA SER A 18 -4.88 -3.25 -3.15
C SER A 18 -4.17 -4.17 -4.14
N ALA A 19 -2.87 -3.97 -4.31
CA ALA A 19 -2.08 -4.78 -5.23
C ALA A 19 -1.31 -5.87 -4.48
N MET A 20 -1.02 -6.95 -5.18
CA MET A 20 -0.28 -8.06 -4.57
C MET A 20 1.22 -7.89 -4.76
N VAL A 21 1.99 -8.34 -3.78
CA VAL A 21 3.44 -8.24 -3.83
C VAL A 21 4.07 -9.57 -4.26
N SER A 22 5.04 -9.50 -5.14
CA SER A 22 5.72 -10.70 -5.63
C SER A 22 7.11 -10.83 -5.02
N MET A 23 7.77 -9.69 -4.83
CA MET A 23 9.12 -9.68 -4.26
C MET A 23 9.48 -8.28 -3.76
N VAL A 24 10.22 -8.22 -2.66
CA VAL A 24 10.64 -6.96 -2.09
C VAL A 24 12.00 -7.07 -1.42
N THR A 25 12.90 -6.14 -1.75
CA THR A 25 14.25 -6.15 -1.19
C THR A 25 14.32 -5.28 0.06
N LYS A 26 15.14 -5.70 1.01
CA LYS A 26 15.31 -4.97 2.26
C LYS A 26 16.46 -3.96 2.15
N ASP A 27 16.15 -2.77 1.66
CA ASP A 27 17.14 -1.72 1.50
C ASP A 27 16.62 -0.39 2.04
N ASN A 28 17.20 0.71 1.58
CA ASN A 28 16.79 2.04 2.03
C ASN A 28 17.20 3.12 1.03
N PRO A 29 16.31 3.46 0.07
CA PRO A 29 14.99 2.84 -0.05
C PRO A 29 15.05 1.45 -0.65
N GLY A 30 13.93 0.74 -0.59
CA GLY A 30 13.89 -0.60 -1.14
C GLY A 30 13.05 -0.69 -2.40
N VAL A 31 13.43 -1.57 -3.31
CA VAL A 31 12.71 -1.75 -4.56
C VAL A 31 11.80 -2.96 -4.50
N VAL A 32 10.52 -2.75 -4.80
CA VAL A 32 9.54 -3.84 -4.77
C VAL A 32 8.88 -4.02 -6.14
N THR A 33 8.39 -5.23 -6.38
CA THR A 33 7.73 -5.55 -7.64
C THR A 33 6.28 -5.95 -7.41
N CYS A 34 5.47 -5.90 -8.46
CA CYS A 34 4.06 -6.25 -8.35
C CYS A 34 3.81 -7.66 -8.86
N LEU A 35 2.68 -8.23 -8.47
CA LEU A 35 2.31 -9.58 -8.88
C LEU A 35 2.21 -9.67 -10.41
N ASP A 36 2.42 -10.88 -10.94
CA ASP A 36 2.35 -11.10 -12.37
C ASP A 36 1.03 -10.58 -12.95
N GLU A 37 0.00 -10.54 -12.12
CA GLU A 37 -1.31 -10.05 -12.55
C GLU A 37 -1.83 -8.99 -11.59
N ALA A 38 -0.93 -8.15 -11.09
CA ALA A 38 -1.31 -7.09 -10.16
C ALA A 38 -1.54 -5.77 -10.89
N ARG A 39 -1.63 -4.69 -10.14
CA ARG A 39 -1.86 -3.37 -10.71
C ARG A 39 -1.04 -2.31 -10.00
N HIS A 40 -1.11 -1.07 -10.49
CA HIS A 40 -0.37 0.04 -9.90
C HIS A 40 -1.07 1.37 -10.21
N GLY A 41 -1.57 2.02 -9.17
CA GLY A 41 -2.24 3.29 -9.36
C GLY A 41 -1.81 4.35 -8.36
N PHE A 42 -0.58 4.22 -7.86
CA PHE A 42 -0.05 5.17 -6.90
C PHE A 42 1.00 6.07 -7.56
N GLU A 43 0.92 7.37 -7.29
CA GLU A 43 1.85 8.33 -7.86
C GLU A 43 3.06 8.52 -6.96
N THR A 44 4.03 9.29 -7.44
CA THR A 44 5.25 9.55 -6.68
C THR A 44 4.94 10.29 -5.39
N GLY A 45 4.91 9.57 -4.28
CA GLY A 45 4.62 10.18 -3.00
C GLY A 45 3.31 9.70 -2.40
N ASP A 46 2.80 8.59 -2.93
CA ASP A 46 1.54 8.03 -2.43
C ASP A 46 1.76 7.31 -1.11
N PHE A 47 0.71 6.69 -0.60
CA PHE A 47 0.79 5.96 0.67
C PHE A 47 0.41 4.49 0.48
N VAL A 48 1.12 3.60 1.18
CA VAL A 48 0.84 2.18 1.08
C VAL A 48 0.89 1.50 2.45
N SER A 49 0.19 0.38 2.57
CA SER A 49 0.15 -0.36 3.83
C SER A 49 0.47 -1.83 3.58
N PHE A 50 0.84 -2.54 4.65
CA PHE A 50 1.18 -3.96 4.56
C PHE A 50 0.00 -4.83 5.01
N SER A 51 -0.26 -5.90 4.26
CA SER A 51 -1.35 -6.81 4.59
C SER A 51 -0.82 -8.06 5.31
N GLU A 52 -0.75 -9.19 4.61
CA GLU A 52 -0.24 -10.42 5.22
C GLU A 52 1.20 -10.64 4.80
N VAL A 53 2.14 -10.07 5.55
CA VAL A 53 3.54 -10.23 5.24
C VAL A 53 4.27 -11.10 6.26
N GLN A 54 5.13 -11.98 5.77
CA GLN A 54 5.89 -12.86 6.64
C GLN A 54 7.31 -12.33 6.82
N GLY A 55 7.66 -12.02 8.06
CA GLY A 55 8.98 -11.47 8.33
C GLY A 55 8.94 -9.97 8.53
N MET A 56 8.59 -9.25 7.46
CA MET A 56 8.50 -7.80 7.52
C MET A 56 7.12 -7.38 8.03
N ILE A 57 6.79 -7.82 9.23
CA ILE A 57 5.50 -7.52 9.85
C ILE A 57 5.48 -6.12 10.46
N GLN A 58 6.63 -5.68 10.99
CA GLN A 58 6.75 -4.37 11.64
C GLN A 58 5.94 -3.30 10.91
N LEU A 59 5.88 -3.40 9.58
CA LEU A 59 5.13 -2.44 8.78
C LEU A 59 3.64 -2.75 8.81
N ASN A 60 3.30 -4.03 8.70
CA ASN A 60 1.91 -4.48 8.73
C ASN A 60 1.19 -3.97 9.97
N GLY A 61 1.92 -3.91 11.08
CA GLY A 61 1.35 -3.44 12.33
C GLY A 61 1.60 -1.97 12.57
N CYS A 62 1.75 -1.21 11.48
CA CYS A 62 2.01 0.22 11.58
C CYS A 62 1.28 0.97 10.47
N GLN A 63 1.17 2.28 10.62
CA GLN A 63 0.50 3.12 9.63
C GLN A 63 1.16 2.96 8.26
N PRO A 64 0.49 3.43 7.20
CA PRO A 64 1.03 3.34 5.83
C PRO A 64 2.30 4.17 5.65
N MET A 65 3.08 3.81 4.63
CA MET A 65 4.32 4.53 4.35
C MET A 65 4.24 5.19 2.98
N GLU A 66 5.35 5.78 2.55
CA GLU A 66 5.41 6.44 1.24
C GLU A 66 6.04 5.54 0.19
N ILE A 67 5.64 5.72 -1.06
CA ILE A 67 6.18 4.91 -2.15
C ILE A 67 6.84 5.75 -3.23
N LYS A 68 7.43 5.05 -4.18
CA LYS A 68 8.09 5.67 -5.32
C LYS A 68 7.92 4.77 -6.52
N VAL A 69 7.50 5.33 -7.64
CA VAL A 69 7.28 4.54 -8.85
C VAL A 69 8.46 4.62 -9.80
N LEU A 70 9.04 3.45 -10.06
CA LEU A 70 10.19 3.35 -10.94
C LEU A 70 9.75 2.94 -12.34
N GLY A 71 8.66 2.18 -12.42
CA GLY A 71 8.15 1.73 -13.69
C GLY A 71 6.76 1.17 -13.59
N PRO A 72 6.20 0.63 -14.69
CA PRO A 72 4.85 0.05 -14.71
C PRO A 72 4.65 -0.98 -13.61
N TYR A 73 5.53 -1.97 -13.57
CA TYR A 73 5.44 -3.02 -12.56
C TYR A 73 6.61 -2.95 -11.59
N THR A 74 7.22 -1.77 -11.47
CA THR A 74 8.34 -1.57 -10.57
C THR A 74 8.17 -0.31 -9.74
N PHE A 75 8.69 -0.33 -8.52
CA PHE A 75 8.59 0.81 -7.62
C PHE A 75 9.37 0.57 -6.34
N SER A 76 9.57 1.63 -5.55
CA SER A 76 10.32 1.53 -4.31
C SER A 76 9.44 1.88 -3.11
N ILE A 77 9.95 1.63 -1.91
CA ILE A 77 9.22 1.92 -0.68
C ILE A 77 10.13 2.64 0.31
N CYS A 78 9.57 2.95 1.48
CA CYS A 78 10.33 3.64 2.52
C CYS A 78 11.50 2.78 3.01
N ASP A 79 12.37 3.38 3.82
CA ASP A 79 13.53 2.66 4.34
C ASP A 79 13.10 1.43 5.14
N THR A 80 13.41 0.26 4.61
CA THR A 80 13.05 -1.00 5.27
C THR A 80 14.30 -1.77 5.69
N SER A 81 15.40 -1.06 5.88
CA SER A 81 16.65 -1.69 6.28
C SER A 81 16.79 -1.75 7.80
N ASN A 82 15.71 -1.42 8.51
CA ASN A 82 15.72 -1.44 9.97
C ASN A 82 14.83 -2.57 10.50
N PHE A 83 13.77 -2.88 9.76
CA PHE A 83 12.84 -3.93 10.15
C PHE A 83 13.43 -5.30 9.83
N SER A 84 12.58 -6.33 9.87
CA SER A 84 13.00 -7.69 9.58
C SER A 84 13.12 -7.91 8.07
N ASP A 85 13.51 -9.12 7.69
CA ASP A 85 13.66 -9.46 6.27
C ASP A 85 12.39 -10.10 5.73
N TYR A 86 11.92 -9.60 4.59
CA TYR A 86 10.72 -10.11 3.96
C TYR A 86 10.87 -11.60 3.61
N ILE A 87 9.84 -12.38 3.90
CA ILE A 87 9.87 -13.80 3.61
C ILE A 87 8.82 -14.18 2.57
N ARG A 88 7.55 -14.07 2.95
CA ARG A 88 6.45 -14.39 2.05
C ARG A 88 5.22 -13.56 2.41
N GLY A 89 4.17 -13.66 1.59
CA GLY A 89 2.96 -12.90 1.87
C GLY A 89 3.21 -11.41 1.87
N GLY A 90 2.17 -10.64 1.62
CA GLY A 90 2.32 -9.20 1.62
C GLY A 90 1.56 -8.54 0.49
N ILE A 91 0.58 -7.73 0.86
CA ILE A 91 -0.23 -7.00 -0.12
C ILE A 91 -0.14 -5.50 0.13
N VAL A 92 -0.04 -4.74 -0.96
CA VAL A 92 0.07 -3.29 -0.86
C VAL A 92 -1.28 -2.62 -1.13
N SER A 93 -1.72 -1.80 -0.19
CA SER A 93 -2.98 -1.09 -0.31
C SER A 93 -2.75 0.42 -0.22
N GLN A 94 -3.34 1.16 -1.15
CA GLN A 94 -3.19 2.61 -1.17
C GLN A 94 -4.22 3.29 -0.27
N VAL A 95 -3.81 3.63 0.95
CA VAL A 95 -4.69 4.29 1.89
C VAL A 95 -5.21 5.61 1.32
N LYS A 96 -6.48 5.94 1.61
CA LYS A 96 -7.08 7.16 1.12
C LYS A 96 -7.83 7.90 2.22
N VAL A 97 -7.45 7.65 3.47
CA VAL A 97 -8.09 8.29 4.61
C VAL A 97 -7.42 9.62 4.97
N PRO A 98 -6.08 9.60 5.11
CA PRO A 98 -5.31 10.80 5.45
C PRO A 98 -5.04 11.68 4.24
N LYS A 99 -4.15 12.66 4.41
CA LYS A 99 -3.81 13.57 3.33
C LYS A 99 -2.75 14.57 3.78
N LYS A 100 -3.01 15.22 4.91
CA LYS A 100 -2.08 16.20 5.46
C LYS A 100 -2.01 16.10 6.98
N ILE A 101 -3.13 16.37 7.64
CA ILE A 101 -3.19 16.30 9.10
C ILE A 101 -3.13 14.85 9.58
N SER A 102 -3.20 14.67 10.90
CA SER A 102 -3.16 13.34 11.49
C SER A 102 -3.70 13.35 12.91
N PHE A 103 -3.18 14.29 13.72
CA PHE A 103 -3.61 14.41 15.10
C PHE A 103 -5.05 14.88 15.20
N LYS A 104 -5.59 14.90 16.41
CA LYS A 104 -6.97 15.33 16.63
C LYS A 104 -7.06 16.28 17.82
N SER A 105 -8.08 17.13 17.80
CA SER A 105 -8.28 18.11 18.88
C SER A 105 -9.73 18.55 18.95
N LEU A 106 -10.50 17.89 19.82
CA LEU A 106 -11.91 18.23 19.98
C LEU A 106 -12.17 18.83 21.36
N PRO A 107 -12.02 20.17 21.49
CA PRO A 107 -12.23 20.87 22.76
C PRO A 107 -13.69 20.90 23.16
N ALA A 108 -13.96 20.71 24.44
CA ALA A 108 -15.32 20.73 24.96
C ALA A 108 -15.37 21.27 26.38
N SER A 109 -14.59 20.67 27.27
CA SER A 109 -14.53 21.09 28.66
C SER A 109 -13.17 21.71 28.99
N LEU A 110 -12.17 20.87 29.17
CA LEU A 110 -10.82 21.33 29.49
C LEU A 110 -10.82 22.14 30.77
N VAL A 111 -9.64 22.63 31.15
CA VAL A 111 -9.50 23.41 32.37
C VAL A 111 -9.06 24.85 32.06
N GLU A 112 -8.16 24.98 31.10
CA GLU A 112 -7.65 26.29 30.70
C GLU A 112 -8.18 26.69 29.33
N GLU A 1 6.82 17.13 -13.98
CA GLU A 1 6.88 18.54 -13.49
C GLU A 1 6.62 18.61 -11.99
N PHE A 2 7.49 19.31 -11.28
CA PHE A 2 7.36 19.47 -9.84
C PHE A 2 7.00 20.90 -9.47
N GLY A 3 6.51 21.09 -8.25
CA GLY A 3 6.13 22.42 -7.81
C GLY A 3 5.22 22.39 -6.59
N GLU A 4 4.30 23.35 -6.52
CA GLU A 4 3.37 23.43 -5.40
C GLU A 4 2.12 24.21 -5.80
N GLU A 5 1.03 23.48 -6.06
CA GLU A 5 -0.23 24.10 -6.44
C GLU A 5 -1.42 23.37 -5.81
N MET A 6 -1.46 22.06 -6.04
CA MET A 6 -2.55 21.24 -5.50
C MET A 6 -2.31 20.95 -4.02
N VAL A 7 -3.38 20.56 -3.32
CA VAL A 7 -3.30 20.23 -1.91
C VAL A 7 -4.35 19.21 -1.50
N LEU A 8 -5.59 19.47 -1.90
CA LEU A 8 -6.70 18.57 -1.58
C LEU A 8 -7.24 17.90 -2.84
N THR A 9 -7.62 16.64 -2.71
CA THR A 9 -8.16 15.89 -3.84
C THR A 9 -9.66 15.63 -3.67
N ASP A 10 -10.09 15.51 -2.41
CA ASP A 10 -11.49 15.26 -2.10
C ASP A 10 -11.95 13.93 -2.70
N SER A 11 -13.16 13.52 -2.33
CA SER A 11 -13.71 12.26 -2.82
C SER A 11 -12.83 11.08 -2.43
N ASN A 12 -13.05 10.57 -1.21
CA ASN A 12 -12.28 9.44 -0.71
C ASN A 12 -12.81 8.97 0.63
N GLY A 13 -12.77 7.67 0.86
CA GLY A 13 -13.24 7.11 2.11
C GLY A 13 -12.79 5.68 2.32
N GLU A 14 -13.04 4.83 1.33
CA GLU A 14 -12.65 3.42 1.41
C GLU A 14 -11.28 3.20 0.76
N GLN A 15 -10.91 1.94 0.60
CA GLN A 15 -9.62 1.60 -0.02
C GLN A 15 -9.82 1.06 -1.43
N PRO A 16 -10.11 1.93 -2.40
CA PRO A 16 -10.33 1.54 -3.79
C PRO A 16 -9.04 1.08 -4.47
N LEU A 17 -7.92 1.63 -4.02
CA LEU A 17 -6.62 1.28 -4.57
C LEU A 17 -5.99 0.12 -3.81
N SER A 18 -5.59 -0.91 -4.54
CA SER A 18 -4.97 -2.09 -3.92
C SER A 18 -4.13 -2.86 -4.93
N ALA A 19 -3.08 -3.52 -4.44
CA ALA A 19 -2.20 -4.29 -5.30
C ALA A 19 -1.47 -5.38 -4.51
N MET A 20 -1.08 -6.44 -5.19
CA MET A 20 -0.37 -7.55 -4.54
C MET A 20 1.14 -7.39 -4.68
N VAL A 21 1.87 -8.14 -3.87
CA VAL A 21 3.33 -8.09 -3.90
C VAL A 21 3.92 -9.43 -4.36
N SER A 22 4.97 -9.37 -5.17
CA SER A 22 5.61 -10.57 -5.68
C SER A 22 7.03 -10.71 -5.14
N MET A 23 7.65 -9.59 -4.80
CA MET A 23 9.01 -9.60 -4.27
C MET A 23 9.38 -8.26 -3.65
N VAL A 24 10.43 -8.25 -2.84
CA VAL A 24 10.87 -7.03 -2.18
C VAL A 24 12.26 -7.22 -1.54
N THR A 25 13.01 -6.13 -1.45
CA THR A 25 14.34 -6.17 -0.87
C THR A 25 14.40 -5.38 0.43
N LYS A 26 15.28 -5.80 1.35
CA LYS A 26 15.42 -5.12 2.63
C LYS A 26 16.52 -4.06 2.56
N ASP A 27 16.14 -2.87 2.10
CA ASP A 27 17.10 -1.77 1.98
C ASP A 27 16.49 -0.47 2.53
N ASN A 28 17.06 0.67 2.12
CA ASN A 28 16.57 1.96 2.58
C ASN A 28 16.94 3.08 1.61
N PRO A 29 16.07 3.36 0.61
CA PRO A 29 14.81 2.64 0.42
C PRO A 29 14.99 1.30 -0.26
N GLY A 30 13.94 0.49 -0.27
CA GLY A 30 14.01 -0.81 -0.89
C GLY A 30 13.18 -0.90 -2.17
N VAL A 31 13.56 -1.80 -3.05
CA VAL A 31 12.85 -1.98 -4.32
C VAL A 31 11.88 -3.16 -4.24
N VAL A 32 10.59 -2.87 -4.25
CA VAL A 32 9.57 -3.90 -4.20
C VAL A 32 8.96 -4.15 -5.57
N THR A 33 8.49 -5.37 -5.78
CA THR A 33 7.86 -5.75 -7.03
C THR A 33 6.50 -6.38 -6.78
N CYS A 34 5.53 -6.05 -7.62
CA CYS A 34 4.18 -6.59 -7.47
C CYS A 34 3.94 -7.75 -8.43
N LEU A 35 2.83 -8.44 -8.24
CA LEU A 35 2.46 -9.56 -9.08
C LEU A 35 2.56 -9.20 -10.56
N ASP A 36 2.64 -10.21 -11.42
CA ASP A 36 2.75 -10.01 -12.86
C ASP A 36 1.83 -8.89 -13.36
N GLU A 37 0.70 -8.72 -12.71
CA GLU A 37 -0.26 -7.69 -13.11
C GLU A 37 -1.30 -7.46 -12.03
N ALA A 38 -0.84 -7.24 -10.80
CA ALA A 38 -1.75 -6.99 -9.69
C ALA A 38 -1.47 -5.65 -9.03
N ARG A 39 -1.02 -4.68 -9.81
CA ARG A 39 -0.74 -3.35 -9.29
C ARG A 39 -0.93 -2.28 -10.37
N HIS A 40 -1.65 -1.23 -10.02
CA HIS A 40 -1.92 -0.13 -10.95
C HIS A 40 -2.96 0.83 -10.38
N GLY A 41 -2.49 1.84 -9.65
CA GLY A 41 -3.40 2.81 -9.06
C GLY A 41 -2.69 3.88 -8.27
N PHE A 42 -1.60 3.51 -7.60
CA PHE A 42 -0.83 4.45 -6.80
C PHE A 42 0.19 5.19 -7.67
N GLU A 43 0.27 6.49 -7.50
CA GLU A 43 1.20 7.32 -8.26
C GLU A 43 2.38 7.75 -7.39
N THR A 44 3.38 8.36 -8.02
CA THR A 44 4.57 8.82 -7.30
C THR A 44 4.19 9.72 -6.13
N GLY A 45 4.23 9.16 -4.93
CA GLY A 45 3.88 9.92 -3.75
C GLY A 45 2.60 9.44 -3.09
N ASP A 46 2.26 8.17 -3.31
CA ASP A 46 1.06 7.59 -2.73
C ASP A 46 1.36 6.90 -1.41
N PHE A 47 0.31 6.58 -0.65
CA PHE A 47 0.48 5.91 0.63
C PHE A 47 -0.04 4.48 0.57
N VAL A 48 0.75 3.55 1.12
CA VAL A 48 0.36 2.14 1.13
C VAL A 48 0.77 1.47 2.43
N SER A 49 -0.05 0.51 2.87
CA SER A 49 0.21 -0.23 4.09
C SER A 49 0.43 -1.71 3.79
N PHE A 50 0.88 -2.46 4.79
CA PHE A 50 1.12 -3.88 4.62
C PHE A 50 -0.04 -4.70 5.16
N SER A 51 -0.39 -5.76 4.44
CA SER A 51 -1.49 -6.64 4.84
C SER A 51 -0.97 -7.96 5.43
N GLU A 52 -0.74 -8.95 4.57
CA GLU A 52 -0.24 -10.25 5.01
C GLU A 52 1.21 -10.44 4.58
N VAL A 53 2.14 -10.00 5.40
CA VAL A 53 3.55 -10.14 5.09
C VAL A 53 4.26 -11.09 6.04
N GLN A 54 5.04 -12.02 5.48
CA GLN A 54 5.78 -12.99 6.28
C GLN A 54 7.24 -12.54 6.40
N GLY A 55 7.65 -12.24 7.62
CA GLY A 55 9.02 -11.78 7.83
C GLY A 55 9.08 -10.28 8.02
N MET A 56 8.62 -9.55 7.01
CA MET A 56 8.60 -8.09 7.06
C MET A 56 7.27 -7.59 7.60
N ILE A 57 6.90 -8.10 8.77
CA ILE A 57 5.63 -7.74 9.41
C ILE A 57 5.71 -6.36 10.06
N GLN A 58 6.89 -6.01 10.58
CA GLN A 58 7.10 -4.73 11.25
C GLN A 58 6.36 -3.59 10.54
N LEU A 59 6.27 -3.66 9.22
CA LEU A 59 5.58 -2.63 8.45
C LEU A 59 4.09 -2.65 8.74
N ASN A 60 3.50 -3.84 8.73
CA ASN A 60 2.07 -4.01 9.00
C ASN A 60 1.71 -3.42 10.36
N GLY A 61 2.63 -3.53 11.32
CA GLY A 61 2.38 -3.00 12.65
C GLY A 61 2.86 -1.56 12.79
N CYS A 62 2.52 -0.73 11.81
CA CYS A 62 2.90 0.67 11.82
C CYS A 62 2.14 1.45 10.76
N GLN A 63 2.15 2.77 10.88
CA GLN A 63 1.46 3.63 9.92
C GLN A 63 1.95 3.34 8.50
N PRO A 64 1.22 3.83 7.49
CA PRO A 64 1.58 3.62 6.08
C PRO A 64 2.86 4.36 5.71
N MET A 65 3.28 4.21 4.46
CA MET A 65 4.49 4.86 3.98
C MET A 65 4.27 5.43 2.58
N GLU A 66 5.27 6.14 2.06
CA GLU A 66 5.18 6.73 0.73
C GLU A 66 5.89 5.86 -0.29
N ILE A 67 5.17 5.48 -1.35
CA ILE A 67 5.73 4.64 -2.39
C ILE A 67 6.40 5.45 -3.48
N LYS A 68 7.21 4.75 -4.26
CA LYS A 68 7.91 5.34 -5.39
C LYS A 68 7.84 4.39 -6.57
N VAL A 69 7.37 4.87 -7.70
CA VAL A 69 7.22 4.02 -8.87
C VAL A 69 8.40 4.17 -9.82
N LEU A 70 9.15 3.08 -9.96
CA LEU A 70 10.32 3.03 -10.82
C LEU A 70 9.94 2.55 -12.21
N GLY A 71 8.90 1.74 -12.29
CA GLY A 71 8.44 1.22 -13.56
C GLY A 71 7.02 0.69 -13.51
N PRO A 72 6.61 -0.11 -14.50
CA PRO A 72 5.26 -0.69 -14.56
C PRO A 72 4.99 -1.64 -13.40
N TYR A 73 5.93 -2.56 -13.18
CA TYR A 73 5.80 -3.53 -12.11
C TYR A 73 6.90 -3.35 -11.06
N THR A 74 7.67 -2.27 -11.19
CA THR A 74 8.74 -1.97 -10.24
C THR A 74 8.43 -0.71 -9.45
N PHE A 75 8.97 -0.63 -8.24
CA PHE A 75 8.75 0.51 -7.37
C PHE A 75 9.50 0.35 -6.05
N SER A 76 9.67 1.46 -5.34
CA SER A 76 10.38 1.43 -4.05
C SER A 76 9.47 1.89 -2.92
N ILE A 77 9.94 1.71 -1.68
CA ILE A 77 9.18 2.10 -0.51
C ILE A 77 10.07 2.86 0.49
N CYS A 78 9.49 3.22 1.63
CA CYS A 78 10.24 3.95 2.66
C CYS A 78 11.49 3.19 3.06
N ASP A 79 12.22 3.72 4.04
CA ASP A 79 13.44 3.10 4.52
C ASP A 79 13.13 1.83 5.30
N THR A 80 13.28 0.68 4.64
CA THR A 80 13.03 -0.61 5.28
C THR A 80 14.33 -1.30 5.66
N SER A 81 15.14 -0.61 6.44
CA SER A 81 16.43 -1.15 6.88
C SER A 81 16.37 -1.60 8.33
N ASN A 82 15.48 -0.98 9.11
CA ASN A 82 15.32 -1.31 10.52
C ASN A 82 14.18 -2.30 10.72
N PHE A 83 13.96 -3.16 9.73
CA PHE A 83 12.89 -4.16 9.80
C PHE A 83 13.44 -5.55 9.55
N SER A 84 12.55 -6.54 9.51
CA SER A 84 12.96 -7.92 9.27
C SER A 84 13.07 -8.21 7.78
N ASP A 85 13.61 -9.38 7.45
CA ASP A 85 13.77 -9.78 6.05
C ASP A 85 12.49 -10.39 5.51
N TYR A 86 11.97 -9.80 4.43
CA TYR A 86 10.75 -10.28 3.81
C TYR A 86 10.92 -11.73 3.34
N ILE A 87 9.86 -12.52 3.48
CA ILE A 87 9.89 -13.92 3.08
C ILE A 87 8.85 -14.21 2.00
N ARG A 88 7.58 -14.16 2.38
CA ARG A 88 6.49 -14.42 1.44
C ARG A 88 5.22 -13.68 1.87
N GLY A 89 4.20 -13.73 1.03
CA GLY A 89 2.96 -13.05 1.35
C GLY A 89 3.15 -11.55 1.49
N GLY A 90 2.08 -10.80 1.25
CA GLY A 90 2.16 -9.36 1.39
C GLY A 90 1.43 -8.62 0.28
N ILE A 91 0.50 -7.76 0.68
CA ILE A 91 -0.28 -6.98 -0.27
C ILE A 91 -0.12 -5.49 0.00
N VAL A 92 0.09 -4.72 -1.05
CA VAL A 92 0.26 -3.27 -0.92
C VAL A 92 -1.04 -2.54 -1.28
N SER A 93 -1.76 -2.10 -0.26
CA SER A 93 -3.02 -1.39 -0.45
C SER A 93 -2.90 0.06 0.00
N GLN A 94 -3.68 0.93 -0.62
CA GLN A 94 -3.68 2.35 -0.28
C GLN A 94 -4.51 2.62 0.97
N VAL A 95 -3.88 3.18 1.99
CA VAL A 95 -4.56 3.48 3.24
C VAL A 95 -5.76 4.39 3.01
N LYS A 96 -6.64 4.45 4.00
CA LYS A 96 -7.84 5.28 3.91
C LYS A 96 -8.13 5.98 5.24
N VAL A 97 -7.06 6.27 5.99
CA VAL A 97 -7.17 6.94 7.28
C VAL A 97 -8.34 6.39 8.10
N PRO A 98 -8.40 5.06 8.28
CA PRO A 98 -9.47 4.41 9.05
C PRO A 98 -9.35 4.68 10.55
N LYS A 99 -9.49 5.94 10.94
CA LYS A 99 -9.40 6.31 12.34
C LYS A 99 -10.74 6.82 12.87
N LYS A 100 -11.81 6.15 12.46
CA LYS A 100 -13.16 6.53 12.89
C LYS A 100 -13.73 5.50 13.85
N ILE A 101 -12.87 4.91 14.66
CA ILE A 101 -13.29 3.90 15.63
C ILE A 101 -14.13 4.54 16.74
N SER A 102 -13.82 5.78 17.08
CA SER A 102 -14.56 6.50 18.11
C SER A 102 -15.97 6.82 17.66
N PHE A 103 -16.93 6.71 18.58
CA PHE A 103 -18.32 6.98 18.27
C PHE A 103 -18.68 8.43 18.64
N LYS A 104 -18.27 8.84 19.83
CA LYS A 104 -18.56 10.20 20.30
C LYS A 104 -17.33 10.80 20.98
N SER A 105 -16.89 10.18 22.07
CA SER A 105 -15.73 10.65 22.81
C SER A 105 -14.97 9.49 23.45
N LEU A 106 -13.67 9.44 23.20
CA LEU A 106 -12.83 8.38 23.75
C LEU A 106 -11.85 8.94 24.78
N PRO A 107 -12.14 8.72 26.09
CA PRO A 107 -11.27 9.22 27.16
C PRO A 107 -9.81 8.85 26.94
N ALA A 108 -9.52 7.54 26.93
CA ALA A 108 -8.16 7.06 26.74
C ALA A 108 -8.12 5.54 26.76
N SER A 109 -8.31 4.96 27.94
CA SER A 109 -8.28 3.50 28.09
C SER A 109 -9.66 2.91 27.78
N LEU A 110 -9.87 2.53 26.53
CA LEU A 110 -11.13 1.94 26.10
C LEU A 110 -10.95 0.46 25.75
N VAL A 111 -9.92 0.17 24.96
CA VAL A 111 -9.64 -1.20 24.56
C VAL A 111 -8.50 -1.79 25.38
N GLU A 112 -7.59 -0.93 25.84
CA GLU A 112 -6.46 -1.38 26.64
C GLU A 112 -6.93 -2.10 27.90
N GLU A 1 -18.71 -7.48 -19.67
CA GLU A 1 -19.13 -6.64 -20.81
C GLU A 1 -19.19 -5.16 -20.40
N PHE A 2 -20.03 -4.86 -19.42
CA PHE A 2 -20.18 -3.49 -18.95
C PHE A 2 -19.27 -3.22 -17.75
N GLY A 3 -19.48 -2.09 -17.09
CA GLY A 3 -18.67 -1.74 -15.93
C GLY A 3 -18.22 -0.30 -15.95
N GLU A 4 -16.93 -0.08 -16.13
CA GLU A 4 -16.37 1.26 -16.17
C GLU A 4 -16.57 1.98 -14.84
N GLU A 5 -17.77 2.50 -14.63
CA GLU A 5 -18.09 3.22 -13.40
C GLU A 5 -18.90 2.34 -12.45
N MET A 6 -19.91 1.66 -13.01
CA MET A 6 -20.77 0.78 -12.22
C MET A 6 -21.66 1.58 -11.28
N VAL A 7 -21.03 2.27 -10.32
CA VAL A 7 -21.75 3.08 -9.35
C VAL A 7 -22.47 2.20 -8.32
N LEU A 8 -21.79 1.91 -7.23
CA LEU A 8 -22.35 1.08 -6.17
C LEU A 8 -22.25 1.78 -4.81
N THR A 9 -22.67 1.10 -3.76
CA THR A 9 -22.61 1.65 -2.41
C THR A 9 -21.57 0.93 -1.57
N ASP A 10 -20.30 1.26 -1.81
CA ASP A 10 -19.20 0.66 -1.08
C ASP A 10 -18.57 1.65 -0.10
N SER A 11 -18.20 1.17 1.08
CA SER A 11 -17.59 2.01 2.10
C SER A 11 -16.64 1.21 2.98
N ASN A 12 -15.96 0.24 2.38
CA ASN A 12 -15.02 -0.60 3.11
C ASN A 12 -14.10 -1.36 2.15
N GLY A 13 -14.69 -1.90 1.09
CA GLY A 13 -13.90 -2.64 0.12
C GLY A 13 -14.39 -2.43 -1.30
N GLU A 14 -13.65 -2.97 -2.26
CA GLU A 14 -14.01 -2.84 -3.67
C GLU A 14 -14.05 -1.38 -4.09
N GLN A 15 -13.38 -0.52 -3.33
CA GLN A 15 -13.34 0.91 -3.63
C GLN A 15 -11.91 1.40 -3.82
N PRO A 16 -11.05 1.28 -2.79
CA PRO A 16 -9.65 1.73 -2.88
C PRO A 16 -8.90 1.04 -4.00
N LEU A 17 -7.57 1.08 -3.93
CA LEU A 17 -6.73 0.46 -4.95
C LEU A 17 -5.54 -0.26 -4.31
N SER A 18 -5.65 -1.58 -4.19
CA SER A 18 -4.59 -2.37 -3.60
C SER A 18 -4.13 -3.48 -4.55
N ALA A 19 -2.85 -3.81 -4.49
CA ALA A 19 -2.28 -4.85 -5.34
C ALA A 19 -1.52 -5.87 -4.52
N MET A 20 -1.18 -7.00 -5.14
CA MET A 20 -0.45 -8.06 -4.47
C MET A 20 1.06 -7.92 -4.71
N VAL A 21 1.85 -8.34 -3.72
CA VAL A 21 3.30 -8.27 -3.83
C VAL A 21 3.89 -9.61 -4.21
N SER A 22 4.88 -9.59 -5.10
CA SER A 22 5.53 -10.82 -5.55
C SER A 22 6.93 -10.96 -4.94
N MET A 23 7.59 -9.83 -4.73
CA MET A 23 8.93 -9.82 -4.15
C MET A 23 9.36 -8.40 -3.76
N VAL A 24 10.10 -8.30 -2.67
CA VAL A 24 10.57 -7.02 -2.19
C VAL A 24 11.98 -7.13 -1.61
N THR A 25 12.80 -6.11 -1.88
CA THR A 25 14.18 -6.10 -1.38
C THR A 25 14.29 -5.31 -0.09
N LYS A 26 15.16 -5.77 0.81
CA LYS A 26 15.35 -5.11 2.09
C LYS A 26 16.52 -4.13 2.01
N ASP A 27 16.24 -2.93 1.52
CA ASP A 27 17.27 -1.89 1.39
C ASP A 27 16.80 -0.58 2.03
N ASN A 28 17.39 0.53 1.60
CA ASN A 28 17.03 1.84 2.15
C ASN A 28 17.34 2.96 1.16
N PRO A 29 16.37 3.31 0.28
CA PRO A 29 15.06 2.65 0.23
C PRO A 29 15.11 1.30 -0.46
N GLY A 30 14.02 0.55 -0.35
CA GLY A 30 13.98 -0.76 -0.97
C GLY A 30 13.05 -0.80 -2.17
N VAL A 31 13.37 -1.66 -3.13
CA VAL A 31 12.56 -1.80 -4.34
C VAL A 31 11.64 -3.00 -4.24
N VAL A 32 10.42 -2.85 -4.75
CA VAL A 32 9.45 -3.94 -4.72
C VAL A 32 8.74 -4.10 -6.06
N THR A 33 8.21 -5.28 -6.31
CA THR A 33 7.50 -5.58 -7.54
C THR A 33 6.07 -6.03 -7.27
N CYS A 34 5.20 -5.87 -8.26
CA CYS A 34 3.80 -6.25 -8.10
C CYS A 34 3.54 -7.61 -8.75
N LEU A 35 2.39 -8.20 -8.43
CA LEU A 35 2.02 -9.49 -8.98
C LEU A 35 1.78 -9.39 -10.48
N ASP A 36 2.08 -10.48 -11.20
CA ASP A 36 1.90 -10.51 -12.64
C ASP A 36 0.45 -10.17 -13.02
N GLU A 37 -0.48 -10.43 -12.10
CA GLU A 37 -1.88 -10.15 -12.34
C GLU A 37 -2.29 -8.82 -11.70
N ALA A 38 -1.58 -8.42 -10.66
CA ALA A 38 -1.86 -7.17 -9.96
C ALA A 38 -1.54 -5.97 -10.84
N ARG A 39 -1.90 -4.78 -10.35
CA ARG A 39 -1.64 -3.56 -11.09
C ARG A 39 -1.35 -2.40 -10.13
N HIS A 40 -0.46 -1.50 -10.55
CA HIS A 40 -0.10 -0.35 -9.73
C HIS A 40 -0.86 0.89 -10.16
N GLY A 41 -1.38 1.64 -9.19
CA GLY A 41 -2.13 2.84 -9.50
C GLY A 41 -1.77 4.00 -8.59
N PHE A 42 -0.54 4.00 -8.09
CA PHE A 42 -0.07 5.05 -7.19
C PHE A 42 1.08 5.82 -7.83
N GLU A 43 1.15 7.12 -7.54
CA GLU A 43 2.20 7.97 -8.10
C GLU A 43 3.28 8.24 -7.07
N THR A 44 4.36 8.89 -7.52
CA THR A 44 5.47 9.22 -6.62
C THR A 44 5.01 10.11 -5.48
N GLY A 45 4.85 9.52 -4.30
CA GLY A 45 4.41 10.26 -3.15
C GLY A 45 3.22 9.62 -2.45
N ASP A 46 2.54 8.73 -3.16
CA ASP A 46 1.37 8.04 -2.61
C ASP A 46 1.75 7.28 -1.33
N PHE A 47 0.77 6.60 -0.75
CA PHE A 47 1.01 5.84 0.47
C PHE A 47 0.63 4.37 0.28
N VAL A 48 1.13 3.51 1.16
CA VAL A 48 0.86 2.09 1.09
C VAL A 48 0.91 1.43 2.46
N SER A 49 0.20 0.32 2.60
CA SER A 49 0.16 -0.42 3.86
C SER A 49 0.45 -1.90 3.62
N PHE A 50 0.87 -2.60 4.66
CA PHE A 50 1.18 -4.02 4.56
C PHE A 50 0.02 -4.88 5.07
N SER A 51 -0.29 -5.94 4.32
CA SER A 51 -1.39 -6.83 4.69
C SER A 51 -0.85 -8.09 5.38
N GLU A 52 -0.60 -9.15 4.60
CA GLU A 52 -0.08 -10.40 5.16
C GLU A 52 1.36 -10.62 4.70
N VAL A 53 2.31 -10.07 5.44
CA VAL A 53 3.71 -10.22 5.10
C VAL A 53 4.43 -11.20 6.02
N GLN A 54 5.27 -12.06 5.44
CA GLN A 54 6.03 -13.03 6.21
C GLN A 54 7.46 -12.53 6.42
N GLY A 55 7.80 -12.22 7.66
CA GLY A 55 9.12 -11.71 7.95
C GLY A 55 9.11 -10.21 8.16
N MET A 56 8.70 -9.48 7.13
CA MET A 56 8.62 -8.03 7.19
C MET A 56 7.27 -7.58 7.75
N ILE A 57 6.97 -8.03 8.96
CA ILE A 57 5.70 -7.70 9.61
C ILE A 57 5.72 -6.31 10.24
N GLN A 58 6.90 -5.90 10.71
CA GLN A 58 7.06 -4.59 11.36
C GLN A 58 6.25 -3.50 10.65
N LEU A 59 6.14 -3.60 9.34
CA LEU A 59 5.38 -2.62 8.57
C LEU A 59 3.89 -2.80 8.79
N ASN A 60 3.43 -4.05 8.72
CA ASN A 60 2.02 -4.36 8.92
C ASN A 60 1.53 -3.85 10.27
N GLY A 61 2.40 -3.88 11.27
CA GLY A 61 2.03 -3.41 12.59
C GLY A 61 2.35 -1.94 12.78
N CYS A 62 1.98 -1.12 11.81
CA CYS A 62 2.22 0.31 11.87
C CYS A 62 1.49 1.04 10.74
N GLN A 63 1.32 2.35 10.91
CA GLN A 63 0.63 3.15 9.90
C GLN A 63 1.33 3.01 8.54
N PRO A 64 0.59 3.28 7.44
CA PRO A 64 1.14 3.18 6.10
C PRO A 64 2.35 4.10 5.91
N MET A 65 3.02 3.95 4.76
CA MET A 65 4.19 4.77 4.47
C MET A 65 4.09 5.35 3.05
N GLU A 66 5.14 6.02 2.61
CA GLU A 66 5.16 6.62 1.28
C GLU A 66 5.92 5.73 0.30
N ILE A 67 5.50 5.77 -0.96
CA ILE A 67 6.15 4.96 -2.00
C ILE A 67 6.77 5.79 -3.09
N LYS A 68 7.40 5.09 -4.03
CA LYS A 68 8.05 5.70 -5.17
C LYS A 68 7.88 4.78 -6.37
N VAL A 69 7.42 5.30 -7.48
CA VAL A 69 7.19 4.49 -8.67
C VAL A 69 8.36 4.56 -9.64
N LEU A 70 8.98 3.40 -9.84
CA LEU A 70 10.12 3.28 -10.74
C LEU A 70 9.66 2.94 -12.14
N GLY A 71 8.52 2.26 -12.24
CA GLY A 71 8.00 1.87 -13.54
C GLY A 71 6.97 0.78 -13.48
N PRO A 72 6.63 0.17 -14.63
CA PRO A 72 5.63 -0.91 -14.70
C PRO A 72 5.93 -2.04 -13.72
N TYR A 73 5.06 -2.19 -12.72
CA TYR A 73 5.23 -3.23 -11.72
C TYR A 73 6.51 -3.03 -10.92
N THR A 74 7.06 -1.82 -10.99
CA THR A 74 8.29 -1.51 -10.26
C THR A 74 8.11 -0.24 -9.43
N PHE A 75 8.60 -0.28 -8.20
CA PHE A 75 8.48 0.87 -7.30
C PHE A 75 9.21 0.60 -5.98
N SER A 76 9.51 1.66 -5.25
CA SER A 76 10.22 1.54 -3.97
C SER A 76 9.32 1.95 -2.81
N ILE A 77 9.79 1.68 -1.59
CA ILE A 77 9.04 2.02 -0.39
C ILE A 77 9.91 2.75 0.61
N CYS A 78 9.33 3.10 1.76
CA CYS A 78 10.06 3.81 2.80
C CYS A 78 11.32 3.04 3.20
N ASP A 79 12.01 3.53 4.24
CA ASP A 79 13.22 2.89 4.72
C ASP A 79 12.95 1.45 5.13
N THR A 80 13.67 0.52 4.51
CA THR A 80 13.51 -0.90 4.81
C THR A 80 14.73 -1.46 5.55
N SER A 81 15.47 -0.57 6.21
CA SER A 81 16.66 -0.98 6.96
C SER A 81 16.36 -1.16 8.44
N ASN A 82 15.33 -0.45 8.92
CA ASN A 82 14.94 -0.53 10.32
C ASN A 82 13.77 -1.50 10.51
N PHE A 83 13.76 -2.55 9.70
CA PHE A 83 12.70 -3.55 9.78
C PHE A 83 13.27 -4.96 9.68
N SER A 84 12.38 -5.94 9.64
CA SER A 84 12.80 -7.34 9.54
C SER A 84 13.00 -7.75 8.09
N ASP A 85 13.44 -8.99 7.88
CA ASP A 85 13.67 -9.50 6.53
C ASP A 85 12.38 -10.06 5.93
N TYR A 86 12.09 -9.67 4.69
CA TYR A 86 10.90 -10.13 4.00
C TYR A 86 11.09 -11.56 3.49
N ILE A 87 10.03 -12.36 3.51
CA ILE A 87 10.09 -13.73 3.05
C ILE A 87 9.02 -14.01 2.00
N ARG A 88 7.76 -14.01 2.44
CA ARG A 88 6.63 -14.26 1.54
C ARG A 88 5.41 -13.45 1.97
N GLY A 89 4.31 -13.60 1.23
CA GLY A 89 3.10 -12.87 1.57
C GLY A 89 3.32 -11.37 1.58
N GLY A 90 2.23 -10.62 1.50
CA GLY A 90 2.33 -9.18 1.51
C GLY A 90 1.52 -8.51 0.42
N ILE A 91 0.53 -7.74 0.84
CA ILE A 91 -0.33 -7.03 -0.10
C ILE A 91 -0.22 -5.52 0.11
N VAL A 92 -0.08 -4.79 -0.99
CA VAL A 92 0.05 -3.34 -0.92
C VAL A 92 -1.27 -2.64 -1.23
N SER A 93 -1.76 -1.86 -0.28
CA SER A 93 -3.02 -1.13 -0.44
C SER A 93 -2.79 0.37 -0.33
N GLN A 94 -3.41 1.13 -1.23
CA GLN A 94 -3.27 2.58 -1.22
C GLN A 94 -4.21 3.23 -0.20
N VAL A 95 -3.67 3.52 0.97
CA VAL A 95 -4.45 4.15 2.03
C VAL A 95 -4.75 5.61 1.69
N LYS A 96 -5.52 5.82 0.63
CA LYS A 96 -5.89 7.17 0.22
C LYS A 96 -7.26 7.19 -0.43
N VAL A 97 -7.38 6.54 -1.59
CA VAL A 97 -8.64 6.47 -2.31
C VAL A 97 -9.03 7.84 -2.86
N PRO A 98 -8.36 8.32 -3.91
CA PRO A 98 -8.64 9.62 -4.52
C PRO A 98 -10.08 9.75 -4.96
N LYS A 99 -10.91 10.34 -4.10
CA LYS A 99 -12.32 10.53 -4.41
C LYS A 99 -12.73 11.99 -4.26
N LYS A 100 -13.53 12.47 -5.21
CA LYS A 100 -14.01 13.85 -5.20
C LYS A 100 -12.89 14.83 -4.85
N ILE A 101 -12.08 15.18 -5.85
CA ILE A 101 -10.97 16.10 -5.65
C ILE A 101 -11.12 17.34 -6.53
N SER A 102 -11.54 17.12 -7.78
CA SER A 102 -11.72 18.21 -8.73
C SER A 102 -10.39 18.94 -8.99
N PHE A 103 -9.30 18.18 -8.95
CA PHE A 103 -7.98 18.75 -9.18
C PHE A 103 -7.66 19.85 -8.17
N LYS A 104 -6.56 20.55 -8.39
CA LYS A 104 -6.15 21.63 -7.50
C LYS A 104 -5.46 22.75 -8.27
N SER A 105 -5.98 23.97 -8.13
CA SER A 105 -5.42 25.12 -8.82
C SER A 105 -5.37 26.33 -7.88
N LEU A 106 -4.81 26.12 -6.69
CA LEU A 106 -4.71 27.19 -5.70
C LEU A 106 -3.54 28.12 -6.00
N PRO A 107 -2.34 27.54 -6.25
CA PRO A 107 -1.14 28.33 -6.55
C PRO A 107 -1.04 28.75 -8.01
N ALA A 108 -2.14 28.58 -8.76
CA ALA A 108 -2.16 28.94 -10.17
C ALA A 108 -1.79 30.40 -10.38
N SER A 109 -0.76 30.63 -11.19
CA SER A 109 -0.30 31.98 -11.47
C SER A 109 -0.16 32.22 -12.97
N LEU A 110 0.64 31.39 -13.62
CA LEU A 110 0.85 31.50 -15.06
C LEU A 110 -0.22 30.73 -15.84
N VAL A 111 -1.47 31.06 -15.57
CA VAL A 111 -2.59 30.40 -16.24
C VAL A 111 -2.79 30.95 -17.65
N GLU A 112 -3.41 30.15 -18.51
CA GLU A 112 -3.67 30.56 -19.89
C GLU A 112 -4.97 31.37 -19.99
N GLU A 1 -34.91 17.86 5.23
CA GLU A 1 -33.51 18.35 5.19
C GLU A 1 -32.52 17.19 5.03
N PHE A 2 -31.72 17.24 3.98
CA PHE A 2 -30.73 16.19 3.73
C PHE A 2 -29.33 16.67 4.12
N GLY A 3 -29.05 17.94 3.90
CA GLY A 3 -27.75 18.49 4.23
C GLY A 3 -27.49 19.81 3.57
N GLU A 4 -26.35 20.43 3.89
CA GLU A 4 -25.98 21.71 3.30
C GLU A 4 -25.62 21.57 1.83
N GLU A 5 -26.01 22.55 1.03
CA GLU A 5 -25.73 22.52 -0.41
C GLU A 5 -25.95 23.91 -1.02
N MET A 6 -25.03 24.30 -1.91
CA MET A 6 -25.13 25.60 -2.56
C MET A 6 -24.54 25.54 -3.97
N VAL A 7 -23.22 25.37 -4.05
CA VAL A 7 -22.53 25.30 -5.33
C VAL A 7 -21.04 25.06 -5.14
N LEU A 8 -20.71 24.13 -4.25
CA LEU A 8 -19.31 23.80 -3.97
C LEU A 8 -19.19 22.41 -3.35
N THR A 9 -19.35 21.39 -4.19
CA THR A 9 -19.26 20.01 -3.72
C THR A 9 -18.04 19.31 -4.32
N ASP A 10 -17.92 19.40 -5.64
CA ASP A 10 -16.79 18.77 -6.34
C ASP A 10 -16.79 17.27 -6.12
N SER A 11 -15.77 16.59 -6.66
CA SER A 11 -15.65 15.15 -6.51
C SER A 11 -14.21 14.76 -6.16
N ASN A 12 -13.97 13.46 -6.05
CA ASN A 12 -12.64 12.96 -5.71
C ASN A 12 -11.78 12.80 -6.96
N GLY A 13 -10.55 13.29 -6.90
CA GLY A 13 -9.65 13.19 -8.03
C GLY A 13 -8.62 12.09 -7.86
N GLU A 14 -9.07 10.93 -7.42
CA GLU A 14 -8.18 9.79 -7.21
C GLU A 14 -8.92 8.47 -7.38
N GLN A 15 -8.17 7.37 -7.38
CA GLN A 15 -8.78 6.05 -7.54
C GLN A 15 -7.96 5.00 -6.78
N PRO A 16 -8.36 4.69 -5.54
CA PRO A 16 -7.65 3.69 -4.71
C PRO A 16 -7.80 2.27 -5.28
N LEU A 17 -6.83 1.42 -4.98
CA LEU A 17 -6.85 0.04 -5.46
C LEU A 17 -6.14 -0.89 -4.48
N SER A 18 -6.01 -2.16 -4.87
CA SER A 18 -5.36 -3.15 -4.04
C SER A 18 -4.46 -4.04 -4.88
N ALA A 19 -3.16 -3.80 -4.81
CA ALA A 19 -2.19 -4.59 -5.57
C ALA A 19 -1.50 -5.62 -4.67
N MET A 20 -0.97 -6.67 -5.29
CA MET A 20 -0.29 -7.72 -4.55
C MET A 20 1.23 -7.57 -4.64
N VAL A 21 1.94 -8.31 -3.82
CA VAL A 21 3.40 -8.26 -3.81
C VAL A 21 4.01 -9.58 -4.28
N SER A 22 4.92 -9.49 -5.25
CA SER A 22 5.56 -10.67 -5.80
C SER A 22 6.99 -10.81 -5.28
N MET A 23 7.61 -9.67 -4.97
CA MET A 23 8.98 -9.65 -4.46
C MET A 23 9.34 -8.29 -3.91
N VAL A 24 10.27 -8.26 -2.95
CA VAL A 24 10.70 -7.01 -2.33
C VAL A 24 12.07 -7.17 -1.69
N THR A 25 12.87 -6.11 -1.73
CA THR A 25 14.21 -6.14 -1.15
C THR A 25 14.25 -5.31 0.14
N LYS A 26 15.07 -5.75 1.09
CA LYS A 26 15.20 -5.06 2.36
C LYS A 26 16.40 -4.11 2.34
N ASP A 27 16.19 -2.93 1.75
CA ASP A 27 17.24 -1.93 1.66
C ASP A 27 16.77 -0.59 2.23
N ASN A 28 17.42 0.49 1.82
CA ASN A 28 17.06 1.82 2.30
C ASN A 28 17.44 2.91 1.29
N PRO A 29 16.52 3.27 0.36
CA PRO A 29 15.19 2.66 0.29
C PRO A 29 15.22 1.28 -0.34
N GLY A 30 14.10 0.58 -0.24
CA GLY A 30 14.02 -0.76 -0.81
C GLY A 30 13.11 -0.83 -2.01
N VAL A 31 13.39 -1.77 -2.90
CA VAL A 31 12.58 -1.94 -4.11
C VAL A 31 11.60 -3.09 -3.96
N VAL A 32 10.42 -2.94 -4.56
CA VAL A 32 9.39 -3.96 -4.49
C VAL A 32 8.64 -4.08 -5.82
N THR A 33 8.15 -5.28 -6.11
CA THR A 33 7.41 -5.53 -7.34
C THR A 33 6.05 -6.14 -7.03
N CYS A 34 5.04 -5.76 -7.80
CA CYS A 34 3.69 -6.26 -7.59
C CYS A 34 3.37 -7.38 -8.57
N LEU A 35 2.25 -8.05 -8.33
CA LEU A 35 1.81 -9.15 -9.19
C LEU A 35 1.69 -8.70 -10.64
N ASP A 36 2.11 -9.56 -11.56
CA ASP A 36 2.04 -9.26 -12.99
C ASP A 36 0.62 -8.85 -13.39
N GLU A 37 -0.36 -9.33 -12.65
CA GLU A 37 -1.76 -9.02 -12.94
C GLU A 37 -2.38 -8.20 -11.81
N ALA A 38 -1.57 -7.34 -11.19
CA ALA A 38 -2.03 -6.50 -10.09
C ALA A 38 -1.04 -5.39 -9.78
N ARG A 39 -1.02 -4.36 -10.61
CA ARG A 39 -0.13 -3.23 -10.44
C ARG A 39 -0.75 -1.96 -10.99
N HIS A 40 -1.53 -1.27 -10.16
CA HIS A 40 -2.17 -0.02 -10.57
C HIS A 40 -2.99 0.57 -9.44
N GLY A 41 -2.48 1.65 -8.85
CA GLY A 41 -3.19 2.31 -7.76
C GLY A 41 -2.31 3.24 -6.95
N PHE A 42 -1.00 3.13 -7.10
CA PHE A 42 -0.06 3.97 -6.35
C PHE A 42 0.99 4.58 -7.26
N GLU A 43 1.19 5.89 -7.12
CA GLU A 43 2.18 6.61 -7.92
C GLU A 43 3.19 7.33 -7.04
N THR A 44 4.00 8.19 -7.65
CA THR A 44 5.01 8.94 -6.91
C THR A 44 4.36 9.84 -5.86
N GLY A 45 4.48 9.44 -4.60
CA GLY A 45 3.91 10.24 -3.52
C GLY A 45 2.59 9.67 -3.02
N ASP A 46 2.41 8.35 -3.18
CA ASP A 46 1.19 7.70 -2.73
C ASP A 46 1.41 6.98 -1.41
N PHE A 47 0.32 6.52 -0.79
CA PHE A 47 0.40 5.81 0.47
C PHE A 47 0.11 4.32 0.29
N VAL A 48 0.73 3.50 1.12
CA VAL A 48 0.54 2.06 1.03
C VAL A 48 0.69 1.40 2.39
N SER A 49 -0.12 0.37 2.62
CA SER A 49 -0.08 -0.38 3.87
C SER A 49 0.17 -1.86 3.60
N PHE A 50 0.69 -2.57 4.61
CA PHE A 50 0.98 -3.99 4.47
C PHE A 50 -0.14 -4.84 5.09
N SER A 51 -0.49 -5.93 4.41
CA SER A 51 -1.54 -6.81 4.90
C SER A 51 -0.95 -8.04 5.59
N GLU A 52 -0.75 -9.12 4.83
CA GLU A 52 -0.18 -10.35 5.39
C GLU A 52 1.24 -10.57 4.88
N VAL A 53 2.22 -10.00 5.55
CA VAL A 53 3.61 -10.16 5.15
C VAL A 53 4.38 -11.04 6.12
N GLN A 54 5.29 -11.84 5.59
CA GLN A 54 6.11 -12.73 6.41
C GLN A 54 7.54 -12.18 6.51
N GLY A 55 7.93 -11.81 7.73
CA GLY A 55 9.25 -11.25 7.94
C GLY A 55 9.21 -9.74 8.05
N MET A 56 8.81 -9.08 6.97
CA MET A 56 8.71 -7.62 6.96
C MET A 56 7.32 -7.18 7.42
N ILE A 57 6.94 -7.65 8.61
CA ILE A 57 5.64 -7.33 9.19
C ILE A 57 5.64 -5.94 9.84
N GLN A 58 6.78 -5.56 10.41
CA GLN A 58 6.90 -4.27 11.09
C GLN A 58 6.15 -3.15 10.35
N LEU A 59 6.13 -3.23 9.02
CA LEU A 59 5.44 -2.22 8.23
C LEU A 59 3.94 -2.25 8.51
N ASN A 60 3.35 -3.44 8.49
CA ASN A 60 1.93 -3.61 8.74
C ASN A 60 1.54 -3.00 10.08
N GLY A 61 2.43 -3.11 11.06
CA GLY A 61 2.15 -2.57 12.37
C GLY A 61 2.84 -1.24 12.61
N CYS A 62 2.70 -0.32 11.66
CA CYS A 62 3.32 1.00 11.78
C CYS A 62 2.66 2.00 10.83
N GLN A 63 1.37 1.78 10.54
CA GLN A 63 0.64 2.67 9.65
C GLN A 63 1.28 2.68 8.26
N PRO A 64 0.51 3.03 7.22
CA PRO A 64 1.01 3.08 5.84
C PRO A 64 2.23 4.00 5.72
N MET A 65 2.81 4.04 4.53
CA MET A 65 3.97 4.87 4.27
C MET A 65 3.91 5.49 2.87
N GLU A 66 4.98 6.17 2.48
CA GLU A 66 5.03 6.80 1.16
C GLU A 66 5.82 5.92 0.19
N ILE A 67 5.30 5.79 -1.03
CA ILE A 67 5.95 4.96 -2.04
C ILE A 67 6.63 5.79 -3.12
N LYS A 68 7.30 5.08 -4.01
CA LYS A 68 8.01 5.68 -5.13
C LYS A 68 7.95 4.71 -6.30
N VAL A 69 7.55 5.19 -7.46
CA VAL A 69 7.43 4.33 -8.63
C VAL A 69 8.67 4.41 -9.51
N LEU A 70 9.27 3.24 -9.74
CA LEU A 70 10.47 3.13 -10.54
C LEU A 70 10.12 2.76 -11.99
N GLY A 71 9.01 2.06 -12.16
CA GLY A 71 8.59 1.65 -13.49
C GLY A 71 7.44 0.66 -13.48
N PRO A 72 7.24 -0.07 -14.59
CA PRO A 72 6.16 -1.06 -14.71
C PRO A 72 6.36 -2.24 -13.76
N TYR A 73 5.48 -2.33 -12.75
CA TYR A 73 5.56 -3.41 -11.77
C TYR A 73 6.76 -3.23 -10.83
N THR A 74 7.41 -2.07 -10.93
CA THR A 74 8.57 -1.78 -10.09
C THR A 74 8.36 -0.49 -9.31
N PHE A 75 8.88 -0.45 -8.09
CA PHE A 75 8.75 0.73 -7.25
C PHE A 75 9.47 0.52 -5.91
N SER A 76 9.59 1.59 -5.13
CA SER A 76 10.26 1.52 -3.84
C SER A 76 9.32 1.93 -2.71
N ILE A 77 9.76 1.71 -1.48
CA ILE A 77 8.97 2.04 -0.30
C ILE A 77 9.84 2.67 0.79
N CYS A 78 9.23 2.97 1.93
CA CYS A 78 9.95 3.57 3.05
C CYS A 78 11.14 2.71 3.44
N ASP A 79 12.07 3.29 4.20
CA ASP A 79 13.25 2.58 4.66
C ASP A 79 12.87 1.34 5.46
N THR A 80 13.62 0.25 5.24
CA THR A 80 13.36 -1.00 5.94
C THR A 80 14.66 -1.74 6.21
N SER A 81 15.73 -0.99 6.42
CA SER A 81 17.04 -1.58 6.69
C SER A 81 17.07 -2.20 8.09
N ASN A 82 16.58 -1.45 9.07
CA ASN A 82 16.56 -1.92 10.46
C ASN A 82 15.43 -2.92 10.67
N PHE A 83 14.42 -2.86 9.81
CA PHE A 83 13.27 -3.76 9.91
C PHE A 83 13.69 -5.20 9.59
N SER A 84 12.72 -6.10 9.58
CA SER A 84 12.99 -7.51 9.29
C SER A 84 12.95 -7.77 7.79
N ASP A 85 13.73 -8.77 7.34
CA ASP A 85 13.79 -9.11 5.92
C ASP A 85 12.49 -9.77 5.48
N TYR A 86 12.06 -9.46 4.26
CA TYR A 86 10.84 -10.02 3.70
C TYR A 86 11.03 -11.50 3.35
N ILE A 87 9.98 -12.29 3.52
CA ILE A 87 10.03 -13.71 3.22
C ILE A 87 8.93 -14.10 2.24
N ARG A 88 7.68 -13.96 2.67
CA ARG A 88 6.53 -14.29 1.83
C ARG A 88 5.32 -13.45 2.24
N GLY A 89 4.21 -13.65 1.54
CA GLY A 89 3.00 -12.89 1.85
C GLY A 89 3.24 -11.39 1.75
N GLY A 90 2.15 -10.63 1.70
CA GLY A 90 2.27 -9.19 1.63
C GLY A 90 1.49 -8.58 0.49
N ILE A 91 0.49 -7.79 0.84
CA ILE A 91 -0.36 -7.12 -0.14
C ILE A 91 -0.29 -5.62 0.05
N VAL A 92 -0.08 -4.89 -1.04
CA VAL A 92 0.02 -3.45 -0.98
C VAL A 92 -1.28 -2.79 -1.41
N SER A 93 -1.89 -2.04 -0.50
CA SER A 93 -3.15 -1.35 -0.79
C SER A 93 -3.00 0.15 -0.58
N GLN A 94 -3.72 0.92 -1.38
CA GLN A 94 -3.68 2.38 -1.28
C GLN A 94 -4.64 2.89 -0.21
N VAL A 95 -4.10 3.17 0.97
CA VAL A 95 -4.91 3.66 2.08
C VAL A 95 -5.58 4.98 1.72
N LYS A 96 -6.90 5.02 1.80
CA LYS A 96 -7.65 6.23 1.49
C LYS A 96 -8.55 6.62 2.66
N VAL A 97 -9.29 5.66 3.19
CA VAL A 97 -10.19 5.91 4.31
C VAL A 97 -9.68 5.24 5.58
N PRO A 98 -8.96 5.99 6.44
CA PRO A 98 -8.42 5.45 7.70
C PRO A 98 -9.47 4.69 8.51
N LYS A 99 -10.56 5.36 8.83
CA LYS A 99 -11.64 4.75 9.59
C LYS A 99 -12.95 5.51 9.40
N LYS A 100 -14.01 4.77 9.11
CA LYS A 100 -15.33 5.36 8.90
C LYS A 100 -16.39 4.29 8.69
N ILE A 101 -16.77 3.61 9.76
CA ILE A 101 -17.77 2.56 9.71
C ILE A 101 -18.56 2.48 10.99
N SER A 102 -19.88 2.60 10.88
CA SER A 102 -20.76 2.54 12.03
C SER A 102 -21.35 1.15 12.21
N PHE A 103 -21.24 0.61 13.43
CA PHE A 103 -21.76 -0.71 13.74
C PHE A 103 -23.10 -0.62 14.45
N LYS A 104 -24.11 -1.28 13.88
CA LYS A 104 -25.45 -1.27 14.46
C LYS A 104 -26.20 -2.56 14.13
N SER A 105 -27.06 -2.99 15.04
CA SER A 105 -27.83 -4.21 14.85
C SER A 105 -29.26 -4.03 15.35
N LEU A 106 -30.08 -5.06 15.14
CA LEU A 106 -31.47 -5.02 15.57
C LEU A 106 -31.67 -5.76 16.89
N PRO A 107 -32.26 -5.10 17.90
CA PRO A 107 -32.50 -5.71 19.22
C PRO A 107 -33.62 -6.75 19.18
N ALA A 108 -33.71 -7.56 20.24
CA ALA A 108 -34.73 -8.58 20.33
C ALA A 108 -34.63 -9.57 19.18
N SER A 109 -35.30 -10.71 19.32
CA SER A 109 -35.29 -11.73 18.28
C SER A 109 -36.62 -12.47 18.23
N LEU A 110 -37.01 -13.05 19.37
CA LEU A 110 -38.26 -13.79 19.45
C LEU A 110 -39.15 -13.22 20.56
N VAL A 111 -39.74 -12.06 20.29
CA VAL A 111 -40.61 -11.41 21.27
C VAL A 111 -42.02 -11.22 20.69
N GLU A 112 -42.95 -10.80 21.56
CA GLU A 112 -44.33 -10.59 21.14
C GLU A 112 -44.51 -9.17 20.60
N GLU A 1 -7.97 -33.70 -12.51
CA GLU A 1 -8.47 -32.44 -13.12
C GLU A 1 -9.98 -32.29 -12.94
N PHE A 2 -10.39 -31.13 -12.46
CA PHE A 2 -11.81 -30.86 -12.24
C PHE A 2 -12.42 -30.13 -13.44
N GLY A 3 -11.64 -29.22 -14.03
CA GLY A 3 -12.11 -28.47 -15.17
C GLY A 3 -11.20 -27.31 -15.53
N GLU A 4 -11.69 -26.41 -16.36
CA GLU A 4 -10.91 -25.25 -16.79
C GLU A 4 -11.80 -24.03 -17.00
N GLU A 5 -12.77 -23.86 -16.10
CA GLU A 5 -13.70 -22.72 -16.19
C GLU A 5 -12.95 -21.40 -16.13
N MET A 6 -13.66 -20.31 -16.38
CA MET A 6 -13.06 -18.98 -16.36
C MET A 6 -13.14 -18.37 -14.96
N VAL A 7 -11.98 -18.10 -14.37
CA VAL A 7 -11.93 -17.51 -13.04
C VAL A 7 -10.82 -16.47 -12.94
N LEU A 8 -11.21 -15.24 -12.61
CA LEU A 8 -10.25 -14.15 -12.49
C LEU A 8 -10.46 -13.38 -11.18
N THR A 9 -10.49 -14.11 -10.08
CA THR A 9 -10.69 -13.51 -8.76
C THR A 9 -12.03 -12.80 -8.68
N ASP A 10 -12.91 -13.31 -7.83
CA ASP A 10 -14.24 -12.74 -7.66
C ASP A 10 -14.17 -11.43 -6.88
N SER A 11 -15.26 -10.66 -6.93
CA SER A 11 -15.31 -9.39 -6.22
C SER A 11 -16.76 -9.02 -5.89
N ASN A 12 -17.08 -9.00 -4.61
CA ASN A 12 -18.43 -8.65 -4.16
C ASN A 12 -18.39 -7.52 -3.15
N GLY A 13 -18.74 -6.31 -3.61
CA GLY A 13 -18.74 -5.15 -2.72
C GLY A 13 -17.87 -4.03 -3.24
N GLU A 14 -17.34 -3.22 -2.33
CA GLU A 14 -16.49 -2.10 -2.70
C GLU A 14 -15.21 -2.09 -1.88
N GLN A 15 -14.12 -1.63 -2.49
CA GLN A 15 -12.83 -1.57 -1.80
C GLN A 15 -11.86 -0.68 -2.56
N PRO A 16 -11.02 0.09 -1.85
CA PRO A 16 -10.04 0.99 -2.47
C PRO A 16 -9.13 0.25 -3.46
N LEU A 17 -8.16 0.97 -4.00
CA LEU A 17 -7.23 0.38 -4.96
C LEU A 17 -6.10 -0.34 -4.24
N SER A 18 -6.08 -1.67 -4.35
CA SER A 18 -5.05 -2.48 -3.71
C SER A 18 -4.34 -3.37 -4.72
N ALA A 19 -3.14 -3.83 -4.35
CA ALA A 19 -2.35 -4.69 -5.23
C ALA A 19 -1.59 -5.74 -4.42
N MET A 20 -1.15 -6.79 -5.09
CA MET A 20 -0.40 -7.85 -4.43
C MET A 20 1.10 -7.69 -4.63
N VAL A 21 1.88 -8.07 -3.62
CA VAL A 21 3.33 -7.97 -3.69
C VAL A 21 3.96 -9.32 -4.04
N SER A 22 4.96 -9.29 -4.93
CA SER A 22 5.63 -10.51 -5.35
C SER A 22 7.04 -10.58 -4.78
N MET A 23 7.75 -9.45 -4.80
CA MET A 23 9.11 -9.40 -4.29
C MET A 23 9.44 -8.00 -3.76
N VAL A 24 10.38 -7.94 -2.82
CA VAL A 24 10.79 -6.68 -2.23
C VAL A 24 12.14 -6.80 -1.53
N THR A 25 12.98 -5.79 -1.68
CA THR A 25 14.30 -5.79 -1.06
C THR A 25 14.29 -5.08 0.28
N LYS A 26 15.13 -5.52 1.20
CA LYS A 26 15.21 -4.92 2.52
C LYS A 26 16.29 -3.84 2.56
N ASP A 27 16.19 -2.87 1.67
CA ASP A 27 17.15 -1.78 1.60
C ASP A 27 16.59 -0.51 2.23
N ASN A 28 17.14 0.65 1.86
CA ASN A 28 16.67 1.92 2.40
C ASN A 28 17.02 3.08 1.46
N PRO A 29 16.11 3.45 0.54
CA PRO A 29 14.81 2.78 0.39
C PRO A 29 14.94 1.43 -0.29
N GLY A 30 13.85 0.66 -0.29
CA GLY A 30 13.86 -0.65 -0.91
C GLY A 30 13.01 -0.70 -2.16
N VAL A 31 13.36 -1.59 -3.08
CA VAL A 31 12.61 -1.74 -4.32
C VAL A 31 11.67 -2.94 -4.25
N VAL A 32 10.39 -2.69 -4.50
CA VAL A 32 9.38 -3.74 -4.46
C VAL A 32 8.73 -3.93 -5.82
N THR A 33 8.22 -5.14 -6.06
CA THR A 33 7.56 -5.46 -7.32
C THR A 33 6.11 -5.89 -7.08
N CYS A 34 5.27 -5.73 -8.10
CA CYS A 34 3.86 -6.11 -7.98
C CYS A 34 3.62 -7.47 -8.62
N LEU A 35 2.49 -8.08 -8.29
CA LEU A 35 2.13 -9.37 -8.84
C LEU A 35 2.01 -9.31 -10.36
N ASP A 36 2.34 -10.41 -11.02
CA ASP A 36 2.27 -10.47 -12.48
C ASP A 36 0.83 -10.34 -12.96
N GLU A 37 -0.11 -10.74 -12.12
CA GLU A 37 -1.53 -10.67 -12.46
C GLU A 37 -2.16 -9.38 -11.92
N ALA A 38 -1.47 -8.71 -10.99
CA ALA A 38 -1.97 -7.48 -10.42
C ALA A 38 -1.38 -6.26 -11.11
N ARG A 39 -1.90 -5.08 -10.78
CA ARG A 39 -1.42 -3.83 -11.37
C ARG A 39 -1.24 -2.77 -10.31
N HIS A 40 -0.46 -1.75 -10.63
CA HIS A 40 -0.20 -0.65 -9.69
C HIS A 40 -1.13 0.53 -9.99
N GLY A 41 -1.51 1.25 -8.92
CA GLY A 41 -2.39 2.39 -9.09
C GLY A 41 -1.98 3.58 -8.23
N PHE A 42 -0.69 3.63 -7.89
CA PHE A 42 -0.18 4.73 -7.06
C PHE A 42 1.04 5.37 -7.72
N GLU A 43 1.21 6.67 -7.51
CA GLU A 43 2.33 7.40 -8.08
C GLU A 43 3.38 7.71 -7.02
N THR A 44 4.50 8.27 -7.44
CA THR A 44 5.58 8.63 -6.53
C THR A 44 5.12 9.66 -5.52
N GLY A 45 4.73 9.20 -4.33
CA GLY A 45 4.27 10.09 -3.30
C GLY A 45 3.05 9.57 -2.57
N ASP A 46 2.37 8.59 -3.17
CA ASP A 46 1.18 8.01 -2.58
C ASP A 46 1.52 7.32 -1.25
N PHE A 47 0.55 6.60 -0.70
CA PHE A 47 0.75 5.90 0.56
C PHE A 47 0.14 4.51 0.51
N VAL A 48 0.81 3.54 1.11
CA VAL A 48 0.32 2.17 1.13
C VAL A 48 0.73 1.44 2.40
N SER A 49 -0.13 0.55 2.87
CA SER A 49 0.13 -0.22 4.08
C SER A 49 0.29 -1.70 3.72
N PHE A 50 0.75 -2.49 4.69
CA PHE A 50 0.95 -3.91 4.47
C PHE A 50 -0.21 -4.72 5.03
N SER A 51 -0.57 -5.80 4.32
CA SER A 51 -1.67 -6.65 4.74
C SER A 51 -1.17 -7.91 5.45
N GLU A 52 -0.85 -8.95 4.68
CA GLU A 52 -0.35 -10.20 5.26
C GLU A 52 1.06 -10.49 4.72
N VAL A 53 2.07 -10.05 5.45
CA VAL A 53 3.46 -10.25 5.05
C VAL A 53 4.15 -11.27 5.95
N GLN A 54 5.10 -11.99 5.37
CA GLN A 54 5.86 -12.99 6.12
C GLN A 54 7.30 -12.52 6.30
N GLY A 55 7.66 -12.17 7.52
CA GLY A 55 9.00 -11.69 7.80
C GLY A 55 9.04 -10.17 7.91
N MET A 56 8.52 -9.50 6.90
CA MET A 56 8.48 -8.04 6.89
C MET A 56 7.13 -7.54 7.39
N ILE A 57 6.75 -7.99 8.57
CA ILE A 57 5.47 -7.62 9.17
C ILE A 57 5.55 -6.24 9.83
N GLN A 58 6.71 -5.92 10.40
CA GLN A 58 6.92 -4.64 11.07
C GLN A 58 6.25 -3.49 10.32
N LEU A 59 6.24 -3.57 9.00
CA LEU A 59 5.62 -2.54 8.18
C LEU A 59 4.14 -2.40 8.49
N ASN A 60 3.45 -3.53 8.57
CA ASN A 60 2.02 -3.55 8.86
C ASN A 60 1.75 -2.94 10.23
N GLY A 61 2.65 -3.20 11.18
CA GLY A 61 2.48 -2.68 12.52
C GLY A 61 3.23 -1.38 12.74
N CYS A 62 3.16 -0.49 11.76
CA CYS A 62 3.85 0.79 11.83
C CYS A 62 3.17 1.82 10.93
N GLN A 63 1.86 1.68 10.75
CA GLN A 63 1.10 2.60 9.91
C GLN A 63 1.64 2.59 8.48
N PRO A 64 0.90 3.19 7.54
CA PRO A 64 1.31 3.23 6.12
C PRO A 64 2.62 3.99 5.94
N MET A 65 2.99 4.21 4.68
CA MET A 65 4.22 4.92 4.36
C MET A 65 4.14 5.54 2.98
N GLU A 66 5.21 6.19 2.55
CA GLU A 66 5.26 6.82 1.23
C GLU A 66 6.00 5.93 0.24
N ILE A 67 5.43 5.79 -0.95
CA ILE A 67 6.05 4.96 -1.99
C ILE A 67 6.69 5.79 -3.09
N LYS A 68 7.28 5.09 -4.03
CA LYS A 68 7.93 5.70 -5.18
C LYS A 68 7.82 4.77 -6.36
N VAL A 69 7.38 5.30 -7.50
CA VAL A 69 7.21 4.46 -8.69
C VAL A 69 8.41 4.56 -9.61
N LEU A 70 9.02 3.41 -9.88
CA LEU A 70 10.19 3.32 -10.73
C LEU A 70 9.79 2.93 -12.15
N GLY A 71 8.71 2.17 -12.27
CA GLY A 71 8.26 1.75 -13.60
C GLY A 71 7.26 0.62 -13.56
N PRO A 72 6.99 -0.01 -14.72
CA PRO A 72 6.05 -1.12 -14.82
C PRO A 72 6.32 -2.22 -13.81
N TYR A 73 5.39 -2.38 -12.87
CA TYR A 73 5.51 -3.40 -11.83
C TYR A 73 6.77 -3.17 -10.99
N THR A 74 7.28 -1.95 -11.02
CA THR A 74 8.48 -1.61 -10.26
C THR A 74 8.25 -0.32 -9.47
N PHE A 75 8.75 -0.31 -8.24
CA PHE A 75 8.60 0.85 -7.35
C PHE A 75 9.32 0.62 -6.03
N SER A 76 9.51 1.70 -5.27
CA SER A 76 10.18 1.62 -3.98
C SER A 76 9.25 1.94 -2.84
N ILE A 77 9.70 1.70 -1.61
CA ILE A 77 8.91 1.97 -0.43
C ILE A 77 9.77 2.59 0.67
N CYS A 78 9.15 2.87 1.82
CA CYS A 78 9.86 3.48 2.94
C CYS A 78 11.05 2.61 3.35
N ASP A 79 11.99 3.22 4.07
CA ASP A 79 13.17 2.51 4.53
C ASP A 79 12.81 1.29 5.37
N THR A 80 13.51 0.18 5.13
CA THR A 80 13.25 -1.05 5.85
C THR A 80 14.55 -1.67 6.36
N SER A 81 15.55 -0.84 6.59
CA SER A 81 16.85 -1.30 7.08
C SER A 81 16.74 -1.78 8.51
N ASN A 82 15.82 -1.19 9.27
CA ASN A 82 15.62 -1.56 10.67
C ASN A 82 14.69 -2.76 10.78
N PHE A 83 13.75 -2.86 9.85
CA PHE A 83 12.78 -3.95 9.84
C PHE A 83 13.47 -5.28 9.49
N SER A 84 12.68 -6.34 9.37
CA SER A 84 13.20 -7.65 9.03
C SER A 84 13.26 -7.85 7.52
N ASP A 85 13.74 -9.02 7.10
CA ASP A 85 13.85 -9.34 5.68
C ASP A 85 12.56 -9.98 5.17
N TYR A 86 11.99 -9.40 4.12
CA TYR A 86 10.75 -9.92 3.53
C TYR A 86 10.95 -11.35 3.05
N ILE A 87 9.95 -12.19 3.27
CA ILE A 87 10.01 -13.59 2.85
C ILE A 87 8.94 -13.90 1.82
N ARG A 88 7.68 -13.77 2.23
CA ARG A 88 6.54 -14.03 1.35
C ARG A 88 5.30 -13.31 1.85
N GLY A 89 4.22 -13.40 1.08
CA GLY A 89 2.99 -12.75 1.47
C GLY A 89 3.14 -11.25 1.62
N GLY A 90 2.06 -10.51 1.39
CA GLY A 90 2.11 -9.08 1.52
C GLY A 90 1.33 -8.37 0.42
N ILE A 91 0.28 -7.66 0.82
CA ILE A 91 -0.54 -6.94 -0.13
C ILE A 91 -0.42 -5.43 0.09
N VAL A 92 -0.25 -4.69 -1.00
CA VAL A 92 -0.12 -3.24 -0.92
C VAL A 92 -1.43 -2.54 -1.26
N SER A 93 -2.01 -1.85 -0.27
CA SER A 93 -3.27 -1.16 -0.48
C SER A 93 -3.10 0.34 -0.25
N GLN A 94 -3.82 1.14 -1.04
CA GLN A 94 -3.77 2.59 -0.92
C GLN A 94 -4.32 3.06 0.42
N VAL A 95 -3.47 3.03 1.43
CA VAL A 95 -3.84 3.45 2.78
C VAL A 95 -5.25 2.99 3.15
N LYS A 96 -5.34 1.82 3.79
CA LYS A 96 -6.62 1.27 4.19
C LYS A 96 -7.13 1.91 5.48
N VAL A 97 -6.28 2.72 6.12
CA VAL A 97 -6.66 3.39 7.36
C VAL A 97 -6.81 2.38 8.49
N PRO A 98 -5.90 2.40 9.48
CA PRO A 98 -5.94 1.47 10.62
C PRO A 98 -7.31 1.48 11.31
N LYS A 99 -7.45 0.67 12.35
CA LYS A 99 -8.69 0.58 13.09
C LYS A 99 -8.50 1.02 14.55
N LYS A 100 -7.36 0.63 15.13
CA LYS A 100 -7.06 0.98 16.50
C LYS A 100 -7.04 2.49 16.69
N ILE A 101 -7.77 2.97 17.70
CA ILE A 101 -7.84 4.39 17.99
C ILE A 101 -8.40 5.16 16.80
N SER A 102 -9.68 5.51 16.87
CA SER A 102 -10.33 6.24 15.80
C SER A 102 -11.20 7.37 16.35
N PHE A 103 -11.23 8.50 15.65
CA PHE A 103 -12.02 9.65 16.08
C PHE A 103 -13.35 9.71 15.34
N LYS A 104 -13.89 8.53 15.02
CA LYS A 104 -15.17 8.44 14.32
C LYS A 104 -16.23 7.80 15.20
N SER A 105 -17.46 8.32 15.12
CA SER A 105 -18.56 7.78 15.91
C SER A 105 -18.27 7.90 17.40
N LEU A 106 -19.26 7.60 18.22
CA LEU A 106 -19.11 7.66 19.67
C LEU A 106 -17.88 6.89 20.14
N PRO A 107 -17.13 7.44 21.11
CA PRO A 107 -15.92 6.80 21.64
C PRO A 107 -16.25 5.69 22.64
N ALA A 108 -15.90 4.45 22.28
CA ALA A 108 -16.16 3.31 23.15
C ALA A 108 -14.99 3.06 24.10
N SER A 109 -14.89 3.89 25.13
CA SER A 109 -13.82 3.77 26.11
C SER A 109 -14.37 3.81 27.53
N LEU A 110 -13.67 3.15 28.45
CA LEU A 110 -14.09 3.11 29.85
C LEU A 110 -12.88 3.21 30.78
N VAL A 111 -12.78 4.32 31.49
CA VAL A 111 -11.68 4.53 32.42
C VAL A 111 -12.19 4.97 33.78
N GLU A 112 -13.08 5.96 33.79
CA GLU A 112 -13.65 6.47 35.04
C GLU A 112 -15.16 6.57 34.94
N GLU A 1 -1.16 -1.98 -20.05
CA GLU A 1 0.14 -1.55 -19.48
C GLU A 1 0.05 -0.15 -18.88
N PHE A 2 -0.36 0.81 -19.71
CA PHE A 2 -0.49 2.19 -19.27
C PHE A 2 -1.93 2.67 -19.39
N GLY A 3 -2.43 3.30 -18.32
CA GLY A 3 -3.79 3.79 -18.33
C GLY A 3 -4.81 2.69 -18.54
N GLU A 4 -6.09 3.06 -18.59
CA GLU A 4 -7.16 2.10 -18.78
C GLU A 4 -7.44 1.88 -20.27
N GLU A 5 -6.73 0.91 -20.86
CA GLU A 5 -6.89 0.61 -22.28
C GLU A 5 -8.13 -0.25 -22.50
N MET A 6 -8.08 -1.49 -22.02
CA MET A 6 -9.20 -2.41 -22.18
C MET A 6 -9.43 -3.20 -20.90
N VAL A 7 -10.41 -4.11 -20.94
CA VAL A 7 -10.73 -4.94 -19.78
C VAL A 7 -11.22 -4.09 -18.62
N LEU A 8 -12.50 -4.24 -18.29
CA LEU A 8 -13.11 -3.49 -17.19
C LEU A 8 -14.35 -4.19 -16.66
N THR A 9 -14.78 -3.81 -15.47
CA THR A 9 -15.95 -4.42 -14.83
C THR A 9 -16.77 -3.36 -14.09
N ASP A 10 -16.72 -2.13 -14.59
CA ASP A 10 -17.46 -1.03 -13.97
C ASP A 10 -17.28 0.26 -14.76
N SER A 11 -18.03 1.29 -14.39
CA SER A 11 -17.96 2.57 -15.07
C SER A 11 -18.26 3.72 -14.11
N ASN A 12 -17.99 3.50 -12.83
CA ASN A 12 -18.24 4.52 -11.81
C ASN A 12 -17.77 4.03 -10.44
N GLY A 13 -17.60 4.97 -9.52
CA GLY A 13 -17.16 4.61 -8.18
C GLY A 13 -15.75 4.08 -8.14
N GLU A 14 -15.44 3.28 -7.12
CA GLU A 14 -14.12 2.69 -6.97
C GLU A 14 -13.05 3.78 -6.85
N GLN A 15 -11.95 3.44 -6.17
CA GLN A 15 -10.85 4.37 -5.98
C GLN A 15 -9.70 3.72 -5.21
N PRO A 16 -10.01 3.13 -4.04
CA PRO A 16 -9.00 2.47 -3.20
C PRO A 16 -8.44 1.21 -3.87
N LEU A 17 -7.45 1.40 -4.73
CA LEU A 17 -6.82 0.28 -5.42
C LEU A 17 -6.05 -0.60 -4.45
N SER A 18 -5.72 -1.82 -4.89
CA SER A 18 -4.99 -2.76 -4.06
C SER A 18 -4.13 -3.68 -4.91
N ALA A 19 -2.83 -3.70 -4.63
CA ALA A 19 -1.89 -4.55 -5.38
C ALA A 19 -1.28 -5.61 -4.47
N MET A 20 -0.57 -6.56 -5.08
CA MET A 20 0.07 -7.63 -4.33
C MET A 20 1.58 -7.51 -4.40
N VAL A 21 2.27 -8.23 -3.52
CA VAL A 21 3.73 -8.21 -3.48
C VAL A 21 4.31 -9.58 -3.84
N SER A 22 5.20 -9.60 -4.83
CA SER A 22 5.82 -10.84 -5.28
C SER A 22 7.28 -10.89 -4.86
N MET A 23 7.92 -9.73 -4.77
CA MET A 23 9.32 -9.65 -4.37
C MET A 23 9.67 -8.25 -3.88
N VAL A 24 10.38 -8.18 -2.76
CA VAL A 24 10.78 -6.90 -2.19
C VAL A 24 12.18 -6.98 -1.60
N THR A 25 12.90 -5.86 -1.60
CA THR A 25 14.25 -5.80 -1.06
C THR A 25 14.28 -5.04 0.26
N LYS A 26 15.18 -5.44 1.15
CA LYS A 26 15.31 -4.79 2.45
C LYS A 26 16.46 -3.79 2.44
N ASP A 27 16.27 -2.68 1.72
CA ASP A 27 17.30 -1.65 1.63
C ASP A 27 16.76 -0.31 2.15
N ASN A 28 17.41 0.78 1.75
CA ASN A 28 16.99 2.12 2.19
C ASN A 28 17.39 3.18 1.18
N PRO A 29 16.52 3.51 0.20
CA PRO A 29 15.20 2.87 0.07
C PRO A 29 15.28 1.49 -0.56
N GLY A 30 14.17 0.76 -0.53
CA GLY A 30 14.14 -0.57 -1.10
C GLY A 30 13.21 -0.65 -2.29
N VAL A 31 13.53 -1.54 -3.23
CA VAL A 31 12.71 -1.72 -4.42
C VAL A 31 11.81 -2.94 -4.29
N VAL A 32 10.57 -2.80 -4.75
CA VAL A 32 9.60 -3.89 -4.68
C VAL A 32 8.87 -4.07 -6.00
N THR A 33 8.32 -5.27 -6.20
CA THR A 33 7.58 -5.58 -7.42
C THR A 33 6.19 -6.08 -7.09
N CYS A 34 5.27 -6.02 -8.06
CA CYS A 34 3.91 -6.48 -7.85
C CYS A 34 3.71 -7.87 -8.42
N LEU A 35 2.58 -8.49 -8.07
CA LEU A 35 2.26 -9.83 -8.54
C LEU A 35 2.15 -9.84 -10.06
N ASP A 36 2.28 -11.03 -10.65
CA ASP A 36 2.18 -11.18 -12.11
C ASP A 36 0.87 -10.60 -12.63
N GLU A 37 -0.17 -10.65 -11.81
CA GLU A 37 -1.47 -10.12 -12.19
C GLU A 37 -1.89 -8.97 -11.28
N ALA A 38 -0.90 -8.21 -10.83
CA ALA A 38 -1.16 -7.06 -9.96
C ALA A 38 -1.67 -5.86 -10.76
N ARG A 39 -1.88 -4.75 -10.07
CA ARG A 39 -2.37 -3.53 -10.71
C ARG A 39 -1.74 -2.29 -10.08
N HIS A 40 -1.54 -1.26 -10.89
CA HIS A 40 -0.95 -0.02 -10.41
C HIS A 40 -2.03 1.00 -10.08
N GLY A 41 -1.81 1.76 -9.01
CA GLY A 41 -2.78 2.77 -8.60
C GLY A 41 -2.21 3.79 -7.64
N PHE A 42 -0.90 4.03 -7.76
CA PHE A 42 -0.22 5.00 -6.90
C PHE A 42 0.91 5.68 -7.64
N GLU A 43 0.94 7.01 -7.56
CA GLU A 43 1.98 7.79 -8.22
C GLU A 43 3.10 8.15 -7.26
N THR A 44 4.11 8.86 -7.76
CA THR A 44 5.24 9.27 -6.95
C THR A 44 4.79 10.17 -5.81
N GLY A 45 4.76 9.61 -4.59
CA GLY A 45 4.34 10.38 -3.44
C GLY A 45 3.17 9.74 -2.70
N ASP A 46 2.53 8.78 -3.34
CA ASP A 46 1.39 8.09 -2.72
C ASP A 46 1.84 7.26 -1.52
N PHE A 47 0.88 6.71 -0.79
CA PHE A 47 1.18 5.89 0.38
C PHE A 47 0.57 4.51 0.25
N VAL A 48 1.12 3.56 0.99
CA VAL A 48 0.62 2.19 0.95
C VAL A 48 0.94 1.44 2.25
N SER A 49 0.02 0.60 2.69
CA SER A 49 0.20 -0.16 3.91
C SER A 49 0.39 -1.65 3.58
N PHE A 50 0.84 -2.43 4.56
CA PHE A 50 1.06 -3.85 4.36
C PHE A 50 -0.11 -4.67 4.92
N SER A 51 -0.34 -5.84 4.33
CA SER A 51 -1.43 -6.71 4.77
C SER A 51 -0.89 -7.94 5.51
N GLU A 52 -0.78 -9.07 4.81
CA GLU A 52 -0.27 -10.30 5.42
C GLU A 52 1.13 -10.61 4.92
N VAL A 53 2.13 -10.06 5.58
CA VAL A 53 3.51 -10.30 5.20
C VAL A 53 4.18 -11.34 6.07
N GLN A 54 5.10 -12.09 5.48
CA GLN A 54 5.85 -13.12 6.20
C GLN A 54 7.30 -12.68 6.35
N GLY A 55 7.68 -12.33 7.57
CA GLY A 55 9.04 -11.88 7.82
C GLY A 55 9.10 -10.38 7.96
N MET A 56 8.69 -9.68 6.90
CA MET A 56 8.67 -8.22 6.90
C MET A 56 7.32 -7.71 7.36
N ILE A 57 6.90 -8.17 8.55
CA ILE A 57 5.61 -7.79 9.12
C ILE A 57 5.64 -6.41 9.77
N GLN A 58 6.79 -6.05 10.34
CA GLN A 58 6.96 -4.77 11.02
C GLN A 58 6.23 -3.64 10.29
N LEU A 59 6.20 -3.70 8.96
CA LEU A 59 5.52 -2.69 8.17
C LEU A 59 4.01 -2.75 8.40
N ASN A 60 3.45 -3.94 8.29
CA ASN A 60 2.02 -4.15 8.48
C ASN A 60 1.61 -3.69 9.88
N GLY A 61 2.48 -3.88 10.86
CA GLY A 61 2.18 -3.49 12.22
C GLY A 61 2.62 -2.08 12.52
N CYS A 62 2.35 -1.17 11.60
CA CYS A 62 2.72 0.24 11.76
C CYS A 62 1.97 1.12 10.76
N GLN A 63 1.94 2.41 11.03
CA GLN A 63 1.26 3.36 10.15
C GLN A 63 1.78 3.23 8.72
N PRO A 64 0.99 3.64 7.73
CA PRO A 64 1.38 3.57 6.31
C PRO A 64 2.61 4.43 6.02
N MET A 65 3.17 4.25 4.83
CA MET A 65 4.34 5.02 4.42
C MET A 65 4.18 5.55 3.01
N GLU A 66 5.24 6.20 2.50
CA GLU A 66 5.21 6.75 1.15
C GLU A 66 5.92 5.81 0.18
N ILE A 67 5.55 5.89 -1.10
CA ILE A 67 6.15 5.03 -2.11
C ILE A 67 6.77 5.83 -3.24
N LYS A 68 7.42 5.10 -4.13
CA LYS A 68 8.07 5.68 -5.29
C LYS A 68 7.91 4.73 -6.47
N VAL A 69 7.44 5.24 -7.59
CA VAL A 69 7.21 4.41 -8.76
C VAL A 69 8.37 4.49 -9.74
N LEU A 70 9.07 3.36 -9.87
CA LEU A 70 10.21 3.26 -10.76
C LEU A 70 9.78 2.79 -12.14
N GLY A 71 8.67 2.05 -12.18
CA GLY A 71 8.18 1.55 -13.45
C GLY A 71 6.75 1.02 -13.34
N PRO A 72 6.29 0.23 -14.34
CA PRO A 72 4.94 -0.33 -14.34
C PRO A 72 4.73 -1.30 -13.19
N TYR A 73 5.65 -2.24 -13.04
CA TYR A 73 5.57 -3.23 -11.96
C TYR A 73 6.72 -3.05 -10.96
N THR A 74 7.43 -1.93 -11.06
CA THR A 74 8.55 -1.64 -10.17
C THR A 74 8.28 -0.37 -9.37
N PHE A 75 8.79 -0.34 -8.14
CA PHE A 75 8.60 0.82 -7.27
C PHE A 75 9.31 0.62 -5.94
N SER A 76 9.60 1.72 -5.26
CA SER A 76 10.30 1.68 -3.97
C SER A 76 9.37 2.12 -2.84
N ILE A 77 9.84 1.92 -1.61
CA ILE A 77 9.06 2.31 -0.43
C ILE A 77 9.94 2.99 0.61
N CYS A 78 9.34 3.37 1.73
CA CYS A 78 10.07 4.05 2.80
C CYS A 78 11.28 3.23 3.24
N ASP A 79 12.01 3.73 4.23
CA ASP A 79 13.18 3.03 4.75
C ASP A 79 12.79 1.76 5.47
N THR A 80 13.12 0.62 4.86
CA THR A 80 12.80 -0.68 5.45
C THR A 80 14.06 -1.39 5.92
N SER A 81 15.04 -0.61 6.38
CA SER A 81 16.29 -1.16 6.87
C SER A 81 16.21 -1.51 8.36
N ASN A 82 15.27 -0.87 9.05
CA ASN A 82 15.08 -1.11 10.48
C ASN A 82 13.99 -2.16 10.72
N PHE A 83 13.94 -3.17 9.86
CA PHE A 83 12.93 -4.22 9.98
C PHE A 83 13.56 -5.58 9.71
N SER A 84 12.72 -6.61 9.62
CA SER A 84 13.20 -7.97 9.37
C SER A 84 13.29 -8.25 7.87
N ASP A 85 13.46 -9.51 7.52
CA ASP A 85 13.56 -9.91 6.12
C ASP A 85 12.20 -10.38 5.59
N TYR A 86 11.96 -10.09 4.31
CA TYR A 86 10.70 -10.48 3.68
C TYR A 86 10.80 -11.89 3.13
N ILE A 87 9.72 -12.67 3.29
CA ILE A 87 9.69 -14.04 2.81
C ILE A 87 8.50 -14.26 1.88
N ARG A 88 7.31 -14.26 2.44
CA ARG A 88 6.08 -14.46 1.66
C ARG A 88 4.98 -13.52 2.15
N GLY A 89 3.80 -13.61 1.55
CA GLY A 89 2.70 -12.76 1.95
C GLY A 89 3.04 -11.28 1.83
N GLY A 90 2.02 -10.45 1.79
CA GLY A 90 2.24 -9.02 1.69
C GLY A 90 1.46 -8.37 0.58
N ILE A 91 0.37 -7.71 0.94
CA ILE A 91 -0.47 -7.03 -0.04
C ILE A 91 -0.33 -5.52 0.12
N VAL A 92 -0.06 -4.83 -0.98
CA VAL A 92 0.10 -3.40 -0.96
C VAL A 92 -1.17 -2.67 -1.41
N SER A 93 -1.84 -2.04 -0.46
CA SER A 93 -3.08 -1.31 -0.75
C SER A 93 -2.84 0.19 -0.65
N GLN A 94 -3.85 0.97 -1.03
CA GLN A 94 -3.75 2.42 -0.96
C GLN A 94 -4.44 2.96 0.28
N VAL A 95 -3.63 3.31 1.28
CA VAL A 95 -4.15 3.84 2.52
C VAL A 95 -4.89 5.16 2.29
N LYS A 96 -4.36 5.99 1.40
CA LYS A 96 -4.97 7.28 1.08
C LYS A 96 -5.01 8.19 2.29
N VAL A 97 -3.88 8.31 2.98
CA VAL A 97 -3.79 9.17 4.15
C VAL A 97 -3.00 10.45 3.85
N PRO A 98 -3.70 11.50 3.37
CA PRO A 98 -3.06 12.78 3.04
C PRO A 98 -2.55 13.50 4.28
N LYS A 99 -3.40 13.60 5.30
CA LYS A 99 -3.04 14.26 6.54
C LYS A 99 -4.01 13.91 7.65
N LYS A 100 -3.96 12.65 8.11
CA LYS A 100 -4.85 12.19 9.17
C LYS A 100 -4.09 11.30 10.15
N ILE A 101 -4.78 10.86 11.19
CA ILE A 101 -4.18 10.00 12.20
C ILE A 101 -5.18 9.61 13.28
N SER A 102 -6.04 10.56 13.64
CA SER A 102 -7.06 10.33 14.66
C SER A 102 -7.90 9.11 14.34
N PHE A 103 -8.73 8.70 15.28
CA PHE A 103 -9.60 7.54 15.09
C PHE A 103 -11.00 7.96 14.66
N LYS A 104 -11.18 8.19 13.36
CA LYS A 104 -12.47 8.60 12.82
C LYS A 104 -13.19 7.42 12.18
N SER A 105 -14.16 6.87 12.88
CA SER A 105 -14.93 5.73 12.38
C SER A 105 -16.31 5.68 13.02
N LEU A 106 -17.00 4.55 12.85
CA LEU A 106 -18.33 4.37 13.41
C LEU A 106 -19.32 5.36 12.80
N PRO A 107 -19.58 5.25 11.48
CA PRO A 107 -20.51 6.13 10.78
C PRO A 107 -21.87 6.19 11.44
N ALA A 108 -22.42 5.02 11.75
CA ALA A 108 -23.73 4.93 12.40
C ALA A 108 -23.70 3.98 13.58
N SER A 109 -24.84 3.80 14.23
CA SER A 109 -24.94 2.92 15.38
C SER A 109 -26.38 2.41 15.56
N LEU A 110 -26.53 1.09 15.52
CA LEU A 110 -27.86 0.48 15.68
C LEU A 110 -28.23 0.37 17.16
N VAL A 111 -29.52 0.46 17.44
CA VAL A 111 -30.01 0.36 18.81
C VAL A 111 -30.90 -0.86 18.99
N GLU A 112 -30.62 -1.91 18.22
CA GLU A 112 -31.40 -3.14 18.30
C GLU A 112 -30.77 -4.24 17.45
N GLU A 1 -18.11 -13.34 -23.06
CA GLU A 1 -17.68 -13.24 -21.64
C GLU A 1 -16.16 -13.13 -21.53
N PHE A 2 -15.69 -12.00 -21.05
CA PHE A 2 -14.26 -11.77 -20.89
C PHE A 2 -13.83 -12.01 -19.45
N GLY A 3 -14.52 -12.92 -18.77
CA GLY A 3 -14.19 -13.25 -17.39
C GLY A 3 -14.69 -14.62 -16.97
N GLU A 4 -13.78 -15.44 -16.47
CA GLU A 4 -14.14 -16.78 -16.03
C GLU A 4 -14.25 -16.85 -14.51
N GLU A 5 -14.64 -15.73 -13.89
CA GLU A 5 -14.78 -15.67 -12.44
C GLU A 5 -16.18 -15.18 -12.06
N MET A 6 -16.38 -13.87 -12.11
CA MET A 6 -17.67 -13.26 -11.77
C MET A 6 -17.56 -11.74 -11.73
N VAL A 7 -16.83 -11.17 -12.69
CA VAL A 7 -16.67 -9.73 -12.75
C VAL A 7 -17.73 -9.09 -13.64
N LEU A 8 -18.65 -8.36 -13.01
CA LEU A 8 -19.72 -7.69 -13.74
C LEU A 8 -20.51 -6.77 -12.82
N THR A 9 -21.12 -7.35 -11.79
CA THR A 9 -21.90 -6.57 -10.84
C THR A 9 -21.16 -6.41 -9.51
N ASP A 10 -20.65 -5.21 -9.27
CA ASP A 10 -19.92 -4.92 -8.05
C ASP A 10 -20.42 -3.64 -7.39
N SER A 11 -21.01 -3.76 -6.21
CA SER A 11 -21.53 -2.60 -5.49
C SER A 11 -20.39 -1.75 -4.96
N ASN A 12 -19.33 -2.40 -4.49
CA ASN A 12 -18.18 -1.68 -3.95
C ASN A 12 -18.57 -0.84 -2.74
N GLY A 13 -17.61 -0.07 -2.23
CA GLY A 13 -17.88 0.78 -1.08
C GLY A 13 -16.61 1.37 -0.51
N GLU A 14 -16.15 2.48 -1.09
CA GLU A 14 -14.95 3.14 -0.62
C GLU A 14 -13.74 2.22 -0.73
N GLN A 15 -12.96 2.39 -1.80
CA GLN A 15 -11.78 1.57 -2.03
C GLN A 15 -11.03 2.02 -3.28
N PRO A 16 -10.04 2.90 -3.12
CA PRO A 16 -9.24 3.41 -4.25
C PRO A 16 -8.73 2.29 -5.15
N LEU A 17 -7.91 1.40 -4.59
CA LEU A 17 -7.36 0.29 -5.35
C LEU A 17 -6.61 -0.67 -4.43
N SER A 18 -6.01 -1.69 -5.03
CA SER A 18 -5.25 -2.69 -4.27
C SER A 18 -4.33 -3.48 -5.17
N ALA A 19 -3.13 -3.79 -4.67
CA ALA A 19 -2.15 -4.55 -5.44
C ALA A 19 -1.48 -5.61 -4.57
N MET A 20 -0.99 -6.67 -5.22
CA MET A 20 -0.31 -7.75 -4.50
C MET A 20 1.20 -7.62 -4.62
N VAL A 21 1.92 -8.21 -3.67
CA VAL A 21 3.37 -8.16 -3.67
C VAL A 21 3.96 -9.47 -4.21
N SER A 22 5.00 -9.36 -5.02
CA SER A 22 5.65 -10.53 -5.59
C SER A 22 7.04 -10.73 -5.00
N MET A 23 7.76 -9.63 -4.79
CA MET A 23 9.10 -9.69 -4.21
C MET A 23 9.59 -8.29 -3.84
N VAL A 24 10.25 -8.19 -2.69
CA VAL A 24 10.77 -6.91 -2.22
C VAL A 24 12.16 -7.08 -1.60
N THR A 25 12.97 -6.04 -1.68
CA THR A 25 14.32 -6.07 -1.13
C THR A 25 14.39 -5.34 0.21
N LYS A 26 15.26 -5.81 1.09
CA LYS A 26 15.43 -5.20 2.40
C LYS A 26 16.52 -4.13 2.37
N ASP A 27 16.15 -2.93 1.99
CA ASP A 27 17.11 -1.82 1.92
C ASP A 27 16.54 -0.57 2.59
N ASN A 28 17.02 0.60 2.19
CA ASN A 28 16.55 1.86 2.77
C ASN A 28 16.82 3.05 1.84
N PRO A 29 15.85 3.38 0.96
CA PRO A 29 14.57 2.68 0.85
C PRO A 29 14.72 1.33 0.16
N GLY A 30 13.67 0.52 0.22
CA GLY A 30 13.71 -0.78 -0.41
C GLY A 30 12.89 -0.83 -1.68
N VAL A 31 13.29 -1.70 -2.62
CA VAL A 31 12.59 -1.84 -3.88
C VAL A 31 11.66 -3.05 -3.86
N VAL A 32 10.43 -2.83 -4.30
CA VAL A 32 9.43 -3.90 -4.34
C VAL A 32 8.77 -4.00 -5.70
N THR A 33 8.21 -5.17 -6.00
CA THR A 33 7.54 -5.40 -7.28
C THR A 33 6.10 -5.86 -7.05
N CYS A 34 5.29 -5.80 -8.10
CA CYS A 34 3.89 -6.20 -8.01
C CYS A 34 3.70 -7.61 -8.57
N LEU A 35 2.53 -8.18 -8.33
CA LEU A 35 2.21 -9.52 -8.81
C LEU A 35 2.18 -9.56 -10.33
N ASP A 36 2.50 -10.72 -10.89
CA ASP A 36 2.51 -10.90 -12.35
C ASP A 36 1.14 -10.59 -12.94
N GLU A 37 0.09 -10.75 -12.14
CA GLU A 37 -1.27 -10.50 -12.60
C GLU A 37 -1.88 -9.33 -11.85
N ALA A 38 -1.04 -8.36 -11.46
CA ALA A 38 -1.51 -7.19 -10.72
C ALA A 38 -0.94 -5.91 -11.31
N ARG A 39 -1.64 -4.80 -11.08
CA ARG A 39 -1.20 -3.51 -11.59
C ARG A 39 -1.09 -2.49 -10.46
N HIS A 40 -0.30 -1.44 -10.69
CA HIS A 40 -0.12 -0.40 -9.69
C HIS A 40 -1.13 0.73 -9.88
N GLY A 41 -1.57 1.33 -8.78
CA GLY A 41 -2.53 2.41 -8.86
C GLY A 41 -2.19 3.56 -7.91
N PHE A 42 -0.91 3.90 -7.84
CA PHE A 42 -0.46 4.99 -6.97
C PHE A 42 0.57 5.86 -7.68
N GLU A 43 0.46 7.18 -7.50
CA GLU A 43 1.37 8.12 -8.12
C GLU A 43 2.58 8.36 -7.24
N THR A 44 3.57 9.07 -7.77
CA THR A 44 4.79 9.38 -7.04
C THR A 44 4.48 10.23 -5.81
N GLY A 45 4.46 9.58 -4.64
CA GLY A 45 4.17 10.30 -3.41
C GLY A 45 2.91 9.82 -2.73
N ASP A 46 2.24 8.83 -3.32
CA ASP A 46 1.01 8.28 -2.76
C ASP A 46 1.29 7.59 -1.43
N PHE A 47 0.31 6.82 -0.95
CA PHE A 47 0.47 6.11 0.31
C PHE A 47 -0.02 4.68 0.18
N VAL A 48 0.67 3.76 0.86
CA VAL A 48 0.30 2.35 0.81
C VAL A 48 0.67 1.63 2.10
N SER A 49 -0.19 0.71 2.51
CA SER A 49 0.03 -0.07 3.73
C SER A 49 0.19 -1.55 3.39
N PHE A 50 0.68 -2.32 4.35
CA PHE A 50 0.90 -3.75 4.14
C PHE A 50 -0.25 -4.57 4.76
N SER A 51 -0.54 -5.71 4.15
CA SER A 51 -1.62 -6.57 4.63
C SER A 51 -1.06 -7.74 5.45
N GLU A 52 -0.76 -8.86 4.80
CA GLU A 52 -0.21 -10.02 5.48
C GLU A 52 1.21 -10.29 5.05
N VAL A 53 2.17 -9.65 5.72
CA VAL A 53 3.58 -9.84 5.39
C VAL A 53 4.25 -10.82 6.34
N GLN A 54 5.23 -11.55 5.81
CA GLN A 54 5.98 -12.52 6.60
C GLN A 54 7.44 -12.10 6.70
N GLY A 55 7.86 -11.69 7.88
CA GLY A 55 9.22 -11.25 8.08
C GLY A 55 9.33 -9.74 8.12
N MET A 56 8.96 -9.10 7.02
CA MET A 56 8.98 -7.64 6.93
C MET A 56 7.64 -7.06 7.34
N ILE A 57 7.27 -7.31 8.60
CA ILE A 57 6.00 -6.85 9.15
C ILE A 57 6.06 -5.38 9.58
N GLN A 58 7.23 -4.94 10.02
CA GLN A 58 7.40 -3.57 10.50
C GLN A 58 6.62 -2.55 9.68
N LEU A 59 6.48 -2.80 8.39
CA LEU A 59 5.72 -1.90 7.52
C LEU A 59 4.24 -1.94 7.88
N ASN A 60 3.69 -3.13 7.92
CA ASN A 60 2.27 -3.32 8.25
C ASN A 60 1.99 -2.87 9.68
N GLY A 61 2.94 -3.10 10.58
CA GLY A 61 2.77 -2.72 11.96
C GLY A 61 3.29 -1.33 12.26
N CYS A 62 3.08 -0.40 11.34
CA CYS A 62 3.54 0.97 11.52
C CYS A 62 2.76 1.93 10.62
N GLN A 63 1.47 1.66 10.46
CA GLN A 63 0.62 2.50 9.62
C GLN A 63 1.16 2.56 8.20
N PRO A 64 0.38 3.12 7.26
CA PRO A 64 0.81 3.22 5.85
C PRO A 64 2.11 4.00 5.72
N MET A 65 2.43 4.44 4.51
CA MET A 65 3.66 5.18 4.27
C MET A 65 3.66 5.79 2.88
N GLU A 66 4.79 6.37 2.49
CA GLU A 66 4.91 6.99 1.17
C GLU A 66 5.63 6.06 0.21
N ILE A 67 5.20 6.06 -1.05
CA ILE A 67 5.80 5.18 -2.06
C ILE A 67 6.43 5.97 -3.19
N LYS A 68 7.05 5.22 -4.10
CA LYS A 68 7.68 5.78 -5.27
C LYS A 68 7.61 4.75 -6.39
N VAL A 69 7.15 5.17 -7.56
CA VAL A 69 7.00 4.25 -8.68
C VAL A 69 8.19 4.34 -9.63
N LEU A 70 8.96 3.27 -9.66
CA LEU A 70 10.14 3.17 -10.51
C LEU A 70 9.75 2.68 -11.90
N GLY A 71 8.69 1.89 -11.97
CA GLY A 71 8.23 1.38 -13.25
C GLY A 71 6.79 0.89 -13.20
N PRO A 72 6.34 0.16 -14.23
CA PRO A 72 4.96 -0.37 -14.28
C PRO A 72 4.68 -1.32 -13.12
N TYR A 73 5.64 -2.21 -12.85
CA TYR A 73 5.50 -3.18 -11.76
C TYR A 73 6.57 -2.97 -10.70
N THR A 74 7.50 -2.04 -10.96
CA THR A 74 8.57 -1.74 -10.02
C THR A 74 8.26 -0.49 -9.21
N PHE A 75 8.74 -0.46 -7.98
CA PHE A 75 8.51 0.68 -7.09
C PHE A 75 9.21 0.46 -5.75
N SER A 76 9.39 1.53 -4.99
CA SER A 76 10.06 1.44 -3.69
C SER A 76 9.08 1.74 -2.55
N ILE A 77 9.51 1.44 -1.33
CA ILE A 77 8.69 1.66 -0.15
C ILE A 77 9.53 2.23 0.99
N CYS A 78 8.92 2.36 2.17
CA CYS A 78 9.62 2.90 3.33
C CYS A 78 10.94 2.16 3.57
N ASP A 79 11.66 2.57 4.62
CA ASP A 79 12.94 1.94 4.95
C ASP A 79 12.75 0.85 6.00
N THR A 80 13.49 -0.24 5.84
CA THR A 80 13.41 -1.36 6.77
C THR A 80 14.74 -2.12 6.82
N SER A 81 15.84 -1.37 6.79
CA SER A 81 17.17 -1.96 6.83
C SER A 81 17.51 -2.48 8.23
N ASN A 82 16.65 -2.19 9.20
CA ASN A 82 16.88 -2.64 10.57
C ASN A 82 15.91 -3.75 10.96
N PHE A 83 15.11 -4.22 10.01
CA PHE A 83 14.15 -5.29 10.28
C PHE A 83 14.56 -6.58 9.58
N SER A 84 13.60 -7.47 9.36
CA SER A 84 13.87 -8.74 8.71
C SER A 84 13.56 -8.68 7.21
N ASP A 85 14.20 -9.56 6.45
CA ASP A 85 13.99 -9.60 5.01
C ASP A 85 12.64 -10.22 4.68
N TYR A 86 12.07 -9.82 3.54
CA TYR A 86 10.77 -10.33 3.11
C TYR A 86 10.81 -11.85 2.95
N ILE A 87 9.91 -12.53 3.64
CA ILE A 87 9.83 -13.99 3.58
C ILE A 87 8.69 -14.44 2.69
N ARG A 88 7.52 -13.86 2.90
CA ARG A 88 6.33 -14.19 2.13
C ARG A 88 5.16 -13.30 2.54
N GLY A 89 4.03 -13.44 1.84
CA GLY A 89 2.87 -12.62 2.17
C GLY A 89 3.15 -11.15 2.03
N GLY A 90 2.11 -10.35 1.88
CA GLY A 90 2.27 -8.92 1.75
C GLY A 90 1.50 -8.35 0.60
N ILE A 91 0.54 -7.49 0.90
CA ILE A 91 -0.28 -6.85 -0.11
C ILE A 91 -0.25 -5.33 0.03
N VAL A 92 0.05 -4.64 -1.06
CA VAL A 92 0.13 -3.20 -1.04
C VAL A 92 -1.15 -2.57 -1.61
N SER A 93 -1.84 -1.79 -0.78
CA SER A 93 -3.08 -1.15 -1.21
C SER A 93 -3.05 0.35 -0.88
N GLN A 94 -4.01 1.08 -1.44
CA GLN A 94 -4.11 2.52 -1.21
C GLN A 94 -4.46 2.82 0.24
N VAL A 95 -3.44 2.86 1.09
CA VAL A 95 -3.61 3.15 2.50
C VAL A 95 -4.62 2.20 3.15
N LYS A 96 -4.67 2.21 4.47
CA LYS A 96 -5.59 1.35 5.21
C LYS A 96 -6.98 1.98 5.29
N VAL A 97 -7.02 3.30 5.39
CA VAL A 97 -8.28 4.02 5.47
C VAL A 97 -9.04 3.66 6.75
N PRO A 98 -9.52 4.68 7.50
CA PRO A 98 -10.25 4.45 8.75
C PRO A 98 -11.65 3.90 8.50
N LYS A 99 -12.47 3.89 9.56
CA LYS A 99 -13.83 3.38 9.46
C LYS A 99 -13.84 1.91 9.06
N LYS A 100 -13.70 1.02 10.04
CA LYS A 100 -13.70 -0.40 9.78
C LYS A 100 -13.85 -1.19 11.08
N ILE A 101 -14.35 -2.42 10.97
CA ILE A 101 -14.56 -3.28 12.13
C ILE A 101 -13.70 -4.53 12.05
N SER A 102 -13.36 -5.08 13.21
CA SER A 102 -12.55 -6.29 13.27
C SER A 102 -13.29 -7.42 13.97
N PHE A 103 -14.59 -7.50 13.73
CA PHE A 103 -15.42 -8.53 14.35
C PHE A 103 -15.41 -8.40 15.86
N LYS A 104 -16.33 -9.10 16.52
CA LYS A 104 -16.43 -9.08 17.97
C LYS A 104 -15.14 -9.58 18.62
N SER A 105 -14.89 -9.14 19.85
CA SER A 105 -13.69 -9.55 20.57
C SER A 105 -13.94 -9.57 22.07
N LEU A 106 -14.30 -10.73 22.59
CA LEU A 106 -14.57 -10.88 24.02
C LEU A 106 -13.96 -12.18 24.56
N PRO A 107 -12.87 -12.07 25.34
CA PRO A 107 -12.19 -13.24 25.91
C PRO A 107 -13.04 -13.94 26.98
N ALA A 108 -13.64 -13.13 27.85
CA ALA A 108 -14.48 -13.67 28.92
C ALA A 108 -15.95 -13.38 28.65
N SER A 109 -16.83 -14.14 29.31
CA SER A 109 -18.27 -13.96 29.15
C SER A 109 -18.75 -12.70 29.85
N LEU A 110 -18.53 -11.55 29.21
CA LEU A 110 -18.94 -10.28 29.78
C LEU A 110 -20.37 -9.93 29.39
N VAL A 111 -20.73 -10.24 28.15
CA VAL A 111 -22.07 -9.97 27.64
C VAL A 111 -22.25 -10.49 26.23
N GLU A 112 -23.47 -10.89 25.89
CA GLU A 112 -23.77 -11.41 24.56
C GLU A 112 -24.70 -10.46 23.80
N GLU A 1 0.71 5.57 -26.77
CA GLU A 1 -0.30 6.59 -26.38
C GLU A 1 0.05 7.21 -25.02
N PHE A 2 0.71 8.36 -25.07
CA PHE A 2 1.10 9.06 -23.85
C PHE A 2 0.04 10.07 -23.43
N GLY A 3 -0.83 9.66 -22.52
CA GLY A 3 -1.89 10.54 -22.05
C GLY A 3 -2.42 10.13 -20.69
N GLU A 4 -2.49 11.10 -19.77
CA GLU A 4 -2.97 10.83 -18.42
C GLU A 4 -4.40 11.35 -18.25
N GLU A 5 -4.74 12.39 -19.01
CA GLU A 5 -6.07 12.99 -18.94
C GLU A 5 -7.15 12.00 -19.39
N MET A 6 -7.54 11.11 -18.48
CA MET A 6 -8.55 10.11 -18.79
C MET A 6 -9.14 9.52 -17.50
N VAL A 7 -8.27 9.03 -16.64
CA VAL A 7 -8.69 8.44 -15.38
C VAL A 7 -8.40 9.37 -14.20
N LEU A 8 -7.34 10.17 -14.34
CA LEU A 8 -6.96 11.10 -13.30
C LEU A 8 -7.26 12.54 -13.72
N THR A 9 -8.29 12.70 -14.54
CA THR A 9 -8.68 14.02 -15.02
C THR A 9 -9.77 14.62 -14.13
N ASP A 10 -10.70 13.79 -13.69
CA ASP A 10 -11.79 14.23 -12.83
C ASP A 10 -12.12 13.18 -11.78
N SER A 11 -12.79 12.11 -12.21
CA SER A 11 -13.18 11.03 -11.31
C SER A 11 -14.09 11.55 -10.20
N ASN A 12 -14.79 10.63 -9.54
CA ASN A 12 -15.70 11.00 -8.47
C ASN A 12 -16.29 9.75 -7.81
N GLY A 13 -15.48 8.71 -7.67
CA GLY A 13 -15.93 7.48 -7.06
C GLY A 13 -15.51 7.35 -5.60
N GLU A 14 -15.14 6.14 -5.21
CA GLU A 14 -14.71 5.89 -3.84
C GLU A 14 -14.05 4.52 -3.71
N GLN A 15 -13.81 4.09 -2.48
CA GLN A 15 -13.18 2.80 -2.24
C GLN A 15 -11.79 2.74 -2.86
N PRO A 16 -10.73 2.97 -2.05
CA PRO A 16 -9.35 2.95 -2.54
C PRO A 16 -9.04 1.69 -3.36
N LEU A 17 -7.83 1.64 -3.91
CA LEU A 17 -7.41 0.49 -4.71
C LEU A 17 -6.59 -0.49 -3.87
N SER A 18 -6.00 -1.47 -4.54
CA SER A 18 -5.19 -2.47 -3.86
C SER A 18 -4.37 -3.28 -4.88
N ALA A 19 -3.25 -3.85 -4.41
CA ALA A 19 -2.39 -4.64 -5.27
C ALA A 19 -1.69 -5.74 -4.48
N MET A 20 -1.09 -6.69 -5.19
CA MET A 20 -0.39 -7.79 -4.55
C MET A 20 1.11 -7.64 -4.70
N VAL A 21 1.86 -8.10 -3.70
CA VAL A 21 3.32 -8.02 -3.72
C VAL A 21 3.94 -9.38 -3.99
N SER A 22 4.99 -9.40 -4.81
CA SER A 22 5.67 -10.64 -5.15
C SER A 22 7.02 -10.73 -4.45
N MET A 23 7.65 -9.58 -4.23
CA MET A 23 8.95 -9.53 -3.57
C MET A 23 9.32 -8.11 -3.17
N VAL A 24 10.30 -7.98 -2.29
CA VAL A 24 10.75 -6.67 -1.84
C VAL A 24 12.12 -6.75 -1.18
N THR A 25 13.10 -6.05 -1.76
CA THR A 25 14.45 -6.05 -1.24
C THR A 25 14.56 -5.17 0.00
N LYS A 26 15.32 -5.62 0.99
CA LYS A 26 15.49 -4.86 2.23
C LYS A 26 16.70 -3.93 2.12
N ASP A 27 16.57 -2.92 1.28
CA ASP A 27 17.64 -1.95 1.08
C ASP A 27 17.31 -0.61 1.73
N ASN A 28 17.77 0.49 1.15
CA ASN A 28 17.50 1.82 1.71
C ASN A 28 17.70 2.91 0.66
N PRO A 29 16.65 3.25 -0.11
CA PRO A 29 15.34 2.62 0.02
C PRO A 29 15.30 1.23 -0.61
N GLY A 30 14.22 0.50 -0.36
CA GLY A 30 14.10 -0.83 -0.92
C GLY A 30 13.20 -0.87 -2.14
N VAL A 31 13.50 -1.76 -3.07
CA VAL A 31 12.73 -1.88 -4.29
C VAL A 31 11.74 -3.05 -4.20
N VAL A 32 10.45 -2.74 -4.30
CA VAL A 32 9.42 -3.76 -4.23
C VAL A 32 8.75 -3.95 -5.58
N THR A 33 8.19 -5.14 -5.79
CA THR A 33 7.51 -5.46 -7.04
C THR A 33 6.12 -6.02 -6.76
N CYS A 34 5.27 -6.00 -7.78
CA CYS A 34 3.90 -6.51 -7.63
C CYS A 34 3.79 -7.91 -8.21
N LEU A 35 2.65 -8.55 -7.95
CA LEU A 35 2.41 -9.91 -8.44
C LEU A 35 2.45 -9.94 -9.96
N ASP A 36 2.62 -11.13 -10.52
CA ASP A 36 2.68 -11.31 -11.97
C ASP A 36 1.44 -10.72 -12.64
N GLU A 37 0.30 -10.78 -11.94
CA GLU A 37 -0.94 -10.24 -12.47
C GLU A 37 -1.48 -9.14 -11.59
N ALA A 38 -0.58 -8.39 -10.96
CA ALA A 38 -0.96 -7.30 -10.07
C ALA A 38 -1.25 -6.03 -10.86
N ARG A 39 -1.52 -4.94 -10.14
CA ARG A 39 -1.82 -3.66 -10.78
C ARG A 39 -1.30 -2.51 -9.93
N HIS A 40 -0.67 -1.53 -10.59
CA HIS A 40 -0.14 -0.37 -9.90
C HIS A 40 -1.01 0.86 -10.14
N GLY A 41 -1.26 1.64 -9.09
CA GLY A 41 -2.07 2.83 -9.23
C GLY A 41 -1.67 3.92 -8.25
N PHE A 42 -0.42 3.92 -7.82
CA PHE A 42 0.08 4.91 -6.88
C PHE A 42 1.14 5.80 -7.53
N GLU A 43 1.07 7.09 -7.26
CA GLU A 43 2.01 8.04 -7.82
C GLU A 43 3.23 8.20 -6.92
N THR A 44 4.29 8.79 -7.46
CA THR A 44 5.52 8.99 -6.71
C THR A 44 5.26 9.85 -5.48
N GLY A 45 4.88 9.22 -4.38
CA GLY A 45 4.61 9.94 -3.15
C GLY A 45 3.37 9.43 -2.44
N ASP A 46 2.57 8.61 -3.11
CA ASP A 46 1.36 8.06 -2.53
C ASP A 46 1.67 7.29 -1.25
N PHE A 47 0.65 6.72 -0.63
CA PHE A 47 0.82 5.97 0.60
C PHE A 47 0.23 4.56 0.46
N VAL A 48 0.86 3.60 1.13
CA VAL A 48 0.41 2.21 1.08
C VAL A 48 0.71 1.49 2.39
N SER A 49 -0.17 0.55 2.75
CA SER A 49 0.00 -0.23 3.97
C SER A 49 0.22 -1.70 3.65
N PHE A 50 0.63 -2.47 4.66
CA PHE A 50 0.89 -3.89 4.48
C PHE A 50 -0.29 -4.73 4.97
N SER A 51 -0.53 -5.85 4.31
CA SER A 51 -1.63 -6.74 4.68
C SER A 51 -1.10 -8.04 5.30
N GLU A 52 -0.84 -9.04 4.46
CA GLU A 52 -0.32 -10.32 4.94
C GLU A 52 1.13 -10.51 4.50
N VAL A 53 2.07 -10.00 5.28
CA VAL A 53 3.47 -10.13 4.93
C VAL A 53 4.21 -11.10 5.85
N GLN A 54 5.01 -11.97 5.26
CA GLN A 54 5.79 -12.95 6.02
C GLN A 54 7.22 -12.46 6.17
N GLY A 55 7.62 -12.17 7.40
CA GLY A 55 8.95 -11.68 7.65
C GLY A 55 8.97 -10.18 7.88
N MET A 56 8.49 -9.43 6.88
CA MET A 56 8.44 -7.98 6.97
C MET A 56 7.09 -7.54 7.54
N ILE A 57 6.80 -7.98 8.76
CA ILE A 57 5.56 -7.66 9.44
C ILE A 57 5.59 -6.26 10.06
N GLN A 58 6.76 -5.84 10.51
CA GLN A 58 6.94 -4.54 11.16
C GLN A 58 6.11 -3.45 10.46
N LEU A 59 5.98 -3.55 9.15
CA LEU A 59 5.20 -2.58 8.38
C LEU A 59 3.71 -2.85 8.54
N ASN A 60 3.33 -4.11 8.44
CA ASN A 60 1.93 -4.51 8.57
C ASN A 60 1.38 -4.12 9.93
N GLY A 61 2.23 -4.18 10.95
CA GLY A 61 1.81 -3.84 12.29
C GLY A 61 2.13 -2.40 12.64
N CYS A 62 1.87 -1.50 11.69
CA CYS A 62 2.14 -0.08 11.90
C CYS A 62 1.44 0.75 10.83
N GLN A 63 1.46 2.07 11.02
CA GLN A 63 0.82 2.99 10.07
C GLN A 63 1.42 2.80 8.67
N PRO A 64 0.79 3.38 7.64
CA PRO A 64 1.27 3.26 6.26
C PRO A 64 2.60 3.97 6.05
N MET A 65 2.98 4.16 4.80
CA MET A 65 4.23 4.84 4.48
C MET A 65 4.17 5.44 3.07
N GLU A 66 5.28 6.01 2.61
CA GLU A 66 5.34 6.62 1.30
C GLU A 66 5.99 5.67 0.29
N ILE A 67 5.56 5.76 -0.96
CA ILE A 67 6.09 4.90 -2.00
C ILE A 67 6.75 5.69 -3.13
N LYS A 68 7.38 4.96 -4.03
CA LYS A 68 8.04 5.53 -5.18
C LYS A 68 7.86 4.59 -6.37
N VAL A 69 7.37 5.12 -7.48
CA VAL A 69 7.14 4.31 -8.66
C VAL A 69 8.29 4.40 -9.65
N LEU A 70 8.97 3.26 -9.82
CA LEU A 70 10.10 3.17 -10.73
C LEU A 70 9.64 2.72 -12.11
N GLY A 71 8.56 1.96 -12.15
CA GLY A 71 8.04 1.47 -13.42
C GLY A 71 6.62 0.95 -13.30
N PRO A 72 6.16 0.17 -14.30
CA PRO A 72 4.80 -0.40 -14.29
C PRO A 72 4.59 -1.38 -13.15
N TYR A 73 5.52 -2.31 -13.01
CA TYR A 73 5.46 -3.31 -11.95
C TYR A 73 6.61 -3.15 -10.96
N THR A 74 7.33 -2.03 -11.06
CA THR A 74 8.45 -1.75 -10.17
C THR A 74 8.20 -0.48 -9.36
N PHE A 75 8.73 -0.46 -8.15
CA PHE A 75 8.57 0.69 -7.26
C PHE A 75 9.34 0.48 -5.95
N SER A 76 9.58 1.58 -5.24
CA SER A 76 10.31 1.52 -3.98
C SER A 76 9.50 2.12 -2.84
N ILE A 77 9.99 1.94 -1.62
CA ILE A 77 9.32 2.45 -0.44
C ILE A 77 10.31 3.15 0.49
N CYS A 78 9.81 3.65 1.61
CA CYS A 78 10.66 4.34 2.59
C CYS A 78 11.81 3.45 3.04
N ASP A 79 12.53 3.88 4.07
CA ASP A 79 13.65 3.13 4.61
C ASP A 79 13.22 1.71 5.00
N THR A 80 14.00 0.73 4.58
CA THR A 80 13.70 -0.67 4.89
C THR A 80 14.87 -1.35 5.60
N SER A 81 15.88 -0.57 5.96
CA SER A 81 17.05 -1.12 6.66
C SER A 81 16.83 -1.18 8.17
N ASN A 82 15.61 -0.85 8.61
CA ASN A 82 15.29 -0.87 10.03
C ASN A 82 14.29 -2.00 10.36
N PHE A 83 13.54 -2.41 9.35
CA PHE A 83 12.54 -3.47 9.53
C PHE A 83 13.19 -4.84 9.37
N SER A 84 12.35 -5.88 9.32
CA SER A 84 12.84 -7.25 9.17
C SER A 84 12.99 -7.62 7.71
N ASP A 85 13.34 -8.88 7.45
CA ASP A 85 13.51 -9.36 6.08
C ASP A 85 12.21 -9.94 5.54
N TYR A 86 11.90 -9.61 4.29
CA TYR A 86 10.69 -10.09 3.64
C TYR A 86 10.85 -11.54 3.19
N ILE A 87 9.76 -12.31 3.24
CA ILE A 87 9.79 -13.70 2.84
C ILE A 87 8.74 -13.99 1.76
N ARG A 88 7.47 -13.91 2.15
CA ARG A 88 6.37 -14.15 1.23
C ARG A 88 5.12 -13.41 1.68
N GLY A 89 4.06 -13.49 0.87
CA GLY A 89 2.83 -12.81 1.22
C GLY A 89 3.02 -11.31 1.34
N GLY A 90 1.93 -10.56 1.20
CA GLY A 90 2.02 -9.12 1.32
C GLY A 90 1.21 -8.40 0.27
N ILE A 91 0.12 -7.79 0.70
CA ILE A 91 -0.75 -7.04 -0.20
C ILE A 91 -0.58 -5.54 0.03
N VAL A 92 -0.39 -4.80 -1.05
CA VAL A 92 -0.22 -3.35 -0.96
C VAL A 92 -1.50 -2.61 -1.29
N SER A 93 -2.10 -2.00 -0.27
CA SER A 93 -3.34 -1.26 -0.44
C SER A 93 -3.11 0.23 -0.23
N GLN A 94 -3.97 1.06 -0.81
CA GLN A 94 -3.85 2.51 -0.68
C GLN A 94 -4.62 3.02 0.53
N VAL A 95 -3.89 3.43 1.55
CA VAL A 95 -4.50 3.95 2.77
C VAL A 95 -5.39 5.16 2.47
N LYS A 96 -6.20 5.55 3.43
CA LYS A 96 -7.10 6.69 3.27
C LYS A 96 -7.37 7.37 4.60
N VAL A 97 -8.15 6.71 5.45
CA VAL A 97 -8.48 7.26 6.77
C VAL A 97 -8.50 6.16 7.83
N PRO A 98 -7.39 6.00 8.56
CA PRO A 98 -7.29 4.98 9.62
C PRO A 98 -8.17 5.29 10.82
N LYS A 99 -9.16 4.44 11.06
CA LYS A 99 -10.07 4.62 12.18
C LYS A 99 -10.62 3.28 12.67
N LYS A 100 -9.79 2.24 12.57
CA LYS A 100 -10.17 0.91 13.00
C LYS A 100 -9.19 0.36 14.04
N ILE A 101 -9.65 0.27 15.28
CA ILE A 101 -8.81 -0.22 16.36
C ILE A 101 -8.86 -1.74 16.45
N SER A 102 -10.03 -2.27 16.83
CA SER A 102 -10.22 -3.70 16.95
C SER A 102 -11.63 -4.04 17.40
N PHE A 103 -12.03 -5.30 17.21
CA PHE A 103 -13.36 -5.75 17.61
C PHE A 103 -14.45 -5.02 16.81
N LYS A 104 -14.74 -3.79 17.22
CA LYS A 104 -15.76 -2.99 16.54
C LYS A 104 -15.15 -1.74 15.90
N SER A 105 -14.70 -1.88 14.66
CA SER A 105 -14.09 -0.78 13.93
C SER A 105 -15.11 -0.09 13.03
N LEU A 106 -16.02 -0.89 12.45
CA LEU A 106 -17.06 -0.36 11.58
C LEU A 106 -18.35 -1.17 11.69
N PRO A 107 -18.32 -2.48 11.40
CA PRO A 107 -19.51 -3.34 11.48
C PRO A 107 -20.02 -3.45 12.91
N ALA A 108 -20.72 -2.41 13.37
CA ALA A 108 -21.27 -2.39 14.72
C ALA A 108 -22.09 -1.12 14.96
N SER A 109 -21.38 0.00 15.12
CA SER A 109 -22.05 1.29 15.35
C SER A 109 -23.06 1.19 16.49
N LEU A 110 -22.59 1.35 17.72
CA LEU A 110 -23.46 1.28 18.89
C LEU A 110 -22.77 1.87 20.12
N VAL A 111 -22.98 3.17 20.34
CA VAL A 111 -22.37 3.86 21.48
C VAL A 111 -20.85 3.83 21.39
N GLU A 112 -20.22 4.76 22.09
CA GLU A 112 -18.76 4.85 22.10
C GLU A 112 -18.14 3.58 22.66
#